data_2FD0
# 
_entry.id   2FD0 
# 
_audit_conform.dict_name       mmcif_pdbx.dic 
_audit_conform.dict_version    5.377 
_audit_conform.dict_location   http://mmcif.pdb.org/dictionaries/ascii/mmcif_pdbx.dic 
# 
loop_
_database_2.database_id 
_database_2.database_code 
_database_2.pdbx_database_accession 
_database_2.pdbx_DOI 
PDB   2FD0         pdb_00002fd0 10.2210/pdb2fd0/pdb 
NDB   DR0026       ?            ?                   
RCSB  RCSB035731   ?            ?                   
WWPDB D_1000035731 ?            ?                   
# 
loop_
_pdbx_database_related.db_name 
_pdbx_database_related.db_id 
_pdbx_database_related.details 
_pdbx_database_related.content_type 
PDB 2FCX 'HIV-1 DIS kissing-loop in complex with Neamine'      unspecified 
PDB 2FCY 'HIV-1 DIS kissing-loop in complex with Neomycin'     unspecified 
PDB 2FCZ 'HIV-1 DIS kissing-loop in complex with Ribostamycin' unspecified 
# 
_pdbx_database_status.status_code                     REL 
_pdbx_database_status.entry_id                        2FD0 
_pdbx_database_status.recvd_initial_deposition_date   2005-12-13 
_pdbx_database_status.deposit_site                    RCSB 
_pdbx_database_status.process_site                    RCSB 
_pdbx_database_status.status_code_sf                  REL 
_pdbx_database_status.status_code_mr                  ? 
_pdbx_database_status.SG_entry                        ? 
_pdbx_database_status.pdb_format_compatible           Y 
_pdbx_database_status.status_code_cs                  ? 
_pdbx_database_status.status_code_nmr_data            ? 
_pdbx_database_status.methods_development_category    ? 
# 
loop_
_audit_author.name 
_audit_author.pdbx_ordinal 
'Ennifar, E.'    1 
'Paillart, J.C.' 2 
'Marquet, R.'    3 
'Dumas, P.'      4 
# 
_citation.id                        primary 
_citation.title                     
'Targeting the dimerization initiation site of HIV-1 RNA with aminoglycosides: from crystal to cell.' 
_citation.journal_abbrev            'Nucleic Acids Res.' 
_citation.journal_volume            34 
_citation.page_first                2328 
_citation.page_last                 2339 
_citation.year                      2006 
_citation.journal_id_ASTM           NARHAD 
_citation.country                   UK 
_citation.journal_id_ISSN           0305-1048 
_citation.journal_id_CSD            0389 
_citation.book_publisher            ? 
_citation.pdbx_database_id_PubMed   16679451 
_citation.pdbx_database_id_DOI      10.1093/nar/gkl317 
# 
loop_
_citation_author.citation_id 
_citation_author.name 
_citation_author.ordinal 
_citation_author.identifier_ORCID 
primary 'Ennifar, E.'     1 ? 
primary 'Paillart, J.C.'  2 ? 
primary 'Bodlenner, A.'   3 ? 
primary 'Walter, P.'      4 ? 
primary 'Weibel, J.-M.'   5 ? 
primary 'Aubertin, A.-M.' 6 ? 
primary 'Pale, P.'        7 ? 
primary 'Dumas, P.'       8 ? 
primary 'Marquet, R.'     9 ? 
# 
_cell.entry_id           2FD0 
_cell.length_a           27.137 
_cell.length_b           115.335 
_cell.length_c           95.254 
_cell.angle_alpha        90.00 
_cell.angle_beta         90.00 
_cell.angle_gamma        90.00 
_cell.Z_PDB              16 
_cell.pdbx_unique_axis   ? 
_cell.length_a_esd       ? 
_cell.length_b_esd       ? 
_cell.length_c_esd       ? 
_cell.angle_alpha_esd    ? 
_cell.angle_beta_esd     ? 
_cell.angle_gamma_esd    ? 
# 
_symmetry.entry_id                         2FD0 
_symmetry.space_group_name_H-M             'C 2 2 21' 
_symmetry.pdbx_full_space_group_name_H-M   ? 
_symmetry.cell_setting                     ? 
_symmetry.Int_Tables_number                20 
_symmetry.space_group_name_Hall            ? 
# 
loop_
_entity.id 
_entity.type 
_entity.src_method 
_entity.pdbx_description 
_entity.formula_weight 
_entity.pdbx_number_of_molecules 
_entity.pdbx_ec 
_entity.pdbx_mutation 
_entity.pdbx_fragment 
_entity.details 
1 polymer     syn 'HIV-1 DIS RNA' 7465.368 2  ? ? ? ? 
2 non-polymer syn 
;(2R,3S,4S,5S,6R)-2-((2S,3S,4R,5R,6R)-5-AMINO-2-(AMINOMETHYL)-6-((2R,3S,4R,5S)-5-((1R,2R,3S,5R,6S)-3,5-DIAMINO-2-((2S,3R ,5S,6R)-3-AMINO-5-HYDROXY-6-(HYDROXYMETHYL)-TETRAHYDRO-2H-PYRAN-2-YLOXY)-6-HYDROXYCYCLOHEXYLOXY)-4-HYDROXY-2-(HYDROXYMET HYL)-TETRAHYDROFURAN-3-YLOXY)-4-HYDROXY-TETRAHYDRO-2H-PYRAN-3-YLOXY)-6-(HYDROXYMETHYL)-TETRAHYDRO-2H-PYRAN-3,4,5-TRIOL
;
761.770  2  ? ? ? ? 
3 non-polymer syn 'POTASSIUM ION' 39.098   4  ? ? ? ? 
4 non-polymer syn 'CHLORIDE ION' 35.453   1  ? ? ? ? 
5 water       nat water 18.015   90 ? ? ? ? 
# 
_entity_poly.entity_id                      1 
_entity_poly.type                           polyribonucleotide 
_entity_poly.nstd_linkage                   no 
_entity_poly.nstd_monomer                   yes 
_entity_poly.pdbx_seq_one_letter_code       'CU(5BU)GCUGAAGUGCACACAGCAAG' 
_entity_poly.pdbx_seq_one_letter_code_can   CUUGCUGAAGUGCACACAGCAAG 
_entity_poly.pdbx_strand_id                 A,B 
_entity_poly.pdbx_target_identifier         ? 
# 
loop_
_entity_poly_seq.entity_id 
_entity_poly_seq.num 
_entity_poly_seq.mon_id 
_entity_poly_seq.hetero 
1 1  C   n 
1 2  U   n 
1 3  5BU n 
1 4  G   n 
1 5  C   n 
1 6  U   n 
1 7  G   n 
1 8  A   n 
1 9  A   n 
1 10 G   n 
1 11 U   n 
1 12 G   n 
1 13 C   n 
1 14 A   n 
1 15 C   n 
1 16 A   n 
1 17 C   n 
1 18 A   n 
1 19 G   n 
1 20 C   n 
1 21 A   n 
1 22 A   n 
1 23 G   n 
# 
_pdbx_entity_src_syn.entity_id              1 
_pdbx_entity_src_syn.pdbx_src_id            1 
_pdbx_entity_src_syn.pdbx_alt_source_flag   sample 
_pdbx_entity_src_syn.pdbx_beg_seq_num       ? 
_pdbx_entity_src_syn.pdbx_end_seq_num       ? 
_pdbx_entity_src_syn.organism_scientific    ? 
_pdbx_entity_src_syn.organism_common_name   ? 
_pdbx_entity_src_syn.ncbi_taxonomy_id       ? 
_pdbx_entity_src_syn.details                'This sequence occurs naturally in subtype F HIV-1' 
# 
_struct_ref.id                         1 
_struct_ref.entity_id                  1 
_struct_ref.db_name                    PDB 
_struct_ref.db_code                    2FD0 
_struct_ref.pdbx_db_accession          2FD0 
_struct_ref.pdbx_db_isoform            ? 
_struct_ref.pdbx_seq_one_letter_code   ? 
_struct_ref.pdbx_align_begin           ? 
# 
loop_
_struct_ref_seq.align_id 
_struct_ref_seq.ref_id 
_struct_ref_seq.pdbx_PDB_id_code 
_struct_ref_seq.pdbx_strand_id 
_struct_ref_seq.seq_align_beg 
_struct_ref_seq.pdbx_seq_align_beg_ins_code 
_struct_ref_seq.seq_align_end 
_struct_ref_seq.pdbx_seq_align_end_ins_code 
_struct_ref_seq.pdbx_db_accession 
_struct_ref_seq.db_align_beg 
_struct_ref_seq.pdbx_db_align_beg_ins_code 
_struct_ref_seq.db_align_end 
_struct_ref_seq.pdbx_db_align_end_ins_code 
_struct_ref_seq.pdbx_auth_seq_align_beg 
_struct_ref_seq.pdbx_auth_seq_align_end 
1 1 2FD0 A 1 ? 23 ? 2FD0 1 ? 23 ? 1 23 
2 1 2FD0 B 1 ? 23 ? 2FD0 1 ? 23 ? 1 23 
# 
loop_
_chem_comp.id 
_chem_comp.type 
_chem_comp.mon_nstd_flag 
_chem_comp.name 
_chem_comp.pdbx_synonyms 
_chem_comp.formula 
_chem_comp.formula_weight 
5BU 'RNA linking' n "5-BROMO-URIDINE-5'-MONOPHOSPHATE" ? 'C9 H12 Br N2 O9 P' 403.077 
A   'RNA linking' y "ADENOSINE-5'-MONOPHOSPHATE" ? 'C10 H14 N5 O7 P'   347.221 
C   'RNA linking' y "CYTIDINE-5'-MONOPHOSPHATE" ? 'C9 H14 N3 O8 P'    323.197 
CL  non-polymer   . 'CHLORIDE ION' ? 'Cl -1'             35.453  
G   'RNA linking' y "GUANOSINE-5'-MONOPHOSPHATE" ? 'C10 H14 N5 O8 P'   363.221 
HOH non-polymer   . WATER ? 'H2 O'              18.015  
K   non-polymer   . 'POTASSIUM ION' ? 'K 1'               39.098  
LIV non-polymer   . 
;(2R,3S,4S,5S,6R)-2-((2S,3S,4R,5R,6R)-5-AMINO-2-(AMINOMETHYL)-6-((2R,3S,4R,5S)-5-((1R,2R,3S,5R,6S)-3,5-DIAMINO-2-((2S,3R ,5S,6R)-3-AMINO-5-HYDROXY-6-(HYDROXYMETHYL)-TETRAHYDRO-2H-PYRAN-2-YLOXY)-6-HYDROXYCYCLOHEXYLOXY)-4-HYDROXY-2-(HYDROXYMET HYL)-TETRAHYDROFURAN-3-YLOXY)-4-HYDROXY-TETRAHYDRO-2H-PYRAN-3-YLOXY)-6-(HYDROXYMETHYL)-TETRAHYDRO-2H-PYRAN-3,4,5-TRIOL
;
;LIVIDOMYCIN A; O-2-AMINO-2,3-DIDEOXY-ALPHA-D-GLUCOPYRANOSYL-(1,4)-O-[BETA-D-MANNOPYRANOSYL-(1,4)-O-2,6-DIAMINO-2,6-DIDEOXY-BETA-L-IDOPY RANOSYL-(1,3)-BETA-D-RIBOFURANOSYL-(1,5)-2-DEOXY-D-STREPTAMINE
;
'C29 H55 N5 O18'    761.770 
U   'RNA linking' y "URIDINE-5'-MONOPHOSPHATE" ? 'C9 H13 N2 O9 P'    324.181 
# 
_exptl.entry_id          2FD0 
_exptl.method            'X-RAY DIFFRACTION' 
_exptl.crystals_number   ? 
# 
_exptl_crystal.id                    1 
_exptl_crystal.density_meas          ? 
_exptl_crystal.density_Matthews      2.50 
_exptl_crystal.density_percent_sol   50.72 
_exptl_crystal.description           ? 
_exptl_crystal.F_000                 ? 
_exptl_crystal.preparation           ? 
# 
_exptl_crystal_grow.crystal_id      1 
_exptl_crystal_grow.method          'VAPOR DIFFUSION, SITTING DROP' 
_exptl_crystal_grow.temp            310 
_exptl_crystal_grow.temp_details    ? 
_exptl_crystal_grow.pH              7.0 
_exptl_crystal_grow.pdbx_details    'MPD, KCl, MgCl2, Na Cacodylate pH 7.0, VAPOR DIFFUSION, SITTING DROP, temperature 310K' 
_exptl_crystal_grow.pdbx_pH_range   . 
# 
_diffrn.id                     1 
_diffrn.ambient_temp           100 
_diffrn.ambient_temp_details   ? 
_diffrn.crystal_id             1 
# 
_diffrn_detector.diffrn_id              1 
_diffrn_detector.detector               CCD 
_diffrn_detector.type                   MARRESEARCH 
_diffrn_detector.pdbx_collection_date   2005-11-10 
_diffrn_detector.details                ? 
# 
_diffrn_radiation.diffrn_id                        1 
_diffrn_radiation.wavelength_id                    1 
_diffrn_radiation.pdbx_monochromatic_or_laue_m_l   M 
_diffrn_radiation.monochromator                    ? 
_diffrn_radiation.pdbx_diffrn_protocol             'SINGLE WAVELENGTH' 
_diffrn_radiation.pdbx_scattering_type             x-ray 
# 
_diffrn_radiation_wavelength.id           1 
_diffrn_radiation_wavelength.wavelength   0.91946 
_diffrn_radiation_wavelength.wt           1.0 
# 
_diffrn_source.diffrn_id                   1 
_diffrn_source.source                      SYNCHROTRON 
_diffrn_source.type                        'SLS BEAMLINE X06SA' 
_diffrn_source.pdbx_synchrotron_site       SLS 
_diffrn_source.pdbx_synchrotron_beamline   X06SA 
_diffrn_source.pdbx_wavelength             ? 
_diffrn_source.pdbx_wavelength_list        0.91946 
# 
_reflns.entry_id                     2FD0 
_reflns.observed_criterion_sigma_I   0 
_reflns.observed_criterion_sigma_F   0 
_reflns.d_resolution_low             40 
_reflns.d_resolution_high            1.8 
_reflns.number_obs                   26564 
_reflns.number_all                   ? 
_reflns.percent_possible_obs         99.3 
_reflns.pdbx_Rmerge_I_obs            ? 
_reflns.pdbx_Rsym_value              0.061 
_reflns.pdbx_netI_over_sigmaI        26.4 
_reflns.B_iso_Wilson_estimate        33.8 
_reflns.pdbx_redundancy              6.3 
_reflns.R_free_details               ? 
_reflns.pdbx_chi_squared             ? 
_reflns.pdbx_scaling_rejects         ? 
_reflns.pdbx_diffrn_id               1 
_reflns.pdbx_ordinal                 1 
# 
_reflns_shell.d_res_high             1.8 
_reflns_shell.d_res_low              ? 
_reflns_shell.percent_possible_all   98.7 
_reflns_shell.Rmerge_I_obs           ? 
_reflns_shell.pdbx_Rsym_value        0.273 
_reflns_shell.meanI_over_sigI_obs    3.5 
_reflns_shell.pdbx_redundancy        ? 
_reflns_shell.percent_possible_obs   ? 
_reflns_shell.number_unique_all      ? 
_reflns_shell.number_measured_all    ? 
_reflns_shell.number_measured_obs    ? 
_reflns_shell.number_unique_obs      ? 
_reflns_shell.pdbx_chi_squared       ? 
_reflns_shell.pdbx_diffrn_id         ? 
_reflns_shell.pdbx_ordinal           1 
# 
_refine.entry_id                                 2FD0 
_refine.ls_number_reflns_obs                     26457 
_refine.ls_number_reflns_all                     ? 
_refine.pdbx_ls_sigma_I                          ? 
_refine.pdbx_ls_sigma_F                          0.0 
_refine.pdbx_data_cutoff_high_absF               1031896.48 
_refine.pdbx_data_cutoff_low_absF                0.000000 
_refine.pdbx_data_cutoff_high_rms_absF           1031896.48 
_refine.ls_d_res_low                             9.94 
_refine.ls_d_res_high                            1.80 
_refine.ls_percent_reflns_obs                    99.3 
_refine.ls_R_factor_obs                          0.245 
_refine.ls_R_factor_all                          ? 
_refine.ls_R_factor_R_work                       0.245 
_refine.ls_R_factor_R_free                       0.245 
_refine.ls_R_factor_R_free_error                 0.006 
_refine.ls_R_factor_R_free_error_details         ? 
_refine.ls_percent_reflns_R_free                 5.8 
_refine.ls_number_reflns_R_free                  1542 
_refine.ls_number_parameters                     ? 
_refine.ls_number_restraints                     ? 
_refine.occupancy_min                            ? 
_refine.occupancy_max                            ? 
_refine.correlation_coeff_Fo_to_Fc               ? 
_refine.correlation_coeff_Fo_to_Fc_free          ? 
_refine.B_iso_mean                               41.3 
_refine.aniso_B[1][1]                            0.11 
_refine.aniso_B[2][2]                            2.32 
_refine.aniso_B[3][3]                            -2.43 
_refine.aniso_B[1][2]                            0.00 
_refine.aniso_B[1][3]                            0.00 
_refine.aniso_B[2][3]                            0.00 
_refine.solvent_model_details                    'FLAT MODEL' 
_refine.solvent_model_param_ksol                 0.4016 
_refine.solvent_model_param_bsol                 49.2637 
_refine.pdbx_solvent_vdw_probe_radii             ? 
_refine.pdbx_solvent_ion_probe_radii             ? 
_refine.pdbx_solvent_shrinkage_radii             ? 
_refine.pdbx_ls_cross_valid_method               THROUGHOUT 
_refine.details                                  ? 
_refine.pdbx_starting_model                      2FCY 
_refine.pdbx_method_to_determine_struct          'MOLECULAR REPLACEMENT' 
_refine.pdbx_isotropic_thermal_model             RESTRAINED 
_refine.pdbx_stereochemistry_target_values       ? 
_refine.pdbx_stereochem_target_val_spec_case     ? 
_refine.pdbx_R_Free_selection_details            RANDOM 
_refine.pdbx_overall_ESU_R                       ? 
_refine.pdbx_overall_ESU_R_Free                  ? 
_refine.overall_SU_ML                            ? 
_refine.overall_SU_B                             ? 
_refine.ls_redundancy_reflns_obs                 ? 
_refine.overall_SU_R_Cruickshank_DPI             ? 
_refine.overall_SU_R_free                        ? 
_refine.ls_wR_factor_R_free                      ? 
_refine.ls_wR_factor_R_work                      ? 
_refine.overall_FOM_free_R_set                   ? 
_refine.overall_FOM_work_R_set                   ? 
_refine.pdbx_refine_id                           'X-RAY DIFFRACTION' 
_refine.pdbx_diffrn_id                           1 
_refine.pdbx_TLS_residual_ADP_flag               ? 
_refine.pdbx_overall_phase_error                 ? 
_refine.pdbx_overall_SU_R_free_Cruickshank_DPI   ? 
_refine.pdbx_overall_SU_R_Blow_DPI               ? 
_refine.pdbx_overall_SU_R_free_Blow_DPI          ? 
# 
_refine_analyze.entry_id                        2FD0 
_refine_analyze.Luzzati_coordinate_error_obs    0.30 
_refine_analyze.Luzzati_sigma_a_obs             0.29 
_refine_analyze.Luzzati_d_res_low_obs           5.00 
_refine_analyze.Luzzati_coordinate_error_free   0.30 
_refine_analyze.Luzzati_sigma_a_free            0.28 
_refine_analyze.Luzzati_d_res_low_free          ? 
_refine_analyze.number_disordered_residues      ? 
_refine_analyze.occupancy_sum_hydrogen          ? 
_refine_analyze.occupancy_sum_non_hydrogen      ? 
_refine_analyze.pdbx_refine_id                  'X-RAY DIFFRACTION' 
# 
_refine_hist.pdbx_refine_id                   'X-RAY DIFFRACTION' 
_refine_hist.cycle_id                         LAST 
_refine_hist.pdbx_number_atoms_protein        0 
_refine_hist.pdbx_number_atoms_nucleic_acid   980 
_refine_hist.pdbx_number_atoms_ligand         109 
_refine_hist.number_atoms_solvent             90 
_refine_hist.number_atoms_total               1179 
_refine_hist.d_res_high                       1.80 
_refine_hist.d_res_low                        9.94 
# 
loop_
_refine_ls_restr.type 
_refine_ls_restr.dev_ideal 
_refine_ls_restr.dev_ideal_target 
_refine_ls_restr.weight 
_refine_ls_restr.number 
_refine_ls_restr.pdbx_refine_id 
_refine_ls_restr.pdbx_restraint_function 
c_bond_d                0.006 ? ? ? 'X-RAY DIFFRACTION' ? 
c_bond_d_na             ?     ? ? ? 'X-RAY DIFFRACTION' ? 
c_bond_d_prot           ?     ? ? ? 'X-RAY DIFFRACTION' ? 
c_angle_d               ?     ? ? ? 'X-RAY DIFFRACTION' ? 
c_angle_d_na            ?     ? ? ? 'X-RAY DIFFRACTION' ? 
c_angle_d_prot          ?     ? ? ? 'X-RAY DIFFRACTION' ? 
c_angle_deg             1.2   ? ? ? 'X-RAY DIFFRACTION' ? 
c_angle_deg_na          ?     ? ? ? 'X-RAY DIFFRACTION' ? 
c_angle_deg_prot        ?     ? ? ? 'X-RAY DIFFRACTION' ? 
c_dihedral_angle_d      8.5   ? ? ? 'X-RAY DIFFRACTION' ? 
c_dihedral_angle_d_na   ?     ? ? ? 'X-RAY DIFFRACTION' ? 
c_dihedral_angle_d_prot ?     ? ? ? 'X-RAY DIFFRACTION' ? 
c_improper_angle_d      1.40  ? ? ? 'X-RAY DIFFRACTION' ? 
c_improper_angle_d_na   ?     ? ? ? 'X-RAY DIFFRACTION' ? 
c_improper_angle_d_prot ?     ? ? ? 'X-RAY DIFFRACTION' ? 
c_mcbond_it             ?     ? ? ? 'X-RAY DIFFRACTION' ? 
c_mcangle_it            ?     ? ? ? 'X-RAY DIFFRACTION' ? 
c_scbond_it             ?     ? ? ? 'X-RAY DIFFRACTION' ? 
c_scangle_it            ?     ? ? ? 'X-RAY DIFFRACTION' ? 
# 
_refine_ls_shell.pdbx_total_number_of_bins_used   6 
_refine_ls_shell.d_res_high                       1.80 
_refine_ls_shell.d_res_low                        1.91 
_refine_ls_shell.number_reflns_R_work             4233 
_refine_ls_shell.R_factor_R_work                  0.357 
_refine_ls_shell.percent_reflns_obs               98.3 
_refine_ls_shell.R_factor_R_free                  0.391 
_refine_ls_shell.R_factor_R_free_error            0.040 
_refine_ls_shell.percent_reflns_R_free            2.2 
_refine_ls_shell.number_reflns_R_free             97 
_refine_ls_shell.number_reflns_all                ? 
_refine_ls_shell.R_factor_all                     ? 
_refine_ls_shell.number_reflns_obs                ? 
_refine_ls_shell.redundancy_reflns_obs            ? 
_refine_ls_shell.pdbx_refine_id                   'X-RAY DIFFRACTION' 
# 
loop_
_pdbx_xplor_file.serial_no 
_pdbx_xplor_file.param_file 
_pdbx_xplor_file.topol_file 
_pdbx_xplor_file.pdbx_refine_id 
1 water_rep.param   water.top       'X-RAY DIFFRACTION' 
2 luc.param         dna-rna.top     'X-RAY DIFFRACTION' 
3 ion.param         ion.top         'X-RAY DIFFRACTION' 
4 bru_rep.param     bru.top         'X-RAY DIFFRACTION' 
5 lividomycin.param lividomycin.top 'X-RAY DIFFRACTION' 
# 
_struct.entry_id                  2FD0 
_struct.title                     'HIV-1 DIS kissing-loop in complex with lividomycin' 
_struct.pdbx_model_details        ? 
_struct.pdbx_CASP_flag            ? 
_struct.pdbx_model_type_details   ? 
# 
_struct_keywords.entry_id        2FD0 
_struct_keywords.pdbx_keywords   RNA 
_struct_keywords.text            'HIV-1, RNA, aminoglycoside, antibiotics' 
# 
loop_
_struct_asym.id 
_struct_asym.pdbx_blank_PDB_chainid_flag 
_struct_asym.pdbx_modified 
_struct_asym.entity_id 
_struct_asym.details 
A N N 1 ? 
B N N 1 ? 
C N N 2 ? 
D N N 3 ? 
E N N 3 ? 
F N N 2 ? 
G N N 3 ? 
H N N 4 ? 
I N N 3 ? 
J N N 5 ? 
K N N 5 ? 
# 
loop_
_struct_conn.id 
_struct_conn.conn_type_id 
_struct_conn.pdbx_leaving_atom_flag 
_struct_conn.pdbx_PDB_id 
_struct_conn.ptnr1_label_asym_id 
_struct_conn.ptnr1_label_comp_id 
_struct_conn.ptnr1_label_seq_id 
_struct_conn.ptnr1_label_atom_id 
_struct_conn.pdbx_ptnr1_label_alt_id 
_struct_conn.pdbx_ptnr1_PDB_ins_code 
_struct_conn.pdbx_ptnr1_standard_comp_id 
_struct_conn.ptnr1_symmetry 
_struct_conn.ptnr2_label_asym_id 
_struct_conn.ptnr2_label_comp_id 
_struct_conn.ptnr2_label_seq_id 
_struct_conn.ptnr2_label_atom_id 
_struct_conn.pdbx_ptnr2_label_alt_id 
_struct_conn.pdbx_ptnr2_PDB_ins_code 
_struct_conn.ptnr1_auth_asym_id 
_struct_conn.ptnr1_auth_comp_id 
_struct_conn.ptnr1_auth_seq_id 
_struct_conn.ptnr2_auth_asym_id 
_struct_conn.ptnr2_auth_comp_id 
_struct_conn.ptnr2_auth_seq_id 
_struct_conn.ptnr2_symmetry 
_struct_conn.pdbx_ptnr3_label_atom_id 
_struct_conn.pdbx_ptnr3_label_seq_id 
_struct_conn.pdbx_ptnr3_label_comp_id 
_struct_conn.pdbx_ptnr3_label_asym_id 
_struct_conn.pdbx_ptnr3_label_alt_id 
_struct_conn.pdbx_ptnr3_PDB_ins_code 
_struct_conn.details 
_struct_conn.pdbx_dist_value 
_struct_conn.pdbx_value_order 
_struct_conn.pdbx_role 
covale1  covale both ? A U   2  "O3'" ? ? ? 1_555 A 5BU 3  P  ? ? A U   2    A 5BU 3    1_555 ? ? ? ? ? ? ?            1.612 ? ? 
covale2  covale both ? A 5BU 3  "O3'" ? ? ? 1_555 A G   4  P  ? ? A 5BU 3    A G   4    1_555 ? ? ? ? ? ? ?            1.610 ? ? 
covale3  covale both ? B U   2  "O3'" ? ? ? 1_555 B 5BU 3  P  ? ? B U   2    B 5BU 3    1_555 ? ? ? ? ? ? ?            1.606 ? ? 
covale4  covale both ? B 5BU 3  "O3'" ? ? ? 1_555 B G   4  P  ? ? B 5BU 3    B G   4    1_555 ? ? ? ? ? ? ?            1.608 ? ? 
metalc1  metalc ?    ? A 5BU 3  O4    ? ? ? 1_555 D K   .  K  ? ? A 5BU 3    A K   1002 1_555 ? ? ? ? ? ? ?            3.005 ? ? 
metalc2  metalc ?    ? A G   4  O6    ? ? ? 1_555 D K   .  K  ? ? A G   4    A K   1002 1_555 ? ? ? ? ? ? ?            2.574 ? ? 
metalc3  metalc ?    ? A G   23 O6    ? ? ? 1_555 E K   .  K  ? ? A G   23   A K   44   1_555 ? ? ? ? ? ? ?            2.840 ? ? 
metalc4  metalc ?    ? E K   .  K     ? ? ? 1_555 H CL  .  CL ? ? A K   44   B CL  66   5_555 ? ? ? ? ? ? ?            3.169 ? ? 
metalc5  metalc ?    ? D K   .  K     ? ? ? 1_555 J HOH .  O  ? ? A K   1002 A HOH 1024 1_555 ? ? ? ? ? ? ?            2.560 ? ? 
metalc6  metalc ?    ? D K   .  K     ? ? ? 1_555 J HOH .  O  ? ? A K   1002 A HOH 1042 1_555 ? ? ? ? ? ? ?            2.722 ? ? 
metalc7  metalc ?    ? B 5BU 3  OP1   ? ? ? 1_555 I K   .  K  ? ? B 5BU 3    B K   90   1_555 ? ? ? ? ? ? ?            2.847 ? ? 
metalc8  metalc ?    ? B 5BU 3  OP1   ? ? ? 4_545 I K   .  K  ? ? B 5BU 3    B K   90   1_555 ? ? ? ? ? ? ?            2.929 ? ? 
metalc9  metalc ?    ? B 5BU 3  O4    ? ? ? 1_555 G K   .  K  ? ? B 5BU 3    B K   2002 1_555 ? ? ? ? ? ? ?            2.822 ? ? 
metalc10 metalc ?    ? B G   4  O6    ? ? ? 1_555 G K   .  K  ? ? B G   4    B K   2002 1_555 ? ? ? ? ? ? ?            2.517 ? ? 
metalc11 metalc ?    ? I K   .  K     ? ? ? 1_555 K HOH .  O  ? ? B K   90   B HOH 2008 1_555 ? ? ? ? ? ? ?            3.506 ? ? 
metalc12 metalc ?    ? I K   .  K     ? ? ? 1_555 K HOH .  O  ? ? B K   90   B HOH 2008 4_545 ? ? ? ? ? ? ?            3.520 ? ? 
metalc13 metalc ?    ? I K   .  K     ? ? ? 1_555 K HOH .  O  ? ? B K   90   B HOH 2021 1_555 ? ? ? ? ? ? ?            2.612 ? ? 
metalc14 metalc ?    ? I K   .  K     ? ? ? 1_555 K HOH .  O  ? ? B K   90   B HOH 2021 4_545 ? ? ? ? ? ? ?            2.593 ? ? 
metalc15 metalc ?    ? I K   .  K     ? ? ? 1_555 K HOH .  O  ? ? B K   90   B HOH 2032 1_555 ? ? ? ? ? ? ?            3.661 ? ? 
metalc16 metalc ?    ? I K   .  K     ? ? ? 1_555 K HOH .  O  ? ? B K   90   B HOH 2032 4_545 ? ? ? ? ? ? ?            3.662 ? ? 
metalc17 metalc ?    ? G K   .  K     ? ? ? 1_555 K HOH .  O  ? ? B K   2002 B HOH 2028 1_555 ? ? ? ? ? ? ?            2.557 ? ? 
metalc18 metalc ?    ? G K   .  K     ? ? ? 1_555 K HOH .  O  ? ? B K   2002 B HOH 2033 1_555 ? ? ? ? ? ? ?            2.530 ? ? 
hydrog1  hydrog ?    ? A C   1  N3    ? ? ? 1_555 A G   23 N1 ? ? A C   1    A G   23   1_555 ? ? ? ? ? ? WATSON-CRICK ?     ? ? 
hydrog2  hydrog ?    ? A C   1  N4    ? ? ? 1_555 A G   23 O6 ? ? A C   1    A G   23   1_555 ? ? ? ? ? ? WATSON-CRICK ?     ? ? 
hydrog3  hydrog ?    ? A C   1  O2    ? ? ? 1_555 A G   23 N2 ? ? A C   1    A G   23   1_555 ? ? ? ? ? ? WATSON-CRICK ?     ? ? 
hydrog4  hydrog ?    ? A U   2  N3    ? ? ? 1_555 A A   22 N1 ? ? A U   2    A A   22   1_555 ? ? ? ? ? ? WATSON-CRICK ?     ? ? 
hydrog5  hydrog ?    ? A U   2  O4    ? ? ? 1_555 A A   22 N6 ? ? A U   2    A A   22   1_555 ? ? ? ? ? ? WATSON-CRICK ?     ? ? 
hydrog6  hydrog ?    ? A 5BU 3  N3    ? ? ? 1_555 A A   21 N1 ? ? A 5BU 3    A A   21   1_555 ? ? ? ? ? ? WATSON-CRICK ?     ? ? 
hydrog7  hydrog ?    ? A 5BU 3  O4    ? ? ? 1_555 A A   21 N6 ? ? A 5BU 3    A A   21   1_555 ? ? ? ? ? ? WATSON-CRICK ?     ? ? 
hydrog8  hydrog ?    ? A G   4  N1    ? ? ? 1_555 A C   20 N3 ? ? A G   4    A C   20   1_555 ? ? ? ? ? ? WATSON-CRICK ?     ? ? 
hydrog9  hydrog ?    ? A G   4  N2    ? ? ? 1_555 A C   20 O2 ? ? A G   4    A C   20   1_555 ? ? ? ? ? ? WATSON-CRICK ?     ? ? 
hydrog10 hydrog ?    ? A G   4  O6    ? ? ? 1_555 A C   20 N4 ? ? A G   4    A C   20   1_555 ? ? ? ? ? ? WATSON-CRICK ?     ? ? 
hydrog11 hydrog ?    ? A C   5  N3    ? ? ? 1_555 A G   19 N1 ? ? A C   5    A G   19   1_555 ? ? ? ? ? ? WATSON-CRICK ?     ? ? 
hydrog12 hydrog ?    ? A C   5  N4    ? ? ? 1_555 A G   19 O6 ? ? A C   5    A G   19   1_555 ? ? ? ? ? ? WATSON-CRICK ?     ? ? 
hydrog13 hydrog ?    ? A C   5  O2    ? ? ? 1_555 A G   19 N2 ? ? A C   5    A G   19   1_555 ? ? ? ? ? ? WATSON-CRICK ?     ? ? 
hydrog14 hydrog ?    ? A U   6  N3    ? ? ? 1_555 A A   18 N1 ? ? A U   6    A A   18   1_555 ? ? ? ? ? ? WATSON-CRICK ?     ? ? 
hydrog15 hydrog ?    ? A U   6  O4    ? ? ? 1_555 A A   18 N6 ? ? A U   6    A A   18   1_555 ? ? ? ? ? ? WATSON-CRICK ?     ? ? 
hydrog16 hydrog ?    ? A G   7  N1    ? ? ? 1_555 A C   17 N3 ? ? A G   7    A C   17   1_555 ? ? ? ? ? ? WATSON-CRICK ?     ? ? 
hydrog17 hydrog ?    ? A G   7  N2    ? ? ? 1_555 A C   17 O2 ? ? A G   7    A C   17   1_555 ? ? ? ? ? ? WATSON-CRICK ?     ? ? 
hydrog18 hydrog ?    ? A G   7  O6    ? ? ? 1_555 A C   17 N4 ? ? A G   7    A C   17   1_555 ? ? ? ? ? ? WATSON-CRICK ?     ? ? 
hydrog19 hydrog ?    ? A G   10 N1    ? ? ? 1_555 B C   15 N3 ? ? A G   10   B C   15   1_555 ? ? ? ? ? ? WATSON-CRICK ?     ? ? 
hydrog20 hydrog ?    ? A G   10 N2    ? ? ? 1_555 B C   15 O2 ? ? A G   10   B C   15   1_555 ? ? ? ? ? ? WATSON-CRICK ?     ? ? 
hydrog21 hydrog ?    ? A G   10 O6    ? ? ? 1_555 B C   15 N4 ? ? A G   10   B C   15   1_555 ? ? ? ? ? ? WATSON-CRICK ?     ? ? 
hydrog22 hydrog ?    ? A U   11 N3    ? ? ? 1_555 B A   14 N1 ? ? A U   11   B A   14   1_555 ? ? ? ? ? ? WATSON-CRICK ?     ? ? 
hydrog23 hydrog ?    ? A U   11 O4    ? ? ? 1_555 B A   14 N6 ? ? A U   11   B A   14   1_555 ? ? ? ? ? ? WATSON-CRICK ?     ? ? 
hydrog24 hydrog ?    ? A G   12 N1    ? ? ? 1_555 B C   13 N3 ? ? A G   12   B C   13   1_555 ? ? ? ? ? ? WATSON-CRICK ?     ? ? 
hydrog25 hydrog ?    ? A G   12 N2    ? ? ? 1_555 B C   13 O2 ? ? A G   12   B C   13   1_555 ? ? ? ? ? ? WATSON-CRICK ?     ? ? 
hydrog26 hydrog ?    ? A G   12 O6    ? ? ? 1_555 B C   13 N4 ? ? A G   12   B C   13   1_555 ? ? ? ? ? ? WATSON-CRICK ?     ? ? 
hydrog27 hydrog ?    ? A C   13 N3    ? ? ? 1_555 B G   12 N1 ? ? A C   13   B G   12   1_555 ? ? ? ? ? ? WATSON-CRICK ?     ? ? 
hydrog28 hydrog ?    ? A C   13 N4    ? ? ? 1_555 B G   12 O6 ? ? A C   13   B G   12   1_555 ? ? ? ? ? ? WATSON-CRICK ?     ? ? 
hydrog29 hydrog ?    ? A C   13 O2    ? ? ? 1_555 B G   12 N2 ? ? A C   13   B G   12   1_555 ? ? ? ? ? ? WATSON-CRICK ?     ? ? 
hydrog30 hydrog ?    ? A A   14 N1    ? ? ? 1_555 B U   11 N3 ? ? A A   14   B U   11   1_555 ? ? ? ? ? ? WATSON-CRICK ?     ? ? 
hydrog31 hydrog ?    ? A A   14 N6    ? ? ? 1_555 B U   11 O4 ? ? A A   14   B U   11   1_555 ? ? ? ? ? ? WATSON-CRICK ?     ? ? 
hydrog32 hydrog ?    ? A C   15 N3    ? ? ? 1_555 B G   10 N1 ? ? A C   15   B G   10   1_555 ? ? ? ? ? ? WATSON-CRICK ?     ? ? 
hydrog33 hydrog ?    ? A C   15 N4    ? ? ? 1_555 B G   10 O6 ? ? A C   15   B G   10   1_555 ? ? ? ? ? ? WATSON-CRICK ?     ? ? 
hydrog34 hydrog ?    ? A C   15 O2    ? ? ? 1_555 B G   10 N2 ? ? A C   15   B G   10   1_555 ? ? ? ? ? ? WATSON-CRICK ?     ? ? 
hydrog35 hydrog ?    ? B C   1  N3    ? ? ? 1_555 B G   23 N1 ? ? B C   1    B G   23   1_555 ? ? ? ? ? ? WATSON-CRICK ?     ? ? 
hydrog36 hydrog ?    ? B C   1  N4    ? ? ? 1_555 B G   23 O6 ? ? B C   1    B G   23   1_555 ? ? ? ? ? ? WATSON-CRICK ?     ? ? 
hydrog37 hydrog ?    ? B C   1  O2    ? ? ? 1_555 B G   23 N2 ? ? B C   1    B G   23   1_555 ? ? ? ? ? ? WATSON-CRICK ?     ? ? 
hydrog38 hydrog ?    ? B U   2  N3    ? ? ? 1_555 B A   22 N1 ? ? B U   2    B A   22   1_555 ? ? ? ? ? ? WATSON-CRICK ?     ? ? 
hydrog39 hydrog ?    ? B U   2  O4    ? ? ? 1_555 B A   22 N6 ? ? B U   2    B A   22   1_555 ? ? ? ? ? ? WATSON-CRICK ?     ? ? 
hydrog40 hydrog ?    ? B 5BU 3  N3    ? ? ? 1_555 B A   21 N1 ? ? B 5BU 3    B A   21   1_555 ? ? ? ? ? ? WATSON-CRICK ?     ? ? 
hydrog41 hydrog ?    ? B 5BU 3  O4    ? ? ? 1_555 B A   21 N6 ? ? B 5BU 3    B A   21   1_555 ? ? ? ? ? ? WATSON-CRICK ?     ? ? 
hydrog42 hydrog ?    ? B G   4  N1    ? ? ? 1_555 B C   20 N3 ? ? B G   4    B C   20   1_555 ? ? ? ? ? ? WATSON-CRICK ?     ? ? 
hydrog43 hydrog ?    ? B G   4  N2    ? ? ? 1_555 B C   20 O2 ? ? B G   4    B C   20   1_555 ? ? ? ? ? ? WATSON-CRICK ?     ? ? 
hydrog44 hydrog ?    ? B G   4  O6    ? ? ? 1_555 B C   20 N4 ? ? B G   4    B C   20   1_555 ? ? ? ? ? ? WATSON-CRICK ?     ? ? 
hydrog45 hydrog ?    ? B C   5  N3    ? ? ? 1_555 B G   19 N1 ? ? B C   5    B G   19   1_555 ? ? ? ? ? ? WATSON-CRICK ?     ? ? 
hydrog46 hydrog ?    ? B C   5  N4    ? ? ? 1_555 B G   19 O6 ? ? B C   5    B G   19   1_555 ? ? ? ? ? ? WATSON-CRICK ?     ? ? 
hydrog47 hydrog ?    ? B C   5  O2    ? ? ? 1_555 B G   19 N2 ? ? B C   5    B G   19   1_555 ? ? ? ? ? ? WATSON-CRICK ?     ? ? 
hydrog48 hydrog ?    ? B U   6  N3    ? ? ? 1_555 B A   18 N1 ? ? B U   6    B A   18   1_555 ? ? ? ? ? ? WATSON-CRICK ?     ? ? 
hydrog49 hydrog ?    ? B U   6  O4    ? ? ? 1_555 B A   18 N6 ? ? B U   6    B A   18   1_555 ? ? ? ? ? ? WATSON-CRICK ?     ? ? 
hydrog50 hydrog ?    ? B G   7  N1    ? ? ? 1_555 B C   17 N3 ? ? B G   7    B C   17   1_555 ? ? ? ? ? ? WATSON-CRICK ?     ? ? 
hydrog51 hydrog ?    ? B G   7  N2    ? ? ? 1_555 B C   17 O2 ? ? B G   7    B C   17   1_555 ? ? ? ? ? ? WATSON-CRICK ?     ? ? 
hydrog52 hydrog ?    ? B G   7  O6    ? ? ? 1_555 B C   17 N4 ? ? B G   7    B C   17   1_555 ? ? ? ? ? ? WATSON-CRICK ?     ? ? 
# 
loop_
_struct_conn_type.id 
_struct_conn_type.criteria 
_struct_conn_type.reference 
covale ? ? 
metalc ? ? 
hydrog ? ? 
# 
loop_
_struct_site.id 
_struct_site.pdbx_evidence_code 
_struct_site.pdbx_auth_asym_id 
_struct_site.pdbx_auth_comp_id 
_struct_site.pdbx_auth_seq_id 
_struct_site.pdbx_auth_ins_code 
_struct_site.pdbx_num_residues 
_struct_site.details 
AC1 Software A LIV 1001 ? 18 'BINDING SITE FOR RESIDUE LIV A 1001' 
AC2 Software B LIV 2001 ? 21 'BINDING SITE FOR RESIDUE LIV B 2001' 
AC3 Software B K   2002 ? 4  'BINDING SITE FOR RESIDUE K B 2002'   
AC4 Software A K   1002 ? 4  'BINDING SITE FOR RESIDUE K A 1002'   
AC5 Software A K   44   ? 3  'BINDING SITE FOR RESIDUE K A 44'     
AC6 Software B CL  66   ? 2  'BINDING SITE FOR RESIDUE CL B 66'    
AC7 Software B K   90   ? 4  'BINDING SITE FOR RESIDUE K B 90'     
# 
loop_
_struct_site_gen.id 
_struct_site_gen.site_id 
_struct_site_gen.pdbx_num_res 
_struct_site_gen.label_comp_id 
_struct_site_gen.label_asym_id 
_struct_site_gen.label_seq_id 
_struct_site_gen.pdbx_auth_ins_code 
_struct_site_gen.auth_comp_id 
_struct_site_gen.auth_asym_id 
_struct_site_gen.auth_seq_id 
_struct_site_gen.label_atom_id 
_struct_site_gen.label_alt_id 
_struct_site_gen.symmetry 
_struct_site_gen.details 
1  AC1 18 G   A 4  ? G   A 4    . ? 1_555 ? 
2  AC1 18 G   A 7  ? G   A 7    . ? 1_555 ? 
3  AC1 18 A   A 8  ? A   A 8    . ? 1_555 ? 
4  AC1 18 A   A 9  ? A   A 9    . ? 1_555 ? 
5  AC1 18 A   A 14 ? A   A 14   . ? 1_555 ? 
6  AC1 18 C   A 15 ? C   A 15   . ? 1_555 ? 
7  AC1 18 A   A 16 ? A   A 16   . ? 1_555 ? 
8  AC1 18 HOH J .  ? HOH A 1004 . ? 1_555 ? 
9  AC1 18 HOH J .  ? HOH A 1006 . ? 1_555 ? 
10 AC1 18 HOH J .  ? HOH A 1013 . ? 1_555 ? 
11 AC1 18 HOH J .  ? HOH A 1014 . ? 1_555 ? 
12 AC1 18 HOH J .  ? HOH A 1016 . ? 1_555 ? 
13 AC1 18 HOH J .  ? HOH A 1019 . ? 1_555 ? 
14 AC1 18 HOH J .  ? HOH A 1028 . ? 1_555 ? 
15 AC1 18 HOH J .  ? HOH A 1033 . ? 1_555 ? 
16 AC1 18 G   B 10 ? G   B 10   . ? 1_555 ? 
17 AC1 18 U   B 11 ? U   B 11   . ? 1_555 ? 
18 AC1 18 HOH K .  ? HOH B 2007 . ? 1_555 ? 
19 AC2 21 G   A 10 ? G   A 10   . ? 1_555 ? 
20 AC2 21 U   A 11 ? U   A 11   . ? 1_555 ? 
21 AC2 21 G   A 12 ? G   A 12   . ? 1_555 ? 
22 AC2 21 HOH J .  ? HOH A 1028 . ? 1_555 ? 
23 AC2 21 G   B 4  ? G   B 4    . ? 1_555 ? 
24 AC2 21 C   B 5  ? C   B 5    . ? 1_555 ? 
25 AC2 21 G   B 7  ? G   B 7    . ? 1_555 ? 
26 AC2 21 A   B 8  ? A   B 8    . ? 1_555 ? 
27 AC2 21 C   B 13 ? C   B 13   . ? 1_555 ? 
28 AC2 21 A   B 14 ? A   B 14   . ? 1_555 ? 
29 AC2 21 C   B 15 ? C   B 15   . ? 1_555 ? 
30 AC2 21 A   B 16 ? A   B 16   . ? 1_555 ? 
31 AC2 21 HOH K .  ? HOH B 2004 . ? 1_555 ? 
32 AC2 21 HOH K .  ? HOH B 2007 . ? 1_555 ? 
33 AC2 21 HOH K .  ? HOH B 2016 . ? 1_555 ? 
34 AC2 21 HOH K .  ? HOH B 2018 . ? 1_555 ? 
35 AC2 21 HOH K .  ? HOH B 2019 . ? 1_555 ? 
36 AC2 21 HOH K .  ? HOH B 2020 . ? 1_555 ? 
37 AC2 21 HOH K .  ? HOH B 2038 . ? 1_555 ? 
38 AC2 21 HOH K .  ? HOH B 2039 . ? 1_555 ? 
39 AC2 21 HOH K .  ? HOH B 2048 . ? 1_555 ? 
40 AC3 4  5BU B 3  ? 5BU B 3    . ? 1_555 ? 
41 AC3 4  G   B 4  ? G   B 4    . ? 1_555 ? 
42 AC3 4  HOH K .  ? HOH B 2028 . ? 1_555 ? 
43 AC3 4  HOH K .  ? HOH B 2033 . ? 1_555 ? 
44 AC4 4  5BU A 3  ? 5BU A 3    . ? 1_555 ? 
45 AC4 4  G   A 4  ? G   A 4    . ? 1_555 ? 
46 AC4 4  HOH J .  ? HOH A 1024 . ? 1_555 ? 
47 AC4 4  HOH J .  ? HOH A 1042 . ? 1_555 ? 
48 AC5 3  G   A 23 ? G   A 23   . ? 1_555 ? 
49 AC5 3  C   B 1  ? C   B 1    . ? 5_555 ? 
50 AC5 3  CL  H .  ? CL  B 66   . ? 5_555 ? 
51 AC6 2  K   E .  ? K   A 44   . ? 5_445 ? 
52 AC6 2  C   B 1  ? C   B 1    . ? 1_555 ? 
53 AC7 4  5BU B 3  ? 5BU B 3    . ? 1_555 ? 
54 AC7 4  5BU B 3  ? 5BU B 3    . ? 4_545 ? 
55 AC7 4  HOH K .  ? HOH B 2021 . ? 1_555 ? 
56 AC7 4  HOH K .  ? HOH B 2021 . ? 4_545 ? 
# 
_atom_sites.entry_id                    2FD0 
_atom_sites.fract_transf_matrix[1][1]   0.03473716 
_atom_sites.fract_transf_matrix[1][2]   0.01205827 
_atom_sites.fract_transf_matrix[1][3]   -0.00241872 
_atom_sites.fract_transf_matrix[2][1]   0.00006094 
_atom_sites.fract_transf_matrix[2][2]   -0.00187351 
_atom_sites.fract_transf_matrix[2][3]   -0.00846494 
_atom_sites.fract_transf_matrix[3][1]   -0.00350286 
_atom_sites.fract_transf_matrix[3][2]   0.00965718 
_atom_sites.fract_transf_matrix[3][3]   -0.00216260 
_atom_sites.fract_transf_vector[1]      0.325294 
_atom_sites.fract_transf_vector[2]      -0.367033 
_atom_sites.fract_transf_vector[3]      0.111414 
# 
loop_
_atom_type.symbol 
BR 
C  
CL 
K  
N  
O  
P  
# 
loop_
_atom_site.group_PDB 
_atom_site.id 
_atom_site.type_symbol 
_atom_site.label_atom_id 
_atom_site.label_alt_id 
_atom_site.label_comp_id 
_atom_site.label_asym_id 
_atom_site.label_entity_id 
_atom_site.label_seq_id 
_atom_site.pdbx_PDB_ins_code 
_atom_site.Cartn_x 
_atom_site.Cartn_y 
_atom_site.Cartn_z 
_atom_site.occupancy 
_atom_site.B_iso_or_equiv 
_atom_site.pdbx_formal_charge 
_atom_site.auth_seq_id 
_atom_site.auth_comp_id 
_atom_site.auth_asym_id 
_atom_site.auth_atom_id 
_atom_site.pdbx_PDB_model_num 
ATOM   1    O  "O5'" . C   A 1 1  ? 2.514   -8.314  -23.466 1.00 43.96 ? 1    C   A "O5'" 1 
ATOM   2    C  "C5'" . C   A 1 1  ? 1.933   -9.521  -23.989 1.00 40.83 ? 1    C   A "C5'" 1 
ATOM   3    C  "C4'" . C   A 1 1  ? 2.969   -10.601 -24.240 1.00 39.83 ? 1    C   A "C4'" 1 
ATOM   4    O  "O4'" . C   A 1 1  ? 3.623   -10.414 -25.520 1.00 39.63 ? 1    C   A "O4'" 1 
ATOM   5    C  "C3'" . C   A 1 1  ? 4.078   -10.665 -23.213 1.00 39.96 ? 1    C   A "C3'" 1 
ATOM   6    O  "O3'" . C   A 1 1  ? 3.647   -11.493 -22.157 1.00 40.70 ? 1    C   A "O3'" 1 
ATOM   7    C  "C2'" . C   A 1 1  ? 5.228   -11.288 -23.992 1.00 39.00 ? 1    C   A "C2'" 1 
ATOM   8    O  "O2'" . C   A 1 1  ? 5.126   -12.695 -24.069 1.00 37.45 ? 1    C   A "O2'" 1 
ATOM   9    C  "C1'" . C   A 1 1  ? 5.008   -10.687 -25.388 1.00 38.70 ? 1    C   A "C1'" 1 
ATOM   10   N  N1    . C   A 1 1  ? 5.708   -9.415  -25.566 1.00 37.63 ? 1    C   A N1    1 
ATOM   11   C  C2    . C   A 1 1  ? 7.090   -9.422  -25.716 1.00 36.11 ? 1    C   A C2    1 
ATOM   12   O  O2    . C   A 1 1  ? 7.694   -10.513 -25.672 1.00 35.57 ? 1    C   A O2    1 
ATOM   13   N  N3    . C   A 1 1  ? 7.735   -8.251  -25.898 1.00 35.76 ? 1    C   A N3    1 
ATOM   14   C  C4    . C   A 1 1  ? 7.051   -7.109  -25.929 1.00 35.97 ? 1    C   A C4    1 
ATOM   15   N  N4    . C   A 1 1  ? 7.738   -5.982  -26.120 1.00 34.86 ? 1    C   A N4    1 
ATOM   16   C  C5    . C   A 1 1  ? 5.635   -7.073  -25.766 1.00 37.32 ? 1    C   A C5    1 
ATOM   17   C  C6    . C   A 1 1  ? 5.011   -8.239  -25.589 1.00 38.23 ? 1    C   A C6    1 
ATOM   18   P  P     . U   A 1 2  ? 3.931   -11.068 -20.644 1.00 43.16 ? 2    U   A P     1 
ATOM   19   O  OP1   . U   A 1 2  ? 3.149   -12.032 -19.808 1.00 43.82 ? 2    U   A OP1   1 
ATOM   20   O  OP2   . U   A 1 2  ? 3.731   -9.602  -20.465 1.00 42.96 ? 2    U   A OP2   1 
ATOM   21   O  "O5'" . U   A 1 2  ? 5.473   -11.404 -20.441 1.00 42.47 ? 2    U   A "O5'" 1 
ATOM   22   C  "C5'" . U   A 1 2  ? 5.937   -12.761 -20.540 1.00 41.59 ? 2    U   A "C5'" 1 
ATOM   23   C  "C4'" . U   A 1 2  ? 7.441   -12.789 -20.613 1.00 41.26 ? 2    U   A "C4'" 1 
ATOM   24   O  "O4'" . U   A 1 2  ? 7.883   -12.186 -21.863 1.00 41.25 ? 2    U   A "O4'" 1 
ATOM   25   C  "C3'" . U   A 1 2  ? 8.146   -11.982 -19.534 1.00 40.79 ? 2    U   A "C3'" 1 
ATOM   26   O  "O3'" . U   A 1 2  ? 8.264   -12.748 -18.327 1.00 41.70 ? 2    U   A "O3'" 1 
ATOM   27   C  "C2'" . U   A 1 2  ? 9.501   -11.724 -20.187 1.00 40.44 ? 2    U   A "C2'" 1 
ATOM   28   O  "O2'" . U   A 1 2  ? 10.290  -12.893 -20.126 1.00 37.93 ? 2    U   A "O2'" 1 
ATOM   29   C  "C1'" . U   A 1 2  ? 9.100   -11.494 -21.649 1.00 39.22 ? 2    U   A "C1'" 1 
ATOM   30   N  N1    . U   A 1 2  ? 8.902   -10.085 -22.032 1.00 39.35 ? 2    U   A N1    1 
ATOM   31   C  C2    . U   A 1 2  ? 10.026  -9.281  -22.140 1.00 38.38 ? 2    U   A C2    1 
ATOM   32   O  O2    . U   A 1 2  ? 11.167  -9.687  -21.920 1.00 37.31 ? 2    U   A O2    1 
ATOM   33   N  N3    . U   A 1 2  ? 9.777   -7.983  -22.520 1.00 39.24 ? 2    U   A N3    1 
ATOM   34   C  C4    . U   A 1 2  ? 8.554   -7.416  -22.800 1.00 38.12 ? 2    U   A C4    1 
ATOM   35   O  O4    . U   A 1 2  ? 8.505   -6.236  -23.184 1.00 37.33 ? 2    U   A O4    1 
ATOM   36   C  C5    . U   A 1 2  ? 7.433   -8.308  -22.654 1.00 37.12 ? 2    U   A C5    1 
ATOM   37   C  C6    . U   A 1 2  ? 7.640   -9.579  -22.284 1.00 37.63 ? 2    U   A C6    1 
HETATM 38   P  P     . 5BU A 1 3  ? 8.331   -12.005 -16.899 1.00 41.49 ? 3    5BU A P     1 
HETATM 39   O  OP1   . 5BU A 1 3  ? 8.382   -13.058 -15.858 1.00 44.28 ? 3    5BU A OP1   1 
HETATM 40   O  OP2   . 5BU A 1 3  ? 7.270   -10.960 -16.847 1.00 42.01 ? 3    5BU A OP2   1 
HETATM 41   O  "O5'" . 5BU A 1 3  ? 9.736   -11.260 -16.891 1.00 41.66 ? 3    5BU A "O5'" 1 
HETATM 42   C  "C5'" . 5BU A 1 3  ? 10.964  -11.995 -16.763 1.00 41.30 ? 3    5BU A "C5'" 1 
HETATM 43   C  "C4'" . 5BU A 1 3  ? 12.133  -11.054 -16.932 1.00 39.80 ? 3    5BU A "C4'" 1 
HETATM 44   O  "O4'" . 5BU A 1 3  ? 12.100  -10.500 -18.276 1.00 39.83 ? 3    5BU A "O4'" 1 
HETATM 45   C  "C3'" . 5BU A 1 3  ? 12.094  -9.823  -16.039 1.00 40.30 ? 3    5BU A "C3'" 1 
HETATM 46   O  "O3'" . 5BU A 1 3  ? 12.606  -10.076 -14.738 1.00 42.34 ? 3    5BU A "O3'" 1 
HETATM 47   C  "C2'" . 5BU A 1 3  ? 12.962  -8.838  -16.805 1.00 40.12 ? 3    5BU A "C2'" 1 
HETATM 48   O  "O2'" . 5BU A 1 3  ? 14.338  -9.074  -16.608 1.00 38.63 ? 3    5BU A "O2'" 1 
HETATM 49   C  "C1'" . 5BU A 1 3  ? 12.577  -9.162  -18.249 1.00 39.25 ? 3    5BU A "C1'" 1 
HETATM 50   N  N1    . 5BU A 1 3  ? 11.533  -8.266  -18.769 1.00 37.65 ? 3    5BU A N1    1 
HETATM 51   C  C2    . 5BU A 1 3  ? 11.963  -7.080  -19.319 1.00 37.24 ? 3    5BU A C2    1 
HETATM 52   O  O2    . 5BU A 1 3  ? 13.136  -6.778  -19.384 1.00 39.20 ? 3    5BU A O2    1 
HETATM 53   N  N3    . 5BU A 1 3  ? 10.971  -6.260  -19.791 1.00 37.11 ? 3    5BU A N3    1 
HETATM 54   C  C4    . 5BU A 1 3  ? 9.612   -6.498  -19.772 1.00 35.86 ? 3    5BU A C4    1 
HETATM 55   O  O4    . 5BU A 1 3  ? 8.839   -5.666  -20.252 1.00 35.48 ? 3    5BU A O4    1 
HETATM 56   C  C5    . 5BU A 1 3  ? 9.235   -7.738  -19.189 1.00 35.84 ? 3    5BU A C5    1 
HETATM 57   C  C6    . 5BU A 1 3  ? 10.185  -8.573  -18.716 1.00 37.27 ? 3    5BU A C6    1 
HETATM 58   BR BR    . 5BU A 1 3  ? 7.374   -8.076  -18.875 0.46 42.01 ? 3    5BU A BR    1 
ATOM   59   P  P     . G   A 1 4  ? 12.125  -9.160  -13.504 1.00 44.86 ? 4    G   A P     1 
ATOM   60   O  OP1   . G   A 1 4  ? 12.720  -9.721  -12.264 1.00 44.79 ? 4    G   A OP1   1 
ATOM   61   O  OP2   . G   A 1 4  ? 10.654  -9.004  -13.611 1.00 44.78 ? 4    G   A OP2   1 
ATOM   62   O  "O5'" . G   A 1 4  ? 12.779  -7.738  -13.789 1.00 44.07 ? 4    G   A "O5'" 1 
ATOM   63   C  "C5'" . G   A 1 4  ? 14.191  -7.536  -13.615 1.00 46.24 ? 4    G   A "C5'" 1 
ATOM   64   C  "C4'" . G   A 1 4  ? 14.610  -6.203  -14.184 1.00 45.72 ? 4    G   A "C4'" 1 
ATOM   65   O  "O4'" . G   A 1 4  ? 14.169  -6.097  -15.563 1.00 45.47 ? 4    G   A "O4'" 1 
ATOM   66   C  "C3'" . G   A 1 4  ? 14.019  -4.953  -13.555 1.00 45.63 ? 4    G   A "C3'" 1 
ATOM   67   O  "O3'" . G   A 1 4  ? 14.687  -4.622  -12.348 1.00 46.41 ? 4    G   A "O3'" 1 
ATOM   68   C  "C2'" . G   A 1 4  ? 14.315  -3.925  -14.637 1.00 44.50 ? 4    G   A "C2'" 1 
ATOM   69   O  "O2'" . G   A 1 4  ? 15.687  -3.592  -14.676 1.00 43.08 ? 4    G   A "O2'" 1 
ATOM   70   C  "C1'" . G   A 1 4  ? 14.007  -4.730  -15.895 1.00 42.64 ? 4    G   A "C1'" 1 
ATOM   71   N  N9    . G   A 1 4  ? 12.652  -4.520  -16.394 1.00 41.17 ? 4    G   A N9    1 
ATOM   72   C  C8    . G   A 1 4  ? 11.554  -5.331  -16.225 1.00 39.52 ? 4    G   A C8    1 
ATOM   73   N  N7    . G   A 1 4  ? 10.486  -4.879  -16.827 1.00 38.93 ? 4    G   A N7    1 
ATOM   74   C  C5    . G   A 1 4  ? 10.901  -3.694  -17.422 1.00 37.70 ? 4    G   A C5    1 
ATOM   75   C  C6    . G   A 1 4  ? 10.185  -2.762  -18.221 1.00 36.70 ? 4    G   A C6    1 
ATOM   76   O  O6    . G   A 1 4  ? 9.000   -2.798  -18.583 1.00 35.98 ? 4    G   A O6    1 
ATOM   77   N  N1    . G   A 1 4  ? 10.992  -1.699  -18.607 1.00 36.92 ? 4    G   A N1    1 
ATOM   78   C  C2    . G   A 1 4  ? 12.316  -1.548  -18.271 1.00 37.91 ? 4    G   A C2    1 
ATOM   79   N  N2    . G   A 1 4  ? 12.918  -0.443  -18.709 1.00 36.16 ? 4    G   A N2    1 
ATOM   80   N  N3    . G   A 1 4  ? 12.996  -2.418  -17.547 1.00 39.09 ? 4    G   A N3    1 
ATOM   81   C  C4    . G   A 1 4  ? 12.232  -3.457  -17.157 1.00 38.27 ? 4    G   A C4    1 
ATOM   82   P  P     . C   A 1 5  ? 13.991  -3.621  -11.296 1.00 46.50 ? 5    C   A P     1 
ATOM   83   O  OP1   . C   A 1 5  ? 14.859  -3.598  -10.090 1.00 47.84 ? 5    C   A OP1   1 
ATOM   84   O  OP2   . C   A 1 5  ? 12.559  -3.988  -11.161 1.00 45.87 ? 5    C   A OP2   1 
ATOM   85   O  "O5'" . C   A 1 5  ? 14.059  -2.197  -12.005 1.00 45.43 ? 5    C   A "O5'" 1 
ATOM   86   C  "C5'" . C   A 1 5  ? 15.312  -1.513  -12.177 1.00 42.63 ? 5    C   A "C5'" 1 
ATOM   87   C  "C4'" . C   A 1 5  ? 15.099  -0.217  -12.927 1.00 41.94 ? 5    C   A "C4'" 1 
ATOM   88   O  "O4'" . C   A 1 5  ? 14.557  -0.500  -14.245 1.00 40.39 ? 5    C   A "O4'" 1 
ATOM   89   C  "C3'" . C   A 1 5  ? 14.078  0.740   -12.330 1.00 42.11 ? 5    C   A "C3'" 1 
ATOM   90   O  "O3'" . C   A 1 5  ? 14.616  1.512   -11.269 1.00 43.27 ? 5    C   A "O3'" 1 
ATOM   91   C  "C2'" . C   A 1 5  ? 13.731  1.604   -13.528 1.00 40.86 ? 5    C   A "C2'" 1 
ATOM   92   O  "O2'" . C   A 1 5  ? 14.772  2.518   -13.823 1.00 40.93 ? 5    C   A "O2'" 1 
ATOM   93   C  "C1'" . C   A 1 5  ? 13.678  0.549   -14.631 1.00 40.35 ? 5    C   A "C1'" 1 
ATOM   94   N  N1    . C   A 1 5  ? 12.337  -0.024  -14.818 1.00 37.89 ? 5    C   A N1    1 
ATOM   95   C  C2    . C   A 1 5  ? 11.416  0.661   -15.621 1.00 35.99 ? 5    C   A C2    1 
ATOM   96   O  O2    . C   A 1 5  ? 11.741  1.760   -16.110 1.00 38.90 ? 5    C   A O2    1 
ATOM   97   N  N3    . C   A 1 5  ? 10.199  0.115   -15.843 1.00 35.70 ? 5    C   A N3    1 
ATOM   98   C  C4    . C   A 1 5  ? 9.888   -1.064  -15.307 1.00 34.03 ? 5    C   A C4    1 
ATOM   99   N  N4    . C   A 1 5  ? 8.696   -1.582  -15.601 1.00 35.54 ? 5    C   A N4    1 
ATOM   100  C  C5    . C   A 1 5  ? 10.791  -1.768  -14.458 1.00 34.63 ? 5    C   A C5    1 
ATOM   101  C  C6    . C   A 1 5  ? 11.995  -1.214  -14.238 1.00 35.26 ? 5    C   A C6    1 
ATOM   102  P  P     . U   A 1 6  ? 13.681  1.904   -10.025 1.00 43.37 ? 6    U   A P     1 
ATOM   103  O  OP1   . U   A 1 6  ? 14.598  2.418   -8.974  1.00 44.94 ? 6    U   A OP1   1 
ATOM   104  O  OP2   . U   A 1 6  ? 12.789  0.761   -9.729  1.00 41.98 ? 6    U   A OP2   1 
ATOM   105  O  "O5'" . U   A 1 6  ? 12.786  3.098   -10.582 1.00 41.77 ? 6    U   A "O5'" 1 
ATOM   106  C  "C5'" . U   A 1 6  ? 13.392  4.335   -10.994 1.00 39.54 ? 6    U   A "C5'" 1 
ATOM   107  C  "C4'" . U   A 1 6  ? 12.425  5.149   -11.818 1.00 37.48 ? 6    U   A "C4'" 1 
ATOM   108  O  "O4'" . U   A 1 6  ? 12.057  4.393   -13.003 1.00 36.20 ? 6    U   A "O4'" 1 
ATOM   109  C  "C3'" . U   A 1 6  ? 11.080  5.486   -11.186 1.00 38.15 ? 6    U   A "C3'" 1 
ATOM   110  O  "O3'" . U   A 1 6  ? 11.166  6.600   -10.293 1.00 38.58 ? 6    U   A "O3'" 1 
ATOM   111  C  "C2'" . U   A 1 6  ? 10.265  5.825   -12.426 1.00 36.68 ? 6    U   A "C2'" 1 
ATOM   112  O  "O2'" . U   A 1 6  ? 10.672  7.065   -12.970 1.00 38.40 ? 6    U   A "O2'" 1 
ATOM   113  C  "C1'" . U   A 1 6  ? 10.734  4.735   -13.390 1.00 36.85 ? 6    U   A "C1'" 1 
ATOM   114  N  N1    . U   A 1 6  ? 9.907   3.520   -13.320 1.00 33.96 ? 6    U   A N1    1 
ATOM   115  C  C2    . U   A 1 6  ? 8.716   3.511   -14.012 1.00 32.81 ? 6    U   A C2    1 
ATOM   116  O  O2    . U   A 1 6  ? 8.322   4.465   -14.652 1.00 33.90 ? 6    U   A O2    1 
ATOM   117  N  N3    . U   A 1 6  ? 8.001   2.342   -13.927 1.00 32.98 ? 6    U   A N3    1 
ATOM   118  C  C4    . U   A 1 6  ? 8.353   1.204   -13.236 1.00 32.98 ? 6    U   A C4    1 
ATOM   119  O  O4    . U   A 1 6  ? 7.607   0.223   -13.260 1.00 34.02 ? 6    U   A O4    1 
ATOM   120  C  C5    . U   A 1 6  ? 9.594   1.296   -12.533 1.00 33.02 ? 6    U   A C5    1 
ATOM   121  C  C6    . U   A 1 6  ? 10.311  2.427   -12.596 1.00 33.91 ? 6    U   A C6    1 
ATOM   122  P  P     . G   A 1 7  ? 10.022  6.831   -9.183  1.00 40.24 ? 7    G   A P     1 
ATOM   123  O  OP1   . G   A 1 7  ? 10.428  8.031   -8.397  1.00 39.42 ? 7    G   A OP1   1 
ATOM   124  O  OP2   . G   A 1 7  ? 9.721   5.557   -8.477  1.00 39.40 ? 7    G   A OP2   1 
ATOM   125  O  "O5'" . G   A 1 7  ? 8.729   7.203   -10.036 1.00 37.53 ? 7    G   A "O5'" 1 
ATOM   126  C  "C5'" . G   A 1 7  ? 8.686   8.422   -10.780 1.00 36.58 ? 7    G   A "C5'" 1 
ATOM   127  C  "C4'" . G   A 1 7  ? 7.371   8.542   -11.492 1.00 35.36 ? 7    G   A "C4'" 1 
ATOM   128  O  "O4'" . G   A 1 7  ? 7.255   7.467   -12.454 1.00 33.91 ? 7    G   A "O4'" 1 
ATOM   129  C  "C3'" . G   A 1 7  ? 6.140   8.395   -10.609 1.00 35.37 ? 7    G   A "C3'" 1 
ATOM   130  O  "O3'" . G   A 1 7  ? 5.857   9.638   -9.966  1.00 38.95 ? 7    G   A "O3'" 1 
ATOM   131  C  "C2'" . G   A 1 7  ? 5.085   7.973   -11.627 1.00 34.41 ? 7    G   A "C2'" 1 
ATOM   132  O  "O2'" . G   A 1 7  ? 4.619   9.061   -12.398 1.00 35.73 ? 7    G   A "O2'" 1 
ATOM   133  C  "C1'" . G   A 1 7  ? 5.906   7.060   -12.545 1.00 32.25 ? 7    G   A "C1'" 1 
ATOM   134  N  N9    . G   A 1 7  ? 5.846   5.645   -12.197 1.00 32.16 ? 7    G   A N9    1 
ATOM   135  C  C8    . G   A 1 7  ? 6.740   4.938   -11.429 1.00 31.23 ? 7    G   A C8    1 
ATOM   136  N  N7    . G   A 1 7  ? 6.416   3.682   -11.294 1.00 31.61 ? 7    G   A N7    1 
ATOM   137  C  C5    . G   A 1 7  ? 5.240   3.555   -12.014 1.00 30.29 ? 7    G   A C5    1 
ATOM   138  C  C6    . G   A 1 7  ? 4.406   2.432   -12.217 1.00 29.52 ? 7    G   A C6    1 
ATOM   139  O  O6    . G   A 1 7  ? 4.538   1.283   -11.786 1.00 29.33 ? 7    G   A O6    1 
ATOM   140  N  N1    . G   A 1 7  ? 3.309   2.752   -13.006 1.00 31.90 ? 7    G   A N1    1 
ATOM   141  C  C2    . G   A 1 7  ? 3.044   3.990   -13.523 1.00 30.80 ? 7    G   A C2    1 
ATOM   142  N  N2    . G   A 1 7  ? 1.920   4.098   -14.238 1.00 32.30 ? 7    G   A N2    1 
ATOM   143  N  N3    . G   A 1 7  ? 3.815   5.046   -13.347 1.00 31.13 ? 7    G   A N3    1 
ATOM   144  C  C4    . G   A 1 7  ? 4.882   4.760   -12.583 1.00 29.93 ? 7    G   A C4    1 
ATOM   145  P  P     . A   A 1 8  ? 4.653   9.751   -8.897  1.00 43.63 ? 8    A   A P     1 
ATOM   146  O  OP1   . A   A 1 8  ? 3.759   8.564   -8.947  1.00 41.55 ? 8    A   A OP1   1 
ATOM   147  O  OP2   . A   A 1 8  ? 4.072   11.113  -9.088  1.00 43.73 ? 8    A   A OP2   1 
ATOM   148  O  "O5'" . A   A 1 8  ? 5.380   9.710   -7.484  1.00 42.73 ? 8    A   A "O5'" 1 
ATOM   149  C  "C5'" . A   A 1 8  ? 5.977   8.497   -7.002  1.00 40.85 ? 8    A   A "C5'" 1 
ATOM   150  C  "C4'" . A   A 1 8  ? 6.239   8.591   -5.516  1.00 37.95 ? 8    A   A "C4'" 1 
ATOM   151  O  "O4'" . A   A 1 8  ? 6.915   9.842   -5.238  1.00 36.05 ? 8    A   A "O4'" 1 
ATOM   152  C  "C3'" . A   A 1 8  ? 5.030   8.619   -4.599  1.00 39.69 ? 8    A   A "C3'" 1 
ATOM   153  O  "O3'" . A   A 1 8  ? 4.561   7.297   -4.348  1.00 42.10 ? 8    A   A "O3'" 1 
ATOM   154  C  "C2'" . A   A 1 8  ? 5.614   9.257   -3.344  1.00 35.76 ? 8    A   A "C2'" 1 
ATOM   155  O  "O2'" . A   A 1 8  ? 6.433   8.335   -2.646  1.00 35.81 ? 8    A   A "O2'" 1 
ATOM   156  C  "C1'" . A   A 1 8  ? 6.537   10.311  -3.954  1.00 34.05 ? 8    A   A "C1'" 1 
ATOM   157  N  N9    . A   A 1 8  ? 5.953   11.647  -4.102  1.00 27.71 ? 8    A   A N9    1 
ATOM   158  C  C8    . A   A 1 8  ? 5.549   12.272  -5.249  1.00 27.08 ? 8    A   A C8    1 
ATOM   159  N  N7    . A   A 1 8  ? 5.128   13.498  -5.064  1.00 23.80 ? 8    A   A N7    1 
ATOM   160  C  C5    . A   A 1 8  ? 5.257   13.693  -3.698  1.00 26.16 ? 8    A   A C5    1 
ATOM   161  C  C6    . A   A 1 8  ? 4.997   14.802  -2.866  1.00 26.04 ? 8    A   A C6    1 
ATOM   162  N  N6    . A   A 1 8  ? 4.584   15.998  -3.315  1.00 28.64 ? 8    A   A N6    1 
ATOM   163  N  N1    . A   A 1 8  ? 5.196   14.649  -1.536  1.00 25.66 ? 8    A   A N1    1 
ATOM   164  C  C2    . A   A 1 8  ? 5.655   13.465  -1.087  1.00 26.60 ? 8    A   A C2    1 
ATOM   165  N  N3    . A   A 1 8  ? 5.962   12.363  -1.777  1.00 25.47 ? 8    A   A N3    1 
ATOM   166  C  C4    . A   A 1 8  ? 5.737   12.549  -3.089  1.00 25.51 ? 8    A   A C4    1 
ATOM   167  P  P     . A   A 1 9  ? 3.000   7.037   -4.080  1.00 43.61 ? 9    A   A P     1 
ATOM   168  O  OP1   . A   A 1 9  ? 2.816   5.596   -3.748  1.00 46.32 ? 9    A   A OP1   1 
ATOM   169  O  OP2   . A   A 1 9  ? 2.240   7.634   -5.211  1.00 42.73 ? 9    A   A OP2   1 
ATOM   170  O  "O5'" . A   A 1 9  ? 2.657   7.854   -2.757  1.00 41.75 ? 9    A   A "O5'" 1 
ATOM   171  C  "C5'" . A   A 1 9  ? 3.182   7.445   -1.484  1.00 39.43 ? 9    A   A "C5'" 1 
ATOM   172  C  "C4'" . A   A 1 9  ? 2.811   8.451   -0.417  1.00 37.06 ? 9    A   A "C4'" 1 
ATOM   173  O  "O4'" . A   A 1 9  ? 3.156   9.777   -0.911  1.00 34.32 ? 9    A   A "O4'" 1 
ATOM   174  C  "C3'" . A   A 1 9  ? 1.333   8.516   -0.032  1.00 35.33 ? 9    A   A "C3'" 1 
ATOM   175  O  "O3'" . A   A 1 9  ? 1.220   8.924   1.322   1.00 37.50 ? 9    A   A "O3'" 1 
ATOM   176  C  "C2'" . A   A 1 9  ? 0.812   9.647   -0.914  1.00 35.09 ? 9    A   A "C2'" 1 
ATOM   177  O  "O2'" . A   A 1 9  ? -0.336  10.296  -0.394  1.00 36.96 ? 9    A   A "O2'" 1 
ATOM   178  C  "C1'" . A   A 1 9  ? 2.005   10.600  -0.902  1.00 32.98 ? 9    A   A "C1'" 1 
ATOM   179  N  N9    . A   A 1 9  ? 2.015   11.453  -2.093  1.00 29.59 ? 9    A   A N9    1 
ATOM   180  C  C8    . A   A 1 9  ? 2.095   11.073  -3.406  1.00 29.57 ? 9    A   A C8    1 
ATOM   181  N  N7    . A   A 1 9  ? 1.989   12.073  -4.252  1.00 28.15 ? 9    A   A N7    1 
ATOM   182  C  C5    . A   A 1 9  ? 1.846   13.183  -3.436  1.00 28.74 ? 9    A   A C5    1 
ATOM   183  C  C6    . A   A 1 9  ? 1.640   14.551  -3.715  1.00 28.51 ? 9    A   A C6    1 
ATOM   184  N  N6    . A   A 1 9  ? 1.531   15.051  -4.948  1.00 27.65 ? 9    A   A N6    1 
ATOM   185  N  N1    . A   A 1 9  ? 1.528   15.394  -2.662  1.00 28.84 ? 9    A   A N1    1 
ATOM   186  C  C2    . A   A 1 9  ? 1.595   14.892  -1.431  1.00 28.72 ? 9    A   A C2    1 
ATOM   187  N  N3    . A   A 1 9  ? 1.765   13.627  -1.043  1.00 28.58 ? 9    A   A N3    1 
ATOM   188  C  C4    . A   A 1 9  ? 1.883   12.817  -2.105  1.00 28.86 ? 9    A   A C4    1 
ATOM   189  P  P     . G   A 1 10 ? 0.853   7.848   2.467   1.00 38.29 ? 10   G   A P     1 
ATOM   190  O  OP1   . G   A 1 10 ? 0.279   6.619   1.853   1.00 36.86 ? 10   G   A OP1   1 
ATOM   191  O  OP2   . G   A 1 10 ? 0.091   8.564   3.521   1.00 40.15 ? 10   G   A OP2   1 
ATOM   192  O  "O5'" . G   A 1 10 ? 2.270   7.438   3.057   1.00 35.95 ? 10   G   A "O5'" 1 
ATOM   193  C  "C5'" . G   A 1 10 ? 3.257   8.424   3.388   1.00 36.43 ? 10   G   A "C5'" 1 
ATOM   194  C  "C4'" . G   A 1 10 ? 4.107   7.921   4.529   1.00 35.33 ? 10   G   A "C4'" 1 
ATOM   195  O  "O4'" . G   A 1 10 ? 3.300   7.835   5.726   1.00 34.37 ? 10   G   A "O4'" 1 
ATOM   196  C  "C3'" . G   A 1 10 ? 4.624   6.511   4.330   1.00 35.28 ? 10   G   A "C3'" 1 
ATOM   197  O  "O3'" . G   A 1 10 ? 5.816   6.507   3.572   1.00 37.32 ? 10   G   A "O3'" 1 
ATOM   198  C  "C2'" . G   A 1 10 ? 4.824   6.031   5.755   1.00 34.65 ? 10   G   A "C2'" 1 
ATOM   199  O  "O2'" . G   A 1 10 ? 6.004   6.569   6.327   1.00 37.28 ? 10   G   A "O2'" 1 
ATOM   200  C  "C1'" . G   A 1 10 ? 3.587   6.630   6.424   1.00 34.69 ? 10   G   A "C1'" 1 
ATOM   201  N  N9    . G   A 1 10 ? 2.426   5.765   6.258   1.00 32.27 ? 10   G   A N9    1 
ATOM   202  C  C8    . G   A 1 10 ? 1.254   6.078   5.611   1.00 34.13 ? 10   G   A C8    1 
ATOM   203  N  N7    . G   A 1 10 ? 0.401   5.090   5.591   1.00 32.68 ? 10   G   A N7    1 
ATOM   204  C  C5    . G   A 1 10 ? 1.043   4.068   6.271   1.00 30.42 ? 10   G   A C5    1 
ATOM   205  C  C6    . G   A 1 10 ? 0.605   2.759   6.569   1.00 31.72 ? 10   G   A C6    1 
ATOM   206  O  O6    . G   A 1 10 ? -0.480  2.240   6.300   1.00 29.57 ? 10   G   A O6    1 
ATOM   207  N  N1    . G   A 1 10 ? 1.571   2.040   7.272   1.00 29.90 ? 10   G   A N1    1 
ATOM   208  C  C2    . G   A 1 10 ? 2.800   2.536   7.652   1.00 31.27 ? 10   G   A C2    1 
ATOM   209  N  N2    . G   A 1 10 ? 3.601   1.701   8.321   1.00 28.31 ? 10   G   A N2    1 
ATOM   210  N  N3    . G   A 1 10 ? 3.210   3.767   7.391   1.00 30.67 ? 10   G   A N3    1 
ATOM   211  C  C4    . G   A 1 10 ? 2.290   4.468   6.699   1.00 32.16 ? 10   G   A C4    1 
ATOM   212  P  P     . U   A 1 11 ? 6.060   5.348   2.505   1.00 36.96 ? 11   U   A P     1 
ATOM   213  O  OP1   . U   A 1 11 ? 7.269   5.750   1.744   1.00 39.71 ? 11   U   A OP1   1 
ATOM   214  O  OP2   . U   A 1 11 ? 4.800   5.094   1.791   1.00 37.17 ? 11   U   A OP2   1 
ATOM   215  O  "O5'" . U   A 1 11 ? 6.381   4.066   3.396   1.00 35.40 ? 11   U   A "O5'" 1 
ATOM   216  C  "C5'" . U   A 1 11 ? 7.515   4.063   4.283   1.00 34.19 ? 11   U   A "C5'" 1 
ATOM   217  C  "C4'" . U   A 1 11 ? 7.609   2.751   5.016   1.00 34.66 ? 11   U   A "C4'" 1 
ATOM   218  O  "O4'" . U   A 1 11 ? 6.431   2.582   5.847   1.00 33.63 ? 11   U   A "O4'" 1 
ATOM   219  C  "C3'" . U   A 1 11 ? 7.599   1.499   4.157   1.00 33.45 ? 11   U   A "C3'" 1 
ATOM   220  O  "O3'" . U   A 1 11 ? 8.863   1.234   3.588   1.00 34.89 ? 11   U   A "O3'" 1 
ATOM   221  C  "C2'" . U   A 1 11 ? 7.196   0.446   5.175   1.00 33.58 ? 11   U   A "C2'" 1 
ATOM   222  O  "O2'" . U   A 1 11 ? 8.244   0.145   6.084   1.00 32.89 ? 11   U   A "O2'" 1 
ATOM   223  C  "C1'" . U   A 1 11 ? 6.115   1.202   5.947   1.00 31.75 ? 11   U   A "C1'" 1 
ATOM   224  N  N1    . U   A 1 11 ? 4.771   0.996   5.397   1.00 28.47 ? 11   U   A N1    1 
ATOM   225  C  C2    . U   A 1 11 ? 4.129   -0.187  5.707   1.00 29.39 ? 11   U   A C2    1 
ATOM   226  O  O2    . U   A 1 11 ? 4.654   -1.065  6.369   1.00 28.42 ? 11   U   A O2    1 
ATOM   227  N  N3    . U   A 1 11 ? 2.859   -0.313  5.207   1.00 28.16 ? 11   U   A N3    1 
ATOM   228  C  C4    . U   A 1 11 ? 2.179   0.591   4.433   1.00 29.99 ? 11   U   A C4    1 
ATOM   229  O  O4    . U   A 1 11 ? 1.006   0.363   4.121   1.00 28.23 ? 11   U   A O4    1 
ATOM   230  C  C5    . U   A 1 11 ? 2.920   1.786   4.120   1.00 29.09 ? 11   U   A C5    1 
ATOM   231  C  C6    . U   A 1 11 ? 4.162   1.943   4.608   1.00 28.91 ? 11   U   A C6    1 
ATOM   232  P  P     . G   A 1 12 ? 8.952   0.463   2.185   1.00 35.04 ? 12   G   A P     1 
ATOM   233  O  OP1   . G   A 1 12 ? 10.361  0.474   1.746   1.00 36.23 ? 12   G   A OP1   1 
ATOM   234  O  OP2   . G   A 1 12 ? 7.893   0.964   1.270   1.00 34.69 ? 12   G   A OP2   1 
ATOM   235  O  "O5'" . G   A 1 12 ? 8.573   -1.044  2.545   1.00 33.99 ? 12   G   A "O5'" 1 
ATOM   236  C  "C5'" . G   A 1 12 ? 9.359   -1.789  3.479   1.00 32.42 ? 12   G   A "C5'" 1 
ATOM   237  C  "C4'" . G   A 1 12 ? 8.688   -3.102  3.792   1.00 33.97 ? 12   G   A "C4'" 1 
ATOM   238  O  "O4'" . G   A 1 12 ? 7.441   -2.863  4.488   1.00 32.19 ? 12   G   A "O4'" 1 
ATOM   239  C  "C3'" . G   A 1 12 ? 8.266   -3.919  2.579   1.00 33.47 ? 12   G   A "C3'" 1 
ATOM   240  O  "O3'" . G   A 1 12 ? 9.360   -4.654  2.045   1.00 37.66 ? 12   G   A "O3'" 1 
ATOM   241  C  "C2'" . G   A 1 12 ? 7.201   -4.829  3.177   1.00 33.60 ? 12   G   A "C2'" 1 
ATOM   242  O  "O2'" . G   A 1 12 ? 7.770   -5.866  3.952   1.00 31.23 ? 12   G   A "O2'" 1 
ATOM   243  C  "C1'" . G   A 1 12 ? 6.496   -3.863  4.127   1.00 31.71 ? 12   G   A "C1'" 1 
ATOM   244  N  N9    . G   A 1 12 ? 5.325   -3.225  3.523   1.00 32.42 ? 12   G   A N9    1 
ATOM   245  C  C8    . G   A 1 12 ? 5.215   -1.944  3.030   1.00 30.60 ? 12   G   A C8    1 
ATOM   246  N  N7    . G   A 1 12 ? 4.020   -1.676  2.556   1.00 30.66 ? 12   G   A N7    1 
ATOM   247  C  C5    . G   A 1 12 ? 3.305   -2.852  2.750   1.00 31.04 ? 12   G   A C5    1 
ATOM   248  C  C6    . G   A 1 12 ? 1.945   -3.175  2.447   1.00 30.80 ? 12   G   A C6    1 
ATOM   249  O  O6    . G   A 1 12 ? 1.079   -2.466  1.926   1.00 27.35 ? 12   G   A O6    1 
ATOM   250  N  N1    . G   A 1 12 ? 1.637   -4.481  2.820   1.00 29.94 ? 12   G   A N1    1 
ATOM   251  C  C2    . G   A 1 12 ? 2.516   -5.362  3.408   1.00 31.42 ? 12   G   A C2    1 
ATOM   252  N  N2    . G   A 1 12 ? 2.032   -6.573  3.702   1.00 30.43 ? 12   G   A N2    1 
ATOM   253  N  N3    . G   A 1 12 ? 3.777   -5.074  3.694   1.00 31.54 ? 12   G   A N3    1 
ATOM   254  C  C4    . G   A 1 12 ? 4.099   -3.816  3.343   1.00 31.01 ? 12   G   A C4    1 
ATOM   255  P  P     . C   A 1 13 ? 9.448   -4.907  0.466   1.00 35.71 ? 13   C   A P     1 
ATOM   256  O  OP1   . C   A 1 13 ? 10.819  -5.353  0.114   1.00 39.96 ? 13   C   A OP1   1 
ATOM   257  O  OP2   . C   A 1 13 ? 8.867   -3.721  -0.199  1.00 38.57 ? 13   C   A OP2   1 
ATOM   258  O  "O5'" . C   A 1 13 ? 8.452   -6.126  0.239   1.00 37.31 ? 13   C   A "O5'" 1 
ATOM   259  C  "C5'" . C   A 1 13 ? 8.759   -7.421  0.750   1.00 36.38 ? 13   C   A "C5'" 1 
ATOM   260  C  "C4'" . C   A 1 13 ? 7.596   -8.349  0.525   1.00 35.04 ? 13   C   A "C4'" 1 
ATOM   261  O  "O4'" . C   A 1 13 ? 6.461   -7.880  1.298   1.00 33.74 ? 13   C   A "O4'" 1 
ATOM   262  C  "C3'" . C   A 1 13 ? 7.059   -8.411  -0.895  1.00 33.90 ? 13   C   A "C3'" 1 
ATOM   263  O  "O3'" . C   A 1 13 ? 7.829   -9.271  -1.736  1.00 37.30 ? 13   C   A "O3'" 1 
ATOM   264  C  "C2'" . C   A 1 13 ? 5.657   -8.951  -0.656  1.00 33.23 ? 13   C   A "C2'" 1 
ATOM   265  O  "O2'" . C   A 1 13 ? 5.698   -10.312 -0.299  1.00 33.38 ? 13   C   A "O2'" 1 
ATOM   266  C  "C1'" . C   A 1 13 ? 5.258   -8.180  0.599   1.00 32.61 ? 13   C   A "C1'" 1 
ATOM   267  N  N1    . C   A 1 13 ? 4.572   -6.924  0.266   1.00 31.69 ? 13   C   A N1    1 
ATOM   268  C  C2    . C   A 1 13 ? 3.193   -6.955  0.080   1.00 32.68 ? 13   C   A C2    1 
ATOM   269  O  O2    . C   A 1 13 ? 2.603   -8.038  0.193   1.00 31.61 ? 13   C   A O2    1 
ATOM   270  N  N3    . C   A 1 13 ? 2.539   -5.819  -0.224  1.00 30.95 ? 13   C   A N3    1 
ATOM   271  C  C4    . C   A 1 13 ? 3.219   -4.673  -0.358  1.00 33.79 ? 13   C   A C4    1 
ATOM   272  N  N4    . C   A 1 13 ? 2.531   -3.561  -0.672  1.00 30.72 ? 13   C   A N4    1 
ATOM   273  C  C5    . C   A 1 13 ? 4.632   -4.612  -0.178  1.00 31.02 ? 13   C   A C5    1 
ATOM   274  C  C6    . C   A 1 13 ? 5.260   -5.751  0.131   1.00 30.30 ? 13   C   A C6    1 
ATOM   275  P  P     . A   A 1 14 ? 7.945   -8.944  -3.309  1.00 38.99 ? 14   A   A P     1 
ATOM   276  O  OP1   . A   A 1 14 ? 8.820   -9.977  -3.923  1.00 39.75 ? 14   A   A OP1   1 
ATOM   277  O  OP2   . A   A 1 14 ? 8.288   -7.505  -3.478  1.00 39.35 ? 14   A   A OP2   1 
ATOM   278  O  "O5'" . A   A 1 14 ? 6.458   -9.088  -3.867  1.00 38.41 ? 14   A   A "O5'" 1 
ATOM   279  C  "C5'" . A   A 1 14 ? 5.806   -10.357 -3.873  1.00 40.31 ? 14   A   A "C5'" 1 
ATOM   280  C  "C4'" . A   A 1 14 ? 4.334   -10.202 -4.189  1.00 38.58 ? 14   A   A "C4'" 1 
ATOM   281  O  "O4'" . A   A 1 14 ? 3.705   -9.346  -3.205  1.00 37.17 ? 14   A   A "O4'" 1 
ATOM   282  C  "C3'" . A   A 1 14 ? 3.920   -9.549  -5.501  1.00 37.89 ? 14   A   A "C3'" 1 
ATOM   283  O  "O3'" . A   A 1 14 ? 4.015   -10.474 -6.573  1.00 39.07 ? 14   A   A "O3'" 1 
ATOM   284  C  "C2'" . A   A 1 14 ? 2.454   -9.268  -5.220  1.00 35.89 ? 14   A   A "C2'" 1 
ATOM   285  O  "O2'" . A   A 1 14 ? 1.711   -10.468 -5.282  1.00 35.56 ? 14   A   A "O2'" 1 
ATOM   286  C  "C1'" . A   A 1 14 ? 2.510   -8.818  -3.755  1.00 36.69 ? 14   A   A "C1'" 1 
ATOM   287  N  N9    . A   A 1 14 ? 2.527   -7.360  -3.634  1.00 33.86 ? 14   A   A N9    1 
ATOM   288  C  C8    . A   A 1 14 ? 3.566   -6.489  -3.407  1.00 34.97 ? 14   A   A C8    1 
ATOM   289  N  N7    . A   A 1 14 ? 3.205   -5.222  -3.425  1.00 33.49 ? 14   A   A N7    1 
ATOM   290  C  C5    . A   A 1 14 ? 1.839   -5.268  -3.669  1.00 33.17 ? 14   A   A C5    1 
ATOM   291  C  C6    . A   A 1 14 ? 0.863   -4.264  -3.826  1.00 34.15 ? 14   A   A C6    1 
ATOM   292  N  N6    . A   A 1 14 ? 1.126   -2.958  -3.762  1.00 32.14 ? 14   A   A N6    1 
ATOM   293  N  N1    . A   A 1 14 ? -0.413  -4.655  -4.060  1.00 33.64 ? 14   A   A N1    1 
ATOM   294  C  C2    . A   A 1 14 ? -0.677  -5.965  -4.137  1.00 34.84 ? 14   A   A C2    1 
ATOM   295  N  N3    . A   A 1 14 ? 0.156   -7.003  -4.012  1.00 31.63 ? 14   A   A N3    1 
ATOM   296  C  C4    . A   A 1 14 ? 1.407   -6.580  -3.780  1.00 35.20 ? 14   A   A C4    1 
ATOM   297  P  P     . C   A 1 15 ? 4.014   -9.953  -8.095  1.00 40.24 ? 15   C   A P     1 
ATOM   298  O  OP1   . C   A 1 15 ? 4.204   -11.177 -8.928  1.00 39.42 ? 15   C   A OP1   1 
ATOM   299  O  OP2   . C   A 1 15 ? 4.935   -8.809  -8.255  1.00 36.70 ? 15   C   A OP2   1 
ATOM   300  O  "O5'" . C   A 1 15 ? 2.544   -9.407  -8.357  1.00 39.79 ? 15   C   A "O5'" 1 
ATOM   301  C  "C5'" . C   A 1 15 ? 1.452   -10.313 -8.535  1.00 41.64 ? 15   C   A "C5'" 1 
ATOM   302  C  "C4'" . C   A 1 15 ? 0.150   -9.553  -8.638  1.00 41.93 ? 15   C   A "C4'" 1 
ATOM   303  O  "O4'" . C   A 1 15 ? -0.039  -8.727  -7.457  1.00 40.28 ? 15   C   A "O4'" 1 
ATOM   304  C  "C3'" . C   A 1 15 ? 0.022   -8.535  -9.756  1.00 43.11 ? 15   C   A "C3'" 1 
ATOM   305  O  "O3'" . C   A 1 15 ? -0.239  -9.143  -11.006 1.00 45.30 ? 15   C   A "O3'" 1 
ATOM   306  C  "C2'" . C   A 1 15 ? -1.192  -7.755  -9.282  1.00 40.86 ? 15   C   A "C2'" 1 
ATOM   307  O  "O2'" . C   A 1 15 ? -2.369  -8.526  -9.444  1.00 40.60 ? 15   C   A "O2'" 1 
ATOM   308  C  "C1'" . C   A 1 15 ? -0.883  -7.628  -7.788  1.00 38.95 ? 15   C   A "C1'" 1 
ATOM   309  N  N1    . C   A 1 15 ? -0.173  -6.360  -7.516  1.00 36.37 ? 15   C   A N1    1 
ATOM   310  C  C2    . C   A 1 15 ? -0.916  -5.176  -7.524  1.00 34.85 ? 15   C   A C2    1 
ATOM   311  O  O2    . C   A 1 15 ? -2.135  -5.240  -7.720  1.00 34.29 ? 15   C   A O2    1 
ATOM   312  N  N3    . C   A 1 15 ? -0.293  -3.991  -7.324  1.00 33.83 ? 15   C   A N3    1 
ATOM   313  C  C4    . C   A 1 15 ? 1.024   -3.957  -7.127  1.00 33.17 ? 15   C   A C4    1 
ATOM   314  N  N4    . C   A 1 15 ? 1.588   -2.757  -6.953  1.00 30.32 ? 15   C   A N4    1 
ATOM   315  C  C5    . C   A 1 15 ? 1.816   -5.150  -7.102  1.00 30.98 ? 15   C   A C5    1 
ATOM   316  C  C6    . C   A 1 15 ? 1.178   -6.323  -7.291  1.00 34.37 ? 15   C   A C6    1 
ATOM   317  P  P     . A   A 1 16 ? 0.239   -8.418  -12.356 1.00 45.91 ? 16   A   A P     1 
ATOM   318  O  OP1   . A   A 1 16 ? -0.016  -9.374  -13.465 1.00 48.18 ? 16   A   A OP1   1 
ATOM   319  O  OP2   . A   A 1 16 ? 1.594   -7.839  -12.184 1.00 45.24 ? 16   A   A OP2   1 
ATOM   320  O  "O5'" . A   A 1 16 ? -0.745  -7.179  -12.521 1.00 44.28 ? 16   A   A "O5'" 1 
ATOM   321  C  "C5'" . A   A 1 16 ? -2.159  -7.366  -12.571 1.00 44.69 ? 16   A   A "C5'" 1 
ATOM   322  C  "C4'" . A   A 1 16 ? -2.857  -6.031  -12.585 1.00 44.09 ? 16   A   A "C4'" 1 
ATOM   323  O  "O4'" . A   A 1 16 ? -2.610  -5.321  -11.337 1.00 42.19 ? 16   A   A "O4'" 1 
ATOM   324  C  "C3'" . A   A 1 16 ? -2.398  -5.029  -13.632 1.00 44.21 ? 16   A   A "C3'" 1 
ATOM   325  O  "O3'" . A   A 1 16 ? -2.933  -5.306  -14.924 1.00 46.57 ? 16   A   A "O3'" 1 
ATOM   326  C  "C2'" . A   A 1 16 ? -2.980  -3.740  -13.075 1.00 42.98 ? 16   A   A "C2'" 1 
ATOM   327  O  "O2'" . A   A 1 16 ? -4.375  -3.675  -13.306 1.00 41.88 ? 16   A   A "O2'" 1 
ATOM   328  C  "C1'" . A   A 1 16 ? -2.724  -3.923  -11.575 1.00 41.04 ? 16   A   A "C1'" 1 
ATOM   329  N  N9    . A   A 1 16 ? -1.490  -3.263  -11.149 1.00 38.71 ? 16   A   A N9    1 
ATOM   330  C  C8    . A   A 1 16 ? -0.280  -3.827  -10.840 1.00 38.14 ? 16   A   A C8    1 
ATOM   331  N  N7    . A   A 1 16 ? 0.640   -2.953  -10.499 1.00 35.82 ? 16   A   A N7    1 
ATOM   332  C  C5    . A   A 1 16 ? -0.012  -1.730  -10.583 1.00 35.37 ? 16   A   A C5    1 
ATOM   333  C  C6    . A   A 1 16 ? 0.410   -0.404  -10.335 1.00 34.81 ? 16   A   A C6    1 
ATOM   334  N  N6    . A   A 1 16 ? 1.649   -0.069  -9.933  1.00 30.92 ? 16   A   A N6    1 
ATOM   335  N  N1    . A   A 1 16 ? -0.494  0.582   -10.512 1.00 33.66 ? 16   A   A N1    1 
ATOM   336  C  C2    . A   A 1 16 ? -1.730  0.254   -10.904 1.00 36.04 ? 16   A   A C2    1 
ATOM   337  N  N3    . A   A 1 16 ? -2.246  -0.949  -11.162 1.00 35.89 ? 16   A   A N3    1 
ATOM   338  C  C4    . A   A 1 16 ? -1.325  -1.907  -10.984 1.00 36.51 ? 16   A   A C4    1 
ATOM   339  P  P     . C   A 1 17 ? -2.127  -4.837  -16.236 1.00 46.78 ? 17   C   A P     1 
ATOM   340  O  OP1   . C   A 1 17 ? -2.892  -5.302  -17.423 1.00 49.88 ? 17   C   A OP1   1 
ATOM   341  O  OP2   . C   A 1 17 ? -0.704  -5.236  -16.080 1.00 47.00 ? 17   C   A OP2   1 
ATOM   342  O  "O5'" . C   A 1 17 ? -2.194  -3.249  -16.197 1.00 46.99 ? 17   C   A "O5'" 1 
ATOM   343  C  "C5'" . C   A 1 17 ? -3.435  -2.562  -16.418 1.00 45.91 ? 17   C   A "C5'" 1 
ATOM   344  C  "C4'" . C   A 1 17 ? -3.239  -1.071  -16.279 1.00 44.59 ? 17   C   A "C4'" 1 
ATOM   345  O  "O4'" . C   A 1 17 ? -2.815  -0.759  -14.926 1.00 43.74 ? 17   C   A "O4'" 1 
ATOM   346  C  "C3'" . C   A 1 17 ? -2.162  -0.448  -17.146 1.00 43.84 ? 17   C   A "C3'" 1 
ATOM   347  O  "O3'" . C   A 1 17 ? -2.616  -0.228  -18.480 1.00 45.43 ? 17   C   A "O3'" 1 
ATOM   348  C  "C2'" . C   A 1 17 ? -1.884  0.848   -16.397 1.00 43.12 ? 17   C   A "C2'" 1 
ATOM   349  O  "O2'" . C   A 1 17 ? -2.914  1.806   -16.585 1.00 41.97 ? 17   C   A "O2'" 1 
ATOM   350  C  "C1'" . C   A 1 17 ? -1.939  0.359   -14.950 1.00 41.36 ? 17   C   A "C1'" 1 
ATOM   351  N  N1    . C   A 1 17 ? -0.631  -0.071  -14.427 1.00 37.68 ? 17   C   A N1    1 
ATOM   352  C  C2    . C   A 1 17 ? 0.273   0.900   -14.000 1.00 36.67 ? 17   C   A C2    1 
ATOM   353  O  O2    . C   A 1 17 ? -0.051  2.087   -14.090 1.00 34.66 ? 17   C   A O2    1 
ATOM   354  N  N3    . C   A 1 17 ? 1.473   0.523   -13.497 1.00 34.85 ? 17   C   A N3    1 
ATOM   355  C  C4    . C   A 1 17 ? 1.774   -0.771  -13.399 1.00 36.89 ? 17   C   A C4    1 
ATOM   356  N  N4    . C   A 1 17 ? 2.944   -1.105  -12.842 1.00 34.50 ? 17   C   A N4    1 
ATOM   357  C  C5    . C   A 1 17 ? 0.879   -1.788  -13.855 1.00 36.05 ? 17   C   A C5    1 
ATOM   358  C  C6    . C   A 1 17 ? -0.304  -1.394  -14.351 1.00 36.65 ? 17   C   A C6    1 
ATOM   359  P  P     . A   A 1 18 ? -1.576  -0.317  -19.701 1.00 47.00 ? 18   A   A P     1 
ATOM   360  O  OP1   . A   A 1 18 ? -2.359  -0.251  -20.976 1.00 49.25 ? 18   A   A OP1   1 
ATOM   361  O  OP2   . A   A 1 18 ? -0.666  -1.465  -19.458 1.00 45.87 ? 18   A   A OP2   1 
ATOM   362  O  "O5'" . A   A 1 18 ? -0.724  1.022   -19.596 1.00 44.37 ? 18   A   A "O5'" 1 
ATOM   363  C  "C5'" . A   A 1 18 ? -1.338  2.301   -19.830 1.00 44.38 ? 18   A   A "C5'" 1 
ATOM   364  C  "C4'" . A   A 1 18 ? -0.360  3.411   -19.538 1.00 42.87 ? 18   A   A "C4'" 1 
ATOM   365  O  "O4'" . A   A 1 18 ? 0.041   3.331   -18.145 1.00 40.75 ? 18   A   A "O4'" 1 
ATOM   366  C  "C3'" . A   A 1 18 ? 0.960   3.382   -20.295 1.00 43.79 ? 18   A   A "C3'" 1 
ATOM   367  O  "O3'" . A   A 1 18 ? 0.847   3.940   -21.606 1.00 44.84 ? 18   A   A "O3'" 1 
ATOM   368  C  "C2'" . A   A 1 18 ? 1.856   4.220   -19.390 1.00 43.14 ? 18   A   A "C2'" 1 
ATOM   369  O  "O2'" . A   A 1 18 ? 1.619   5.610   -19.514 1.00 44.91 ? 18   A   A "O2'" 1 
ATOM   370  C  "C1'" . A   A 1 18 ? 1.379   3.779   -18.008 1.00 39.43 ? 18   A   A "C1'" 1 
ATOM   371  N  N9    . A   A 1 18 ? 2.164   2.690   -17.429 1.00 35.84 ? 18   A   A N9    1 
ATOM   372  C  C8    . A   A 1 18 ? 1.800   1.375   -17.347 1.00 35.62 ? 18   A   A C8    1 
ATOM   373  N  N7    . A   A 1 18 ? 2.677   0.620   -16.733 1.00 33.78 ? 18   A   A N7    1 
ATOM   374  C  C5    . A   A 1 18 ? 3.695   1.496   -16.401 1.00 32.95 ? 18   A   A C5    1 
ATOM   375  C  C6    . A   A 1 18 ? 4.914   1.311   -15.718 1.00 30.17 ? 18   A   A C6    1 
ATOM   376  N  N6    . A   A 1 18 ? 5.310   0.133   -15.218 1.00 28.77 ? 18   A   A N6    1 
ATOM   377  N  N1    . A   A 1 18 ? 5.709   2.386   -15.553 1.00 29.18 ? 18   A   A N1    1 
ATOM   378  C  C2    . A   A 1 18 ? 5.289   3.574   -16.028 1.00 31.67 ? 18   A   A C2    1 
ATOM   379  N  N3    . A   A 1 18 ? 4.159   3.871   -16.678 1.00 33.19 ? 18   A   A N3    1 
ATOM   380  C  C4    . A   A 1 18 ? 3.401   2.777   -16.833 1.00 32.99 ? 18   A   A C4    1 
ATOM   381  P  P     . G   A 1 19 ? 1.844   3.451   -22.773 1.00 45.46 ? 19   G   A P     1 
ATOM   382  O  OP1   . G   A 1 19 ? 1.391   4.034   -24.070 1.00 47.43 ? 19   G   A OP1   1 
ATOM   383  O  OP2   . G   A 1 19 ? 2.002   1.986   -22.644 1.00 45.36 ? 19   G   A OP2   1 
ATOM   384  O  "O5'" . G   A 1 19 ? 3.231   4.132   -22.416 1.00 44.42 ? 19   G   A "O5'" 1 
ATOM   385  C  "C5'" . G   A 1 19 ? 3.361   5.558   -22.447 1.00 45.48 ? 19   G   A "C5'" 1 
ATOM   386  C  "C4'" . G   A 1 19 ? 4.696   5.969   -21.888 1.00 44.78 ? 19   G   A "C4'" 1 
ATOM   387  O  "O4'" . G   A 1 19 ? 4.736   5.655   -20.473 1.00 43.74 ? 19   G   A "O4'" 1 
ATOM   388  C  "C3'" . G   A 1 19 ? 5.894   5.229   -22.457 1.00 45.58 ? 19   G   A "C3'" 1 
ATOM   389  O  "O3'" . G   A 1 19 ? 6.308   5.771   -23.705 1.00 46.81 ? 19   G   A "O3'" 1 
ATOM   390  C  "C2'" . G   A 1 19 ? 6.927   5.441   -21.363 1.00 43.79 ? 19   G   A "C2'" 1 
ATOM   391  O  "O2'" . G   A 1 19 ? 7.490   6.735   -21.391 1.00 46.19 ? 19   G   A "O2'" 1 
ATOM   392  C  "C1'" . G   A 1 19 ? 6.057   5.285   -20.115 1.00 41.78 ? 19   G   A "C1'" 1 
ATOM   393  N  N9    . G   A 1 19 ? 6.035   3.897   -19.676 1.00 37.89 ? 19   G   A N9    1 
ATOM   394  C  C8    . G   A 1 19 ? 5.104   2.932   -19.976 1.00 35.96 ? 19   G   A C8    1 
ATOM   395  N  N7    . G   A 1 19 ? 5.377   1.772   -19.437 1.00 35.17 ? 19   G   A N7    1 
ATOM   396  C  C5    . G   A 1 19 ? 6.554   1.994   -18.736 1.00 34.79 ? 19   G   A C5    1 
ATOM   397  C  C6    . G   A 1 19 ? 7.333   1.111   -17.940 1.00 33.02 ? 19   G   A C6    1 
ATOM   398  O  O6    . G   A 1 19 ? 7.122   -0.086  -17.678 1.00 34.52 ? 19   G   A O6    1 
ATOM   399  N  N1    . G   A 1 19 ? 8.449   1.750   -17.429 1.00 32.90 ? 19   G   A N1    1 
ATOM   400  C  C2    . G   A 1 19 ? 8.777   3.068   -17.647 1.00 30.46 ? 19   G   A C2    1 
ATOM   401  N  N2    . G   A 1 19 ? 9.900   3.508   -17.081 1.00 30.64 ? 19   G   A N2    1 
ATOM   402  N  N3    . G   A 1 19 ? 8.057   3.895   -18.369 1.00 31.41 ? 19   G   A N3    1 
ATOM   403  C  C4    . G   A 1 19 ? 6.969   3.297   -18.880 1.00 34.42 ? 19   G   A C4    1 
ATOM   404  P  P     . C   A 1 20 ? 7.037   4.829   -24.786 1.00 48.78 ? 20   C   A P     1 
ATOM   405  O  OP1   . C   A 1 20 ? 7.240   5.647   -26.011 1.00 49.31 ? 20   C   A OP1   1 
ATOM   406  O  OP2   . C   A 1 20 ? 6.309   3.531   -24.876 1.00 47.98 ? 20   C   A OP2   1 
ATOM   407  O  "O5'" . C   A 1 20 ? 8.468   4.560   -24.152 1.00 46.34 ? 20   C   A "O5'" 1 
ATOM   408  C  "C5'" . C   A 1 20 ? 9.397   5.635   -23.976 1.00 43.81 ? 20   C   A "C5'" 1 
ATOM   409  C  "C4'" . C   A 1 20 ? 10.563  5.181   -23.141 1.00 42.86 ? 20   C   A "C4'" 1 
ATOM   410  O  "O4'" . C   A 1 20 ? 10.070  4.705   -21.865 1.00 41.76 ? 20   C   A "O4'" 1 
ATOM   411  C  "C3'" . C   A 1 20 ? 11.335  3.988   -23.674 1.00 42.39 ? 20   C   A "C3'" 1 
ATOM   412  O  "O3'" . C   A 1 20 ? 12.265  4.355   -24.677 1.00 44.80 ? 20   C   A "O3'" 1 
ATOM   413  C  "C2'" . C   A 1 20 ? 12.026  3.485   -22.419 1.00 40.95 ? 20   C   A "C2'" 1 
ATOM   414  O  "O2'" . C   A 1 20 ? 13.122  4.299   -22.062 1.00 41.95 ? 20   C   A "O2'" 1 
ATOM   415  C  "C1'" . C   A 1 20 ? 10.918  3.673   -21.385 1.00 40.31 ? 20   C   A "C1'" 1 
ATOM   416  N  N1    . C   A 1 20 ? 10.114  2.460   -21.200 1.00 37.21 ? 20   C   A N1    1 
ATOM   417  C  C2    . C   A 1 20 ? 10.578  1.486   -20.321 1.00 35.93 ? 20   C   A C2    1 
ATOM   418  O  O2    . C   A 1 20 ? 11.663  1.665   -19.762 1.00 36.74 ? 20   C   A O2    1 
ATOM   419  N  N3    . C   A 1 20 ? 9.838   0.380   -20.109 1.00 33.86 ? 20   C   A N3    1 
ATOM   420  C  C4    . C   A 1 20 ? 8.677   0.223   -20.744 1.00 34.64 ? 20   C   A C4    1 
ATOM   421  N  N4    . C   A 1 20 ? 7.964   -0.877  -20.483 1.00 33.06 ? 20   C   A N4    1 
ATOM   422  C  C5    . C   A 1 20 ? 8.190   1.189   -21.669 1.00 35.04 ? 20   C   A C5    1 
ATOM   423  C  C6    . C   A 1 20 ? 8.934   2.284   -21.866 1.00 35.68 ? 20   C   A C6    1 
ATOM   424  P  P     . A   A 1 21 ? 12.745  3.254   -25.744 1.00 44.06 ? 21   A   A P     1 
ATOM   425  O  OP1   . A   A 1 21 ? 13.512  3.962   -26.805 1.00 47.27 ? 21   A   A OP1   1 
ATOM   426  O  OP2   . A   A 1 21 ? 11.562  2.436   -26.118 1.00 44.96 ? 21   A   A OP2   1 
ATOM   427  O  "O5'" . A   A 1 21 ? 13.741  2.331   -24.917 1.00 42.66 ? 21   A   A "O5'" 1 
ATOM   428  C  "C5'" . A   A 1 21 ? 14.979  2.853   -24.407 1.00 41.88 ? 21   A   A "C5'" 1 
ATOM   429  C  "C4'" . A   A 1 21 ? 15.662  1.816   -23.548 1.00 40.54 ? 21   A   A "C4'" 1 
ATOM   430  O  "O4'" . A   A 1 21 ? 14.797  1.481   -22.427 1.00 41.45 ? 21   A   A "O4'" 1 
ATOM   431  C  "C3'" . A   A 1 21 ? 15.927  0.476   -24.216 1.00 40.24 ? 21   A   A "C3'" 1 
ATOM   432  O  "O3'" . A   A 1 21 ? 17.130  0.514   -24.982 1.00 41.79 ? 21   A   A "O3'" 1 
ATOM   433  C  "C2'" . A   A 1 21 ? 16.039  -0.455  -23.018 1.00 39.31 ? 21   A   A "C2'" 1 
ATOM   434  O  "O2'" . A   A 1 21 ? 17.272  -0.317  -22.346 1.00 40.80 ? 21   A   A "O2'" 1 
ATOM   435  C  "C1'" . A   A 1 21 ? 14.945  0.105   -22.107 1.00 39.24 ? 21   A   A "C1'" 1 
ATOM   436  N  N9    . A   A 1 21 ? 13.639  -0.541  -22.269 1.00 37.80 ? 21   A   A N9    1 
ATOM   437  C  C8    . A   A 1 21 ? 12.545  -0.059  -22.946 1.00 37.19 ? 21   A   A C8    1 
ATOM   438  N  N7    . A   A 1 21 ? 11.487  -0.830  -22.859 1.00 38.03 ? 21   A   A N7    1 
ATOM   439  C  C5    . A   A 1 21 ? 11.917  -1.898  -22.086 1.00 36.19 ? 21   A   A C5    1 
ATOM   440  C  C6    . A   A 1 21 ? 11.254  -3.044  -21.606 1.00 36.41 ? 21   A   A C6    1 
ATOM   441  N  N6    . A   A 1 21 ? 9.959   -3.302  -21.836 1.00 34.80 ? 21   A   A N6    1 
ATOM   442  N  N1    . A   A 1 21 ? 11.967  -3.919  -20.866 1.00 35.80 ? 21   A   A N1    1 
ATOM   443  C  C2    . A   A 1 21 ? 13.254  -3.641  -20.611 1.00 36.23 ? 21   A   A C2    1 
ATOM   444  N  N3    . A   A 1 21 ? 13.983  -2.588  -20.989 1.00 37.80 ? 21   A   A N3    1 
ATOM   445  C  C4    . A   A 1 21 ? 13.246  -1.745  -21.733 1.00 36.76 ? 21   A   A C4    1 
ATOM   446  P  P     . A   A 1 22 ? 17.290  -0.444  -26.262 1.00 42.91 ? 22   A   A P     1 
ATOM   447  O  OP1   . A   A 1 22 ? 18.553  -0.021  -26.928 1.00 42.93 ? 22   A   A OP1   1 
ATOM   448  O  OP2   . A   A 1 22 ? 16.025  -0.471  -27.036 1.00 40.06 ? 22   A   A OP2   1 
ATOM   449  O  "O5'" . A   A 1 22 ? 17.488  -1.899  -25.640 1.00 41.66 ? 22   A   A "O5'" 1 
ATOM   450  C  "C5'" . A   A 1 22 ? 18.733  -2.287  -25.047 1.00 40.69 ? 22   A   A "C5'" 1 
ATOM   451  C  "C4'" . A   A 1 22 ? 18.632  -3.697  -24.514 1.00 40.61 ? 22   A   A "C4'" 1 
ATOM   452  O  "O4'" . A   A 1 22 ? 17.607  -3.736  -23.486 1.00 38.96 ? 22   A   A "O4'" 1 
ATOM   453  C  "C3'" . A   A 1 22 ? 18.176  -4.735  -25.522 1.00 38.17 ? 22   A   A "C3'" 1 
ATOM   454  O  "O3'" . A   A 1 22 ? 19.248  -5.202  -26.331 1.00 38.92 ? 22   A   A "O3'" 1 
ATOM   455  C  "C2'" . A   A 1 22 ? 17.596  -5.818  -24.629 1.00 38.61 ? 22   A   A "C2'" 1 
ATOM   456  O  "O2'" . A   A 1 22 ? 18.583  -6.656  -24.052 1.00 37.77 ? 22   A   A "O2'" 1 
ATOM   457  C  "C1'" . A   A 1 22 ? 16.921  -4.971  -23.545 1.00 37.73 ? 22   A   A "C1'" 1 
ATOM   458  N  N9    . A   A 1 22 ? 15.525  -4.695  -23.863 1.00 36.91 ? 22   A   A N9    1 
ATOM   459  C  C8    . A   A 1 22 ? 14.992  -3.648  -24.578 1.00 36.64 ? 22   A   A C8    1 
ATOM   460  N  N7    . A   A 1 22 ? 13.687  -3.715  -24.719 1.00 34.16 ? 22   A   A N7    1 
ATOM   461  C  C5    . A   A 1 22 ? 13.343  -4.880  -24.048 1.00 35.88 ? 22   A   A C5    1 
ATOM   462  C  C6    . A   A 1 22 ? 12.111  -5.521  -23.838 1.00 36.29 ? 22   A   A C6    1 
ATOM   463  N  N6    . A   A 1 22 ? 10.942  -5.066  -24.317 1.00 35.51 ? 22   A   A N6    1 
ATOM   464  N  N1    . A   A 1 22 ? 12.117  -6.665  -23.119 1.00 36.42 ? 22   A   A N1    1 
ATOM   465  C  C2    . A   A 1 22 ? 13.287  -7.134  -22.657 1.00 37.92 ? 22   A   A C2    1 
ATOM   466  N  N3    . A   A 1 22 ? 14.511  -6.623  -22.794 1.00 36.54 ? 22   A   A N3    1 
ATOM   467  C  C4    . A   A 1 22 ? 14.464  -5.484  -23.506 1.00 35.52 ? 22   A   A C4    1 
ATOM   468  P  P     . G   A 1 23 ? 18.963  -5.604  -27.855 1.00 40.93 ? 23   G   A P     1 
ATOM   469  O  OP1   . G   A 1 23 ? 20.292  -5.833  -28.497 1.00 41.23 ? 23   G   A OP1   1 
ATOM   470  O  OP2   . G   A 1 23 ? 18.028  -4.614  -28.437 1.00 39.80 ? 23   G   A OP2   1 
ATOM   471  O  "O5'" . G   A 1 23 ? 18.204  -6.998  -27.740 1.00 35.97 ? 23   G   A "O5'" 1 
ATOM   472  C  "C5'" . G   A 1 23 ? 18.856  -8.123  -27.128 1.00 35.68 ? 23   G   A "C5'" 1 
ATOM   473  C  "C4'" . G   A 1 23 ? 17.877  -9.242  -26.904 1.00 34.15 ? 23   G   A "C4'" 1 
ATOM   474  O  "O4'" . G   A 1 23 ? 16.903  -8.844  -25.910 1.00 31.79 ? 23   G   A "O4'" 1 
ATOM   475  C  "C3'" . G   A 1 23 ? 17.027  -9.662  -28.090 1.00 33.51 ? 23   G   A "C3'" 1 
ATOM   476  O  "O3'" . G   A 1 23 ? 17.717  -10.443 -29.068 1.00 35.08 ? 23   G   A "O3'" 1 
ATOM   477  C  "C2'" . G   A 1 23 ? 15.887  -10.397 -27.398 1.00 34.09 ? 23   G   A "C2'" 1 
ATOM   478  O  "O2'" . G   A 1 23 ? 16.261  -11.697 -26.988 1.00 36.08 ? 23   G   A "O2'" 1 
ATOM   479  C  "C1'" . G   A 1 23 ? 15.679  -9.507  -26.168 1.00 33.12 ? 23   G   A "C1'" 1 
ATOM   480  N  N9    . G   A 1 23 ? 14.673  -8.487  -26.434 1.00 33.44 ? 23   G   A N9    1 
ATOM   481  C  C8    . G   A 1 23 ? 14.873  -7.218  -26.920 1.00 34.14 ? 23   G   A C8    1 
ATOM   482  N  N7    . G   A 1 23 ? 13.761  -6.551  -27.074 1.00 33.13 ? 23   G   A N7    1 
ATOM   483  C  C5    . G   A 1 23 ? 12.775  -7.433  -26.650 1.00 34.74 ? 23   G   A C5    1 
ATOM   484  C  C6    . G   A 1 23 ? 11.367  -7.274  -26.579 1.00 35.82 ? 23   G   A C6    1 
ATOM   485  O  O6    . G   A 1 23 ? 10.691  -6.288  -26.875 1.00 36.70 ? 23   G   A O6    1 
ATOM   486  N  N1    . G   A 1 23 ? 10.746  -8.427  -26.101 1.00 34.71 ? 23   G   A N1    1 
ATOM   487  C  C2    . G   A 1 23 ? 11.394  -9.577  -25.734 1.00 34.75 ? 23   G   A C2    1 
ATOM   488  N  N2    . G   A 1 23 ? 10.619  -10.588 -25.304 1.00 34.57 ? 23   G   A N2    1 
ATOM   489  N  N3    . G   A 1 23 ? 12.707  -9.733  -25.787 1.00 33.51 ? 23   G   A N3    1 
ATOM   490  C  C4    . G   A 1 23 ? 13.326  -8.628  -26.255 1.00 33.89 ? 23   G   A C4    1 
ATOM   491  O  "O5'" . C   B 1 1  ? 1.448   0.687   24.971  1.00 40.26 ? 1    C   B "O5'" 1 
ATOM   492  C  "C5'" . C   B 1 1  ? 2.321   -0.276  25.562  1.00 37.57 ? 1    C   B "C5'" 1 
ATOM   493  C  "C4'" . C   B 1 1  ? 1.561   -1.409  26.204  1.00 35.33 ? 1    C   B "C4'" 1 
ATOM   494  O  "O4'" . C   B 1 1  ? 0.881   -0.949  27.404  1.00 35.57 ? 1    C   B "O4'" 1 
ATOM   495  C  "C3'" . C   B 1 1  ? 0.451   -2.023  25.368  1.00 35.67 ? 1    C   B "C3'" 1 
ATOM   496  O  "O3'" . C   B 1 1  ? 0.979   -2.955  24.434  1.00 34.07 ? 1    C   B "O3'" 1 
ATOM   497  C  "C2'" . C   B 1 1  ? -0.394  -2.706  26.437  1.00 33.52 ? 1    C   B "C2'" 1 
ATOM   498  O  "O2'" . C   B 1 1  ? 0.204   -3.910  26.879  1.00 32.68 ? 1    C   B "O2'" 1 
ATOM   499  C  "C1'" . C   B 1 1  ? -0.325  -1.677  27.571  1.00 33.85 ? 1    C   B "C1'" 1 
ATOM   500  N  N1    . C   B 1 1  ? -1.461  -0.738  27.556  1.00 34.00 ? 1    C   B N1    1 
ATOM   501  C  C2    . C   B 1 1  ? -2.723  -1.225  27.918  1.00 34.10 ? 1    C   B C2    1 
ATOM   502  O  O2    . C   B 1 1  ? -2.825  -2.411  28.278  1.00 31.61 ? 1    C   B O2    1 
ATOM   503  N  N3    . C   B 1 1  ? -3.800  -0.399  27.869  1.00 32.26 ? 1    C   B N3    1 
ATOM   504  C  C4    . C   B 1 1  ? -3.647  0.867   27.484  1.00 35.69 ? 1    C   B C4    1 
ATOM   505  N  N4    . C   B 1 1  ? -4.750  1.635   27.424  1.00 36.39 ? 1    C   B N4    1 
ATOM   506  C  C5    . C   B 1 1  ? -2.363  1.404   27.136  1.00 34.88 ? 1    C   B C5    1 
ATOM   507  C  C6    . C   B 1 1  ? -1.307  0.572   27.188  1.00 35.09 ? 1    C   B C6    1 
ATOM   508  P  P     . U   B 1 2  ? 0.552   -2.873  22.884  1.00 36.58 ? 2    U   B P     1 
ATOM   509  O  OP1   . U   B 1 2  ? 1.590   -3.648  22.133  1.00 36.21 ? 2    U   B OP1   1 
ATOM   510  O  OP2   . U   B 1 2  ? 0.279   -1.460  22.518  1.00 33.09 ? 2    U   B OP2   1 
ATOM   511  O  "O5'" . U   B 1 2  ? -0.813  -3.680  22.805  1.00 32.66 ? 2    U   B "O5'" 1 
ATOM   512  C  "C5'" . U   B 1 2  ? -0.826  -5.108  23.021  1.00 33.94 ? 2    U   B "C5'" 1 
ATOM   513  C  "C4'" . U   B 1 2  ? -2.210  -5.575  23.402  1.00 34.36 ? 2    U   B "C4'" 1 
ATOM   514  O  "O4'" . U   B 1 2  ? -2.627  -4.897  24.611  1.00 34.58 ? 2    U   B "O4'" 1 
ATOM   515  C  "C3'" . U   B 1 2  ? -3.328  -5.288  22.417  1.00 34.62 ? 2    U   B "C3'" 1 
ATOM   516  O  "O3'" . U   B 1 2  ? -3.348  -6.273  21.396  1.00 33.19 ? 2    U   B "O3'" 1 
ATOM   517  C  "C2'" . U   B 1 2  ? -4.546  -5.392  23.321  1.00 34.95 ? 2    U   B "C2'" 1 
ATOM   518  O  "O2'" . U   B 1 2  ? -4.804  -6.743  23.638  1.00 38.73 ? 2    U   B "O2'" 1 
ATOM   519  C  "C1'" . U   B 1 2  ? -4.034  -4.702  24.584  1.00 34.16 ? 2    U   B "C1'" 1 
ATOM   520  N  N1    . U   B 1 2  ? -4.294  -3.256  24.591  1.00 32.98 ? 2    U   B N1    1 
ATOM   521  C  C2    . U   B 1 2  ? -5.606  -2.838  24.756  1.00 33.30 ? 2    U   B C2    1 
ATOM   522  O  O2    . U   B 1 2  ? -6.528  -3.618  24.923  1.00 33.96 ? 2    U   B O2    1 
ATOM   523  N  N3    . U   B 1 2  ? -5.792  -1.479  24.729  1.00 32.93 ? 2    U   B N3    1 
ATOM   524  C  C4    . U   B 1 2  ? -4.819  -0.509  24.574  1.00 34.81 ? 2    U   B C4    1 
ATOM   525  O  O4    . U   B 1 2  ? -5.147  0.676   24.546  1.00 36.08 ? 2    U   B O4    1 
ATOM   526  C  C5    . U   B 1 2  ? -3.487  -1.015  24.428  1.00 32.95 ? 2    U   B C5    1 
ATOM   527  C  C6    . U   B 1 2  ? -3.276  -2.340  24.439  1.00 31.31 ? 2    U   B C6    1 
HETATM 528  P  P     . 5BU B 1 3  ? -3.952  -5.919  19.951  1.00 36.52 ? 3    5BU B P     1 
HETATM 529  O  OP1   . 5BU B 1 3  ? -3.676  -7.116  19.107  1.00 34.73 ? 3    5BU B OP1   1 
HETATM 530  O  OP2   . 5BU B 1 3  ? -3.504  -4.581  19.501  1.00 34.43 ? 3    5BU B OP2   1 
HETATM 531  O  "O5'" . 5BU B 1 3  ? -5.516  -5.824  20.220  1.00 35.75 ? 3    5BU B "O5'" 1 
HETATM 532  C  "C5'" . 5BU B 1 3  ? -6.261  -6.994  20.583  1.00 38.40 ? 3    5BU B "C5'" 1 
HETATM 533  C  "C4'" . 5BU B 1 3  ? -7.719  -6.658  20.738  1.00 40.55 ? 3    5BU B "C4'" 1 
HETATM 534  O  "O4'" . 5BU B 1 3  ? -7.898  -5.742  21.853  1.00 41.39 ? 3    5BU B "O4'" 1 
HETATM 535  C  "C3'" . 5BU B 1 3  ? -8.354  -5.922  19.573  1.00 41.65 ? 3    5BU B "C3'" 1 
HETATM 536  O  "O3'" . 5BU B 1 3  ? -8.672  -6.792  18.493  1.00 45.36 ? 3    5BU B "O3'" 1 
HETATM 537  C  "C2'" . 5BU B 1 3  ? -9.580  -5.310  20.236  1.00 41.31 ? 3    5BU B "C2'" 1 
HETATM 538  O  "O2'" . 5BU B 1 3  ? -10.602 -6.249  20.480  1.00 42.01 ? 3    5BU B "O2'" 1 
HETATM 539  C  "C1'" . 5BU B 1 3  ? -8.997  -4.892  21.586  1.00 41.17 ? 3    5BU B "C1'" 1 
HETATM 540  N  N1    . 5BU B 1 3  ? -8.514  -3.509  21.583  1.00 38.92 ? 3    5BU B N1    1 
HETATM 541  C  C2    . 5BU B 1 3  ? -9.460  -2.509  21.660  1.00 39.72 ? 3    5BU B C2    1 
HETATM 542  O  O2    . 5BU B 1 3  ? -10.667 -2.735  21.708  1.00 41.31 ? 3    5BU B O2    1 
HETATM 543  N  N3    . 5BU B 1 3  ? -8.950  -1.240  21.675  1.00 38.27 ? 3    5BU B N3    1 
HETATM 544  C  C4    . 5BU B 1 3  ? -7.614  -0.883  21.616  1.00 35.13 ? 3    5BU B C4    1 
HETATM 545  O  O4    . 5BU B 1 3  ? -7.305  0.301   21.676  1.00 35.25 ? 3    5BU B O4    1 
HETATM 546  C  C5    . 5BU B 1 3  ? -6.705  -1.979  21.526  1.00 35.64 ? 3    5BU B C5    1 
HETATM 547  C  C6    . 5BU B 1 3  ? -7.176  -3.223  21.513  1.00 37.85 ? 3    5BU B C6    1 
HETATM 548  BR BR    . 5BU B 1 3  ? -4.864  -1.664  21.101  0.50 42.56 ? 3    5BU B BR    1 
ATOM   549  P  P     . G   B 1 4  ? -8.771  -6.201  17.001  1.00 47.71 ? 4    G   B P     1 
ATOM   550  O  OP1   . G   B 1 4  ? -9.112  -7.324  16.098  1.00 47.81 ? 4    G   B OP1   1 
ATOM   551  O  OP2   . G   B 1 4  ? -7.575  -5.365  16.727  1.00 47.89 ? 4    G   B OP2   1 
ATOM   552  O  "O5'" . G   B 1 4  ? -10.033 -5.229  17.049  1.00 49.26 ? 4    G   B "O5'" 1 
ATOM   553  C  "C5'" . G   B 1 4  ? -11.358 -5.763  17.234  1.00 51.63 ? 4    G   B "C5'" 1 
ATOM   554  C  "C4'" . G   B 1 4  ? -12.374 -4.649  17.315  1.00 52.85 ? 4    G   B "C4'" 1 
ATOM   555  O  "O4'" . G   B 1 4  ? -12.074 -3.797  18.448  1.00 52.39 ? 4    G   B "O4'" 1 
ATOM   556  C  "C3'" . G   B 1 4  ? -12.425 -3.689  16.143  1.00 54.61 ? 4    G   B "C3'" 1 
ATOM   557  O  "O3'" . G   B 1 4  ? -13.189 -4.243  15.078  1.00 58.32 ? 4    G   B "O3'" 1 
ATOM   558  C  "C2'" . G   B 1 4  ? -13.107 -2.482  16.770  1.00 54.13 ? 4    G   B "C2'" 1 
ATOM   559  O  "O2'" . G   B 1 4  ? -14.491 -2.708  16.946  1.00 55.48 ? 4    G   B "O2'" 1 
ATOM   560  C  "C1'" . G   B 1 4  ? -12.470 -2.468  18.160  1.00 52.08 ? 4    G   B "C1'" 1 
ATOM   561  N  N9    . G   B 1 4  ? -11.302 -1.600  18.292  1.00 51.00 ? 4    G   B N9    1 
ATOM   562  C  C8    . G   B 1 4  ? -9.980  -1.976  18.254  1.00 49.60 ? 4    G   B C8    1 
ATOM   563  N  N7    . G   B 1 4  ? -9.159  -0.978  18.452  1.00 48.41 ? 4    G   B N7    1 
ATOM   564  C  C5    . G   B 1 4  ? -9.989  0.121   18.618  1.00 49.78 ? 4    G   B C5    1 
ATOM   565  C  C6    . G   B 1 4  ? -9.675  1.479   18.876  1.00 49.47 ? 4    G   B C6    1 
ATOM   566  O  O6    . G   B 1 4  ? -8.569  1.998   19.029  1.00 51.52 ? 4    G   B O6    1 
ATOM   567  N  N1    . G   B 1 4  ? -10.821 2.259   18.964  1.00 51.30 ? 4    G   B N1    1 
ATOM   568  C  C2    . G   B 1 4  ? -12.107 1.796   18.833  1.00 49.96 ? 4    G   B C2    1 
ATOM   569  N  N2    . G   B 1 4  ? -13.084 2.709   18.960  1.00 51.54 ? 4    G   B N2    1 
ATOM   570  N  N3    . G   B 1 4  ? -12.415 0.533   18.599  1.00 49.69 ? 4    G   B N3    1 
ATOM   571  C  C4    . G   B 1 4  ? -11.316 -0.243  18.507  1.00 49.77 ? 4    G   B C4    1 
ATOM   572  P  P     . C   B 1 5  ? -12.950 -3.735  13.570  1.00 61.27 ? 5    C   B P     1 
ATOM   573  O  OP1   . C   B 1 5  ? -13.761 -4.593  12.676  1.00 60.99 ? 5    C   B OP1   1 
ATOM   574  O  OP2   . C   B 1 5  ? -11.483 -3.594  13.325  1.00 60.44 ? 5    C   B OP2   1 
ATOM   575  O  "O5'" . C   B 1 5  ? -13.572 -2.270  13.564  1.00 60.91 ? 5    C   B "O5'" 1 
ATOM   576  C  "C5'" . C   B 1 5  ? -14.980 -2.069  13.723  1.00 60.81 ? 5    C   B "C5'" 1 
ATOM   577  C  "C4'" . C   B 1 5  ? -15.293 -0.603  13.633  1.00 61.09 ? 5    C   B "C4'" 1 
ATOM   578  O  "O4'" . C   B 1 5  ? -14.820 0.082   14.825  1.00 60.17 ? 5    C   B "O4'" 1 
ATOM   579  C  "C3'" . C   B 1 5  ? -14.584 0.120   12.504  1.00 62.40 ? 5    C   B "C3'" 1 
ATOM   580  O  "O3'" . C   B 1 5  ? -15.208 -0.089  11.246  1.00 64.13 ? 5    C   B "O3'" 1 
ATOM   581  C  "C2'" . C   B 1 5  ? -14.640 1.564   12.982  1.00 61.18 ? 5    C   B "C2'" 1 
ATOM   582  O  "O2'" . C   B 1 5  ? -15.925 2.126   12.808  1.00 62.29 ? 5    C   B "O2'" 1 
ATOM   583  C  "C1'" . C   B 1 5  ? -14.367 1.384   14.478  1.00 59.83 ? 5    C   B "C1'" 1 
ATOM   584  N  N1    . C   B 1 5  ? -12.932 1.478   14.803  1.00 57.26 ? 5    C   B N1    1 
ATOM   585  C  C2    . C   B 1 5  ? -12.391 2.732   15.112  1.00 57.27 ? 5    C   B C2    1 
ATOM   586  O  O2    . C   B 1 5  ? -13.133 3.726   15.110  1.00 57.74 ? 5    C   B O2    1 
ATOM   587  N  N3    . C   B 1 5  ? -11.074 2.832   15.405  1.00 56.26 ? 5    C   B N3    1 
ATOM   588  C  C4    . C   B 1 5  ? -10.305 1.742   15.396  1.00 55.87 ? 5    C   B C4    1 
ATOM   589  N  N4    . C   B 1 5  ? -9.010  1.891   15.689  1.00 54.40 ? 5    C   B N4    1 
ATOM   590  C  C5    . C   B 1 5  ? -10.828 0.451   15.087  1.00 55.77 ? 5    C   B C5    1 
ATOM   591  C  C6    . C   B 1 5  ? -12.136 0.366   14.800  1.00 56.42 ? 5    C   B C6    1 
ATOM   592  P  P     . U   B 1 6  ? -14.371 0.163   9.898   1.00 65.52 ? 6    U   B P     1 
ATOM   593  O  OP1   . U   B 1 6  ? -15.250 -0.122  8.739   1.00 66.22 ? 6    U   B OP1   1 
ATOM   594  O  OP2   . U   B 1 6  ? -13.070 -0.544  10.020  1.00 65.81 ? 6    U   B OP2   1 
ATOM   595  O  "O5'" . U   B 1 6  ? -14.092 1.728   9.935   1.00 63.93 ? 6    U   B "O5'" 1 
ATOM   596  C  "C5'" . U   B 1 6  ? -15.184 2.655   9.992   1.00 62.00 ? 6    U   B "C5'" 1 
ATOM   597  C  "C4'" . U   B 1 6  ? -14.673 4.056   10.196  1.00 60.46 ? 6    U   B "C4'" 1 
ATOM   598  O  "O4'" . U   B 1 6  ? -14.044 4.175   11.501  1.00 59.93 ? 6    U   B "O4'" 1 
ATOM   599  C  "C3'" . U   B 1 6  ? -13.581 4.483   9.236   1.00 60.36 ? 6    U   B "C3'" 1 
ATOM   600  O  "O3'" . U   B 1 6  ? -14.104 4.853   7.967   1.00 59.72 ? 6    U   B "O3'" 1 
ATOM   601  C  "C2'" . U   B 1 6  ? -12.931 5.634   9.991   1.00 59.52 ? 6    U   B "C2'" 1 
ATOM   602  O  "O2'" . U   B 1 6  ? -13.678 6.833   9.909   1.00 59.66 ? 6    U   B "O2'" 1 
ATOM   603  C  "C1'" . U   B 1 6  ? -12.965 5.096   11.425  1.00 58.90 ? 6    U   B "C1'" 1 
ATOM   604  N  N1    . U   B 1 6  ? -11.729 4.383   11.777  1.00 56.98 ? 6    U   B N1    1 
ATOM   605  C  C2    . U   B 1 6  ? -10.657 5.138   12.201  1.00 55.69 ? 6    U   B C2    1 
ATOM   606  O  O2    . U   B 1 6  ? -10.714 6.347   12.319  1.00 54.17 ? 6    U   B O2    1 
ATOM   607  N  N3    . U   B 1 6  ? -9.518  4.424   12.484  1.00 54.33 ? 6    U   B N3    1 
ATOM   608  C  C4    . U   B 1 6  ? -9.353  3.056   12.393  1.00 55.38 ? 6    U   B C4    1 
ATOM   609  O  O4    . U   B 1 6  ? -8.256  2.557   12.652  1.00 55.20 ? 6    U   B O4    1 
ATOM   610  C  C5    . U   B 1 6  ? -10.517 2.343   11.963  1.00 55.80 ? 6    U   B C5    1 
ATOM   611  C  C6    . U   B 1 6  ? -11.637 3.013   11.678  1.00 56.75 ? 6    U   B C6    1 
ATOM   612  P  P     . G   B 1 7  ? -13.096 5.153   6.762   1.00 58.72 ? 7    G   B P     1 
ATOM   613  O  OP1   . G   B 1 7  ? -13.861 5.164   5.490   1.00 61.66 ? 7    G   B OP1   1 
ATOM   614  O  OP2   . G   B 1 7  ? -11.916 4.254   6.897   1.00 59.62 ? 7    G   B OP2   1 
ATOM   615  O  "O5'" . G   B 1 7  ? -12.598 6.629   7.075   1.00 57.09 ? 7    G   B "O5'" 1 
ATOM   616  C  "C5'" . G   B 1 7  ? -11.516 7.180   6.342   1.00 51.28 ? 7    G   B "C5'" 1 
ATOM   617  C  "C4'" . G   B 1 7  ? -10.874 8.297   7.110   1.00 47.99 ? 7    G   B "C4'" 1 
ATOM   618  O  "O4'" . G   B 1 7  ? -10.729 7.945   8.510   1.00 45.79 ? 7    G   B "O4'" 1 
ATOM   619  C  "C3'" . G   B 1 7  ? -9.481  8.586   6.595   1.00 46.64 ? 7    G   B "C3'" 1 
ATOM   620  O  "O3'" . G   B 1 7  ? -9.568  9.554   5.552   1.00 46.85 ? 7    G   B "O3'" 1 
ATOM   621  C  "C2'" . G   B 1 7  ? -8.751  9.073   7.838   1.00 45.99 ? 7    G   B "C2'" 1 
ATOM   622  O  "O2'" . G   B 1 7  ? -8.994  10.444  8.065   1.00 48.24 ? 7    G   B "O2'" 1 
ATOM   623  C  "C1'" . G   B 1 7  ? -9.411  8.229   8.940   1.00 43.64 ? 7    G   B "C1'" 1 
ATOM   624  N  N9    . G   B 1 7  ? -8.777  6.944   9.246   1.00 39.74 ? 7    G   B N9    1 
ATOM   625  C  C8    . G   B 1 7  ? -9.299  5.699   8.980   1.00 39.25 ? 7    G   B C8    1 
ATOM   626  N  N7    . G   B 1 7  ? -8.505  4.721   9.335   1.00 38.24 ? 7    G   B N7    1 
ATOM   627  C  C5    . G   B 1 7  ? -7.396  5.360   9.872   1.00 37.79 ? 7    G   B C5    1 
ATOM   628  C  C6    . G   B 1 7  ? -6.193  4.822   10.412  1.00 37.50 ? 7    G   B C6    1 
ATOM   629  O  O6    . G   B 1 7  ? -5.858  3.626   10.525  1.00 36.39 ? 7    G   B O6    1 
ATOM   630  N  N1    . G   B 1 7  ? -5.336  5.831   10.850  1.00 35.96 ? 7    G   B N1    1 
ATOM   631  C  C2    . G   B 1 7  ? -5.604  7.179   10.782  1.00 36.36 ? 7    G   B C2    1 
ATOM   632  N  N2    . G   B 1 7  ? -4.662  7.997   11.259  1.00 36.54 ? 7    G   B N2    1 
ATOM   633  N  N3    . G   B 1 7  ? -6.715  7.687   10.282  1.00 35.55 ? 7    G   B N3    1 
ATOM   634  C  C4    . G   B 1 7  ? -7.558  6.732   9.842   1.00 37.06 ? 7    G   B C4    1 
ATOM   635  P  P     . A   B 1 8  ? -8.499  9.556   4.350   1.00 45.96 ? 8    A   B P     1 
ATOM   636  O  OP1   . A   B 1 8  ? -7.259  8.903   4.829   1.00 45.21 ? 8    A   B OP1   1 
ATOM   637  O  OP2   . A   B 1 8  ? -8.446  10.966  3.845   1.00 46.32 ? 8    A   B OP2   1 
ATOM   638  O  "O5'" . A   B 1 8  ? -9.177  8.676   3.200   1.00 43.69 ? 8    A   B "O5'" 1 
ATOM   639  C  "C5'" . A   B 1 8  ? -9.298  7.250   3.316   1.00 38.91 ? 8    A   B "C5'" 1 
ATOM   640  C  "C4'" . A   B 1 8  ? -9.487  6.625   1.947   1.00 36.36 ? 8    A   B "C4'" 1 
ATOM   641  O  "O4'" . A   B 1 8  ? -10.711 7.125   1.349   1.00 35.69 ? 8    A   B "O4'" 1 
ATOM   642  C  "C3'" . A   B 1 8  ? -8.420  6.929   0.906   1.00 34.75 ? 8    A   B "C3'" 1 
ATOM   643  O  "O3'" . A   B 1 8  ? -7.298  6.064   1.052   1.00 35.25 ? 8    A   B "O3'" 1 
ATOM   644  C  "C2'" . A   B 1 8  ? -9.164  6.681   -0.398  1.00 34.16 ? 8    A   B "C2'" 1 
ATOM   645  O  "O2'" . A   B 1 8  ? -9.314  5.306   -0.688  1.00 33.21 ? 8    A   B "O2'" 1 
ATOM   646  C  "C1'" . A   B 1 8  ? -10.551 7.223   -0.055  1.00 31.93 ? 8    A   B "C1'" 1 
ATOM   647  N  N9    . A   B 1 8  ? -10.767 8.619   -0.434  1.00 32.73 ? 8    A   B N9    1 
ATOM   648  C  C8    . A   B 1 8  ? -10.924 9.689   0.408   1.00 31.70 ? 8    A   B C8    1 
ATOM   649  N  N7    . A   B 1 8  ? -11.174 10.818  -0.213  1.00 33.29 ? 8    A   B N7    1 
ATOM   650  C  C5    . A   B 1 8  ? -11.172 10.467  -1.558  1.00 33.52 ? 8    A   B C5    1 
ATOM   651  C  C6    . A   B 1 8  ? -11.398 11.209  -2.731  1.00 34.14 ? 8    A   B C6    1 
ATOM   652  N  N6    . A   B 1 8  ? -11.689 12.514  -2.735  1.00 37.14 ? 8    A   B N6    1 
ATOM   653  N  N1    . A   B 1 8  ? -11.311 10.560  -3.913  1.00 34.52 ? 8    A   B N1    1 
ATOM   654  C  C2    . A   B 1 8  ? -11.024 9.251   -3.903  1.00 35.63 ? 8    A   B C2    1 
ATOM   655  N  N3    . A   B 1 8  ? -10.806 8.443   -2.866  1.00 32.67 ? 8    A   B N3    1 
ATOM   656  C  C4    . A   B 1 8  ? -10.899 9.121   -1.711  1.00 31.41 ? 8    A   B C4    1 
ATOM   657  P  P     . A   B 1 9  ? -5.824  6.594   0.673   1.00 33.59 ? 9    A   B P     1 
ATOM   658  O  OP1   . A   B 1 9  ? -4.879  5.511   1.025   1.00 37.21 ? 9    A   B OP1   1 
ATOM   659  O  OP2   . A   B 1 9  ? -5.643  7.943   1.263   1.00 33.78 ? 9    A   B OP2   1 
ATOM   660  O  "O5'" . A   B 1 9  ? -5.859  6.791   -0.907  1.00 30.58 ? 9    A   B "O5'" 1 
ATOM   661  C  "C5'" . A   B 1 9  ? -5.948  5.672   -1.816  1.00 29.32 ? 9    A   B "C5'" 1 
ATOM   662  C  "C4'" . A   B 1 9  ? -6.002  6.178   -3.235  1.00 29.28 ? 9    A   B "C4'" 1 
ATOM   663  O  "O4'" . A   B 1 9  ? -7.016  7.227   -3.265  1.00 26.77 ? 9    A   B "O4'" 1 
ATOM   664  C  "C3'" . A   B 1 9  ? -4.713  6.836   -3.738  1.00 28.77 ? 9    A   B "C3'" 1 
ATOM   665  O  "O3'" . A   B 1 9  ? -4.651  6.783   -5.155  1.00 28.93 ? 9    A   B "O3'" 1 
ATOM   666  C  "C2'" . A   B 1 9  ? -4.941  8.301   -3.381  1.00 27.84 ? 9    A   B "C2'" 1 
ATOM   667  O  "O2'" . A   B 1 9  ? -4.190  9.210   -4.164  1.00 28.97 ? 9    A   B "O2'" 1 
ATOM   668  C  "C1'" . A   B 1 9  ? -6.424  8.436   -3.710  1.00 27.04 ? 9    A   B "C1'" 1 
ATOM   669  N  N9    . A   B 1 9  ? -7.029  9.568   -3.011  1.00 27.55 ? 9    A   B N9    1 
ATOM   670  C  C8    . A   B 1 9  ? -7.087  9.791   -1.663  1.00 27.75 ? 9    A   B C8    1 
ATOM   671  N  N7    . A   B 1 9  ? -7.613  10.952  -1.341  1.00 28.46 ? 9    A   B N7    1 
ATOM   672  C  C5    . A   B 1 9  ? -7.938  11.516  -2.567  1.00 28.46 ? 9    A   B C5    1 
ATOM   673  C  C6    . A   B 1 9  ? -8.514  12.755  -2.915  1.00 29.85 ? 9    A   B C6    1 
ATOM   674  N  N6    . A   B 1 9  ? -8.858  13.680  -2.021  1.00 29.78 ? 9    A   B N6    1 
ATOM   675  N  N1    . A   B 1 9  ? -8.716  13.009  -4.226  1.00 29.78 ? 9    A   B N1    1 
ATOM   676  C  C2    . A   B 1 9  ? -8.353  12.083  -5.121  1.00 30.45 ? 9    A   B C2    1 
ATOM   677  N  N3    . A   B 1 9  ? -7.785  10.881  -4.915  1.00 29.04 ? 9    A   B N3    1 
ATOM   678  C  C4    . A   B 1 9  ? -7.606  10.666  -3.601  1.00 27.49 ? 9    A   B C4    1 
ATOM   679  P  P     . G   B 1 10 ? -3.933  5.537   -5.880  1.00 31.03 ? 10   G   B P     1 
ATOM   680  O  OP1   . G   B 1 10 ? -2.959  4.878   -4.984  1.00 27.43 ? 10   G   B OP1   1 
ATOM   681  O  OP2   . G   B 1 10 ? -3.514  5.991   -7.218  1.00 30.54 ? 10   G   B OP2   1 
ATOM   682  O  "O5'" . G   B 1 10 ? -5.117  4.499   -6.103  1.00 29.82 ? 10   G   B "O5'" 1 
ATOM   683  C  "C5'" . G   B 1 10 ? -6.250  4.833   -6.897  1.00 31.16 ? 10   G   B "C5'" 1 
ATOM   684  C  "C4'" . G   B 1 10 ? -6.793  3.587   -7.550  1.00 31.76 ? 10   G   B "C4'" 1 
ATOM   685  O  "O4'" . G   B 1 10 ? -5.918  3.210   -8.638  1.00 31.01 ? 10   G   B "O4'" 1 
ATOM   686  C  "C3'" . G   B 1 10 ? -6.846  2.357   -6.653  1.00 32.65 ? 10   G   B "C3'" 1 
ATOM   687  O  "O3'" . G   B 1 10 ? -8.027  2.295   -5.863  1.00 33.51 ? 10   G   B "O3'" 1 
ATOM   688  C  "C2'" . G   B 1 10 ? -6.728  1.218   -7.654  1.00 33.26 ? 10   G   B "C2'" 1 
ATOM   689  O  "O2'" . G   B 1 10 ? -7.932  0.993   -8.370  1.00 33.65 ? 10   G   B "O2'" 1 
ATOM   690  C  "C1'" . G   B 1 10 ? -5.707  1.808   -8.620  1.00 32.25 ? 10   G   B "C1'" 1 
ATOM   691  N  N9    . G   B 1 10 ? -4.332  1.581   -8.187  1.00 33.84 ? 10   G   B N9    1 
ATOM   692  C  C8    . G   B 1 10 ? -3.410  2.544   -7.857  1.00 32.28 ? 10   G   B C8    1 
ATOM   693  N  N7    . G   B 1 10 ? -2.239  2.050   -7.557  1.00 33.19 ? 10   G   B N7    1 
ATOM   694  C  C5    . G   B 1 10 ? -2.400  0.675   -7.683  1.00 31.21 ? 10   G   B C5    1 
ATOM   695  C  C6    . G   B 1 10 ? -1.473  -0.377  -7.488  1.00 31.85 ? 10   G   B C6    1 
ATOM   696  O  O6    . G   B 1 10 ? -0.287  -0.301  -7.156  1.00 30.61 ? 10   G   B O6    1 
ATOM   697  N  N1    . G   B 1 10 ? -2.051  -1.622  -7.714  1.00 31.59 ? 10   G   B N1    1 
ATOM   698  C  C2    . G   B 1 10 ? -3.358  -1.831  -8.067  1.00 32.93 ? 10   G   B C2    1 
ATOM   699  N  N2    . G   B 1 10 ? -3.733  -3.123  -8.228  1.00 30.95 ? 10   G   B N2    1 
ATOM   700  N  N3    . G   B 1 10 ? -4.239  -0.854  -8.248  1.00 32.96 ? 10   G   B N3    1 
ATOM   701  C  C4    . G   B 1 10 ? -3.690  0.366   -8.050  1.00 33.09 ? 10   G   B C4    1 
ATOM   702  P  P     . U   B 1 11 ? -7.947  1.709   -4.375  1.00 33.11 ? 11   U   B P     1 
ATOM   703  O  OP1   . U   B 1 11 ? -9.275  1.866   -3.716  1.00 33.90 ? 11   U   B OP1   1 
ATOM   704  O  OP2   . U   B 1 11 ? -6.743  2.319   -3.736  1.00 33.85 ? 11   U   B OP2   1 
ATOM   705  O  "O5'" . U   B 1 11 ? -7.659  0.159   -4.597  1.00 32.69 ? 11   U   B "O5'" 1 
ATOM   706  C  "C5'" . U   B 1 11 ? -8.572  -0.658  -5.353  1.00 35.62 ? 11   U   B "C5'" 1 
ATOM   707  C  "C4'" . U   B 1 11 ? -8.106  -2.097  -5.370  1.00 36.83 ? 11   U   B "C4'" 1 
ATOM   708  O  "O4'" . U   B 1 11 ? -6.896  -2.224  -6.160  1.00 35.30 ? 11   U   B "O4'" 1 
ATOM   709  C  "C3'" . U   B 1 11 ? -7.732  -2.703  -4.027  1.00 36.75 ? 11   U   B "C3'" 1 
ATOM   710  O  "O3'" . U   B 1 11 ? -8.876  -3.136  -3.303  1.00 38.45 ? 11   U   B "O3'" 1 
ATOM   711  C  "C2'" . U   B 1 11 ? -6.874  -3.881  -4.457  1.00 36.47 ? 11   U   B "C2'" 1 
ATOM   712  O  "O2'" . U   B 1 11 ? -7.684  -4.942  -4.943  1.00 34.97 ? 11   U   B "O2'" 1 
ATOM   713  C  "C1'" . U   B 1 11 ? -6.089  -3.263  -5.617  1.00 36.04 ? 11   U   B "C1'" 1 
ATOM   714  N  N1    . U   B 1 11 ? -4.814  -2.680  -5.167  1.00 34.07 ? 11   U   B N1    1 
ATOM   715  C  C2    . U   B 1 11 ? -3.790  -3.557  -4.861  1.00 35.37 ? 11   U   B C2    1 
ATOM   716  O  O2    . U   B 1 11 ? -3.906  -4.768  -4.969  1.00 35.19 ? 11   U   B O2    1 
ATOM   717  N  N3    . U   B 1 11 ? -2.625  -2.967  -4.420  1.00 31.74 ? 11   U   B N3    1 
ATOM   718  C  C4    . U   B 1 11 ? -2.380  -1.619  -4.261  1.00 33.75 ? 11   U   B C4    1 
ATOM   719  O  O4    . U   B 1 11 ? -1.281  -1.251  -3.826  1.00 30.52 ? 11   U   B O4    1 
ATOM   720  C  C5    . U   B 1 11 ? -3.486  -0.766  -4.608  1.00 33.64 ? 11   U   B C5    1 
ATOM   721  C  C6    . U   B 1 11 ? -4.639  -1.315  -5.037  1.00 34.56 ? 11   U   B C6    1 
ATOM   722  P  P     . G   B 1 12 ? -8.788  -3.317  -1.706  1.00 41.07 ? 12   G   B P     1 
ATOM   723  O  OP1   . G   B 1 12 ? -10.160 -3.534  -1.203  1.00 41.92 ? 12   G   B OP1   1 
ATOM   724  O  OP2   . G   B 1 12 ? -7.968  -2.214  -1.135  1.00 40.49 ? 12   G   B OP2   1 
ATOM   725  O  "O5'" . G   B 1 12 ? -7.929  -4.646  -1.514  1.00 40.06 ? 12   G   B "O5'" 1 
ATOM   726  C  "C5'" . G   B 1 12 ? -8.479  -5.933  -1.818  1.00 40.76 ? 12   G   B "C5'" 1 
ATOM   727  C  "C4'" . G   B 1 12 ? -7.483  -7.021  -1.484  1.00 39.58 ? 12   G   B "C4'" 1 
ATOM   728  O  "O4'" . G   B 1 12 ? -6.306  -6.888  -2.329  1.00 39.57 ? 12   G   B "O4'" 1 
ATOM   729  C  "C3'" . G   B 1 12 ? -6.918  -7.012  -0.076  1.00 40.07 ? 12   G   B "C3'" 1 
ATOM   730  O  "O3'" . G   B 1 12 ? -7.810  -7.615  0.858   1.00 37.87 ? 12   G   B "O3'" 1 
ATOM   731  C  "C2'" . G   B 1 12 ? -5.655  -7.834  -0.257  1.00 39.62 ? 12   G   B "C2'" 1 
ATOM   732  O  "O2'" . G   B 1 12 ? -5.977  -9.208  -0.338  1.00 40.10 ? 12   G   B "O2'" 1 
ATOM   733  C  "C1'" . G   B 1 12 ? -5.166  -7.332  -1.616  1.00 38.59 ? 12   G   B "C1'" 1 
ATOM   734  N  N9    . G   B 1 12 ? -4.234  -6.211  -1.497  1.00 37.66 ? 12   G   B N9    1 
ATOM   735  C  C8    . G   B 1 12 ? -4.510  -4.873  -1.631  1.00 35.78 ? 12   G   B C8    1 
ATOM   736  N  N7    . G   B 1 12 ? -3.459  -4.111  -1.452  1.00 37.00 ? 12   G   B N7    1 
ATOM   737  C  C5    . G   B 1 12 ? -2.430  -5.004  -1.186  1.00 35.43 ? 12   G   B C5    1 
ATOM   738  C  C6    . G   B 1 12 ? -1.050  -4.773  -0.901  1.00 36.19 ? 12   G   B C6    1 
ATOM   739  O  O6    . G   B 1 12 ? -0.432  -3.690  -0.838  1.00 32.22 ? 12   G   B O6    1 
ATOM   740  N  N1    . G   B 1 12 ? -0.371  -5.966  -0.679  1.00 33.44 ? 12   G   B N1    1 
ATOM   741  C  C2    . G   B 1 12 ? -0.929  -7.219  -0.725  1.00 35.05 ? 12   G   B C2    1 
ATOM   742  N  N2    . G   B 1 12 ? -0.102  -8.245  -0.469  1.00 34.90 ? 12   G   B N2    1 
ATOM   743  N  N3    . G   B 1 12 ? -2.208  -7.450  -0.999  1.00 35.01 ? 12   G   B N3    1 
ATOM   744  C  C4    . G   B 1 12 ? -2.893  -6.306  -1.212  1.00 36.28 ? 12   G   B C4    1 
ATOM   745  P  P     . C   B 1 13 ? -7.844  -7.100  2.380   1.00 39.08 ? 13   C   B P     1 
ATOM   746  O  OP1   . C   B 1 13 ? -9.030  -7.745  3.042   1.00 38.35 ? 13   C   B OP1   1 
ATOM   747  O  OP2   . C   B 1 13 ? -7.715  -5.616  2.409   1.00 40.19 ? 13   C   B OP2   1 
ATOM   748  O  "O5'" . C   B 1 13 ? -6.534  -7.750  3.015   1.00 38.03 ? 13   C   B "O5'" 1 
ATOM   749  C  "C5'" . C   B 1 13 ? -6.405  -9.180  3.093   1.00 37.97 ? 13   C   B "C5'" 1 
ATOM   750  C  "C4'" . C   B 1 13 ? -4.997  -9.566  3.456   1.00 37.37 ? 13   C   B "C4'" 1 
ATOM   751  O  "O4'" . C   B 1 13 ? -4.086  -9.154  2.404   1.00 36.30 ? 13   C   B "O4'" 1 
ATOM   752  C  "C3'" . C   B 1 13 ? -4.435  -8.890  4.691   1.00 37.78 ? 13   C   B "C3'" 1 
ATOM   753  O  "O3'" . C   B 1 13 ? -4.911  -9.496  5.890   1.00 37.29 ? 13   C   B "O3'" 1 
ATOM   754  C  "C2'" . C   B 1 13 ? -2.942  -9.077  4.472   1.00 37.58 ? 13   C   B "C2'" 1 
ATOM   755  O  "O2'" . C   B 1 13 ? -2.572  -10.431 4.693   1.00 36.51 ? 13   C   B "O2'" 1 
ATOM   756  C  "C1'" . C   B 1 13 ? -2.840  -8.782  2.975   1.00 34.63 ? 13   C   B "C1'" 1 
ATOM   757  N  N1    . C   B 1 13 ? -2.614  -7.351  2.691   1.00 33.23 ? 13   C   B N1    1 
ATOM   758  C  C2    . C   B 1 13 ? -1.306  -6.853  2.741   1.00 32.66 ? 13   C   B C2    1 
ATOM   759  O  O2    . C   B 1 13 ? -0.380  -7.631  3.010   1.00 33.27 ? 13   C   B O2    1 
ATOM   760  N  N3    . C   B 1 13 ? -1.086  -5.540  2.491   1.00 31.32 ? 13   C   B N3    1 
ATOM   761  C  C4    . C   B 1 13 ? -2.112  -4.733  2.194   1.00 31.08 ? 13   C   B C4    1 
ATOM   762  N  N4    . C   B 1 13 ? -1.844  -3.447  1.940   1.00 30.11 ? 13   C   B N4    1 
ATOM   763  C  C5    . C   B 1 13 ? -3.456  -5.211  2.139   1.00 30.60 ? 13   C   B C5    1 
ATOM   764  C  C6    . C   B 1 13 ? -3.657  -6.518  2.390   1.00 33.05 ? 13   C   B C6    1 
ATOM   765  P  P     . A   B 1 14 ? -5.195  -8.582  7.173   1.00 41.20 ? 14   A   B P     1 
ATOM   766  O  OP1   . A   B 1 14 ? -5.857  -9.420  8.199   1.00 41.45 ? 14   A   B OP1   1 
ATOM   767  O  OP2   . A   B 1 14 ? -5.851  -7.333  6.712   1.00 42.43 ? 14   A   B OP2   1 
ATOM   768  O  "O5'" . A   B 1 14 ? -3.745  -8.228  7.717   1.00 37.48 ? 14   A   B "O5'" 1 
ATOM   769  C  "C5'" . A   B 1 14 ? -2.914  -9.272  8.234   1.00 35.61 ? 14   A   B "C5'" 1 
ATOM   770  C  "C4'" . A   B 1 14 ? -1.488  -8.810  8.348   1.00 34.79 ? 14   A   B "C4'" 1 
ATOM   771  O  "O4'" . A   B 1 14 ? -0.962  -8.492  7.035   1.00 32.17 ? 14   A   B "O4'" 1 
ATOM   772  C  "C3'" . A   B 1 14 ? -1.232  -7.546  9.149   1.00 33.77 ? 14   A   B "C3'" 1 
ATOM   773  O  "O3'" . A   B 1 14 ? -1.270  -7.814  10.550  1.00 34.84 ? 14   A   B "O3'" 1 
ATOM   774  C  "C2'" . A   B 1 14 ? 0.164   -7.198  8.668   1.00 32.11 ? 14   A   B "C2'" 1 
ATOM   775  O  "O2'" . A   B 1 14 ? 1.096   -8.101  9.218   1.00 30.09 ? 14   A   B "O2'" 1 
ATOM   776  C  "C1'" . A   B 1 14 ? 0.037   -7.486  7.169   1.00 33.45 ? 14   A   B "C1'" 1 
ATOM   777  N  N9    . A   B 1 14 ? -0.422  -6.283  6.480   1.00 32.55 ? 14   A   B N9    1 
ATOM   778  C  C8    . A   B 1 14 ? -1.671  -5.982  5.989   1.00 32.20 ? 14   A   B C8    1 
ATOM   779  N  N7    . A   B 1 14 ? -1.769  -4.758  5.512   1.00 30.74 ? 14   A   B N7    1 
ATOM   780  C  C5    . A   B 1 14 ? -0.496  -4.231  5.686   1.00 29.16 ? 14   A   B C5    1 
ATOM   781  C  C6    . A   B 1 14 ? 0.057   -2.968  5.398   1.00 29.58 ? 14   A   B C6    1 
ATOM   782  N  N6    . A   B 1 14 ? -0.629  -1.955  4.854   1.00 28.85 ? 14   A   B N6    1 
ATOM   783  N  N1    . A   B 1 14 ? 1.364   -2.771  5.690   1.00 27.78 ? 14   A   B N1    1 
ATOM   784  C  C2    . A   B 1 14 ? 2.057   -3.779  6.235   1.00 28.92 ? 14   A   B C2    1 
ATOM   785  N  N3    . A   B 1 14 ? 1.648   -5.006  6.559   1.00 29.94 ? 14   A   B N3    1 
ATOM   786  C  C4    . A   B 1 14 ? 0.349   -5.167  6.256   1.00 30.59 ? 14   A   B C4    1 
ATOM   787  P  P     . C   B 1 15 ? -1.598  -6.627  11.587  1.00 36.74 ? 15   C   B P     1 
ATOM   788  O  OP1   . C   B 1 15 ? -1.570  -7.211  12.944  1.00 36.73 ? 15   C   B OP1   1 
ATOM   789  O  OP2   . C   B 1 15 ? -2.798  -5.892  11.127  1.00 33.48 ? 15   C   B OP2   1 
ATOM   790  O  "O5'" . C   B 1 15 ? -0.348  -5.643  11.465  1.00 36.17 ? 15   C   B "O5'" 1 
ATOM   791  C  "C5'" . C   B 1 15 ? 0.952   -6.055  11.903  1.00 37.40 ? 15   C   B "C5'" 1 
ATOM   792  C  "C4'" . C   B 1 15 ? 1.973   -4.969  11.643  1.00 36.88 ? 15   C   B "C4'" 1 
ATOM   793  O  "O4'" . C   B 1 15 ? 2.036   -4.672  10.225  1.00 35.69 ? 15   C   B "O4'" 1 
ATOM   794  C  "C3'" . C   B 1 15 ? 1.743   -3.603  12.265  1.00 37.53 ? 15   C   B "C3'" 1 
ATOM   795  O  "O3'" . C   B 1 15 ? 2.102   -3.569  13.639  1.00 38.20 ? 15   C   B "O3'" 1 
ATOM   796  C  "C2'" . C   B 1 15 ? 2.704   -2.756  11.444  1.00 35.84 ? 15   C   B "C2'" 1 
ATOM   797  O  "O2'" . C   B 1 15 ? 4.047   -2.984  11.824  1.00 34.83 ? 15   C   B "O2'" 1 
ATOM   798  C  "C1'" . C   B 1 15 ? 2.478   -3.335  10.045  1.00 34.30 ? 15   C   B "C1'" 1 
ATOM   799  N  N1    . C   B 1 15 ? 1.428   -2.584  9.344   1.00 32.17 ? 15   C   B N1    1 
ATOM   800  C  C2    . C   B 1 15 ? 1.743   -1.322  8.849   1.00 29.78 ? 15   C   B C2    1 
ATOM   801  O  O2    . C   B 1 15 ? 2.911   -0.910  8.976   1.00 29.30 ? 15   C   B O2    1 
ATOM   802  N  N3    . C   B 1 15 ? 0.776   -0.583  8.249   1.00 29.67 ? 15   C   B N3    1 
ATOM   803  C  C4    . C   B 1 15 ? -0.466  -1.072  8.142   1.00 29.99 ? 15   C   B C4    1 
ATOM   804  N  N4    . C   B 1 15 ? -1.415  -0.289  7.597   1.00 27.48 ? 15   C   B N4    1 
ATOM   805  C  C5    . C   B 1 15 ? -0.802  -2.377  8.607   1.00 29.11 ? 15   C   B C5    1 
ATOM   806  C  C6    . C   B 1 15 ? 0.169   -3.089  9.200   1.00 30.41 ? 15   C   B C6    1 
ATOM   807  P  P     . A   B 1 16 ? 1.352   -2.550  14.640  1.00 41.55 ? 16   A   B P     1 
ATOM   808  O  OP1   . A   B 1 16 ? 1.929   -2.765  15.988  1.00 41.98 ? 16   A   B OP1   1 
ATOM   809  O  OP2   . A   B 1 16 ? -0.117  -2.661  14.438  1.00 38.59 ? 16   A   B OP2   1 
ATOM   810  O  "O5'" . A   B 1 16 ? 1.801   -1.099  14.165  1.00 38.92 ? 16   A   B "O5'" 1 
ATOM   811  C  "C5'" . A   B 1 16 ? 3.173   -0.700  14.267  1.00 38.76 ? 16   A   B "C5'" 1 
ATOM   812  C  "C4'" . A   B 1 16 ? 3.382   0.654   13.633  1.00 37.51 ? 16   A   B "C4'" 1 
ATOM   813  O  "O4'" . A   B 1 16 ? 2.999   0.610   12.229  1.00 36.65 ? 16   A   B "O4'" 1 
ATOM   814  C  "C3'" . A   B 1 16 ? 2.553   1.809   14.179  1.00 36.41 ? 16   A   B "C3'" 1 
ATOM   815  O  "O3'" . A   B 1 16 ? 3.114   2.307   15.390  1.00 38.57 ? 16   A   B "O3'" 1 
ATOM   816  C  "C2'" . A   B 1 16 ? 2.666   2.823   13.044  1.00 35.30 ? 16   A   B "C2'" 1 
ATOM   817  O  "O2'" . A   B 1 16 ? 3.928   3.467   13.028  1.00 34.97 ? 16   A   B "O2'" 1 
ATOM   818  C  "C1'" . A   B 1 16 ? 2.585   1.910   11.817  1.00 34.93 ? 16   A   B "C1'" 1 
ATOM   819  N  N9    . A   B 1 16 ? 1.232   1.833   11.263  1.00 33.06 ? 16   A   B N9    1 
ATOM   820  C  C8    . A   B 1 16 ? 0.304   0.830   11.381  1.00 31.44 ? 16   A   B C8    1 
ATOM   821  N  N7    . A   B 1 16 ? -0.827  1.078   10.762  1.00 30.66 ? 16   A   B N7    1 
ATOM   822  C  C5    . A   B 1 16 ? -0.631  2.335   10.196  1.00 31.48 ? 16   A   B C5    1 
ATOM   823  C  C6    . A   B 1 16 ? -1.456  3.169   9.411   1.00 31.81 ? 16   A   B C6    1 
ATOM   824  N  N6    . A   B 1 16 ? -2.706  2.859   9.054   1.00 28.38 ? 16   A   B N6    1 
ATOM   825  N  N1    . A   B 1 16 ? -0.944  4.356   9.005   1.00 31.51 ? 16   A   B N1    1 
ATOM   826  C  C2    . A   B 1 16 ? 0.295   4.680   9.388   1.00 32.33 ? 16   A   B C2    1 
ATOM   827  N  N3    . A   B 1 16 ? 1.162   3.987   10.131  1.00 33.22 ? 16   A   B N3    1 
ATOM   828  C  C4    . A   B 1 16 ? 0.633   2.811   10.501  1.00 32.18 ? 16   A   B C4    1 
ATOM   829  P  P     . C   B 1 17 ? 2.149   2.910   16.527  1.00 39.42 ? 17   C   B P     1 
ATOM   830  O  OP1   . C   B 1 17 ? 2.978   3.195   17.729  1.00 40.61 ? 17   C   B OP1   1 
ATOM   831  O  OP2   . C   B 1 17 ? 0.964   2.037   16.656  1.00 37.42 ? 17   C   B OP2   1 
ATOM   832  O  "O5'" . C   B 1 17 ? 1.665   4.293   15.899  1.00 38.55 ? 17   C   B "O5'" 1 
ATOM   833  C  "C5'" . C   B 1 17 ? 2.613   5.318   15.573  1.00 41.46 ? 17   C   B "C5'" 1 
ATOM   834  C  "C4'" . C   B 1 17 ? 1.941   6.430   14.803  1.00 42.04 ? 17   C   B "C4'" 1 
ATOM   835  O  "O4'" . C   B 1 17 ? 1.477   5.918   13.530  1.00 40.22 ? 17   C   B "O4'" 1 
ATOM   836  C  "C3'" . C   B 1 17 ? 0.689   6.997   15.448  1.00 43.32 ? 17   C   B "C3'" 1 
ATOM   837  O  "O3'" . C   B 1 17 ? 1.004   7.976   16.422  1.00 46.27 ? 17   C   B "O3'" 1 
ATOM   838  C  "C2'" . C   B 1 17 ? -0.054  7.589   14.256  1.00 41.93 ? 17   C   B "C2'" 1 
ATOM   839  O  "O2'" . C   B 1 17 ? 0.464   8.835   13.831  1.00 43.66 ? 17   C   B "O2'" 1 
ATOM   840  C  "C1'" . C   B 1 17 ? 0.264   6.559   13.175  1.00 40.14 ? 17   C   B "C1'" 1 
ATOM   841  N  N1    . C   B 1 17 ? -0.782  5.543   13.008  1.00 37.78 ? 17   C   B N1    1 
ATOM   842  C  C2    . C   B 1 17 ? -1.896  5.875   12.252  1.00 36.36 ? 17   C   B C2    1 
ATOM   843  O  O2    . C   B 1 17 ? -1.969  7.027   11.786  1.00 37.28 ? 17   C   B O2    1 
ATOM   844  N  N3    . C   B 1 17 ? -2.859  4.947   12.046  1.00 33.37 ? 17   C   B N3    1 
ATOM   845  C  C4    . C   B 1 17 ? -2.728  3.725   12.572  1.00 33.99 ? 17   C   B C4    1 
ATOM   846  N  N4    . C   B 1 17 ? -3.677  2.825   12.322  1.00 28.92 ? 17   C   B N4    1 
ATOM   847  C  C5    . C   B 1 17 ? -1.606  3.369   13.374  1.00 33.36 ? 17   C   B C5    1 
ATOM   848  C  C6    . C   B 1 17 ? -0.667  4.300   13.563  1.00 36.84 ? 17   C   B C6    1 
ATOM   849  P  P     . A   B 1 18 ? 0.012   8.205   17.660  1.00 48.11 ? 18   A   B P     1 
ATOM   850  O  OP1   . A   B 1 18 ? 0.701   9.110   18.624  1.00 48.84 ? 18   A   B OP1   1 
ATOM   851  O  OP2   . A   B 1 18 ? -0.472  6.875   18.118  1.00 47.41 ? 18   A   B OP2   1 
ATOM   852  O  "O5'" . A   B 1 18 ? -1.237  8.950   17.012  1.00 48.46 ? 18   A   B "O5'" 1 
ATOM   853  C  "C5'" . A   B 1 18 ? -1.108  10.271  16.460  1.00 47.63 ? 18   A   B "C5'" 1 
ATOM   854  C  "C4'" . A   B 1 18 ? -2.442  10.745  15.946  1.00 48.07 ? 18   A   B "C4'" 1 
ATOM   855  O  "O4'" . A   B 1 18 ? -2.800  9.997   14.754  1.00 47.10 ? 18   A   B "O4'" 1 
ATOM   856  C  "C3'" . A   B 1 18 ? -3.606  10.504  16.888  1.00 48.90 ? 18   A   B "C3'" 1 
ATOM   857  O  "O3'" . A   B 1 18 ? -3.694  11.502  17.891  1.00 52.76 ? 18   A   B "O3'" 1 
ATOM   858  C  "C2'" . A   B 1 18 ? -4.789  10.508  15.934  1.00 47.39 ? 18   A   B "C2'" 1 
ATOM   859  O  "O2'" . A   B 1 18 ? -5.142  11.813  15.518  1.00 48.23 ? 18   A   B "O2'" 1 
ATOM   860  C  "C1'" . A   B 1 18 ? -4.197  9.765   14.739  1.00 44.12 ? 18   A   B "C1'" 1 
ATOM   861  N  N9    . A   B 1 18 ? -4.408  8.320   14.782  1.00 41.41 ? 18   A   B N9    1 
ATOM   862  C  C8    . A   B 1 18 ? -3.545  7.363   15.260  1.00 40.12 ? 18   A   B C8    1 
ATOM   863  N  N7    . A   B 1 18 ? -3.987  6.137   15.122  1.00 36.49 ? 18   A   B N7    1 
ATOM   864  C  C5    . A   B 1 18 ? -5.227  6.295   14.526  1.00 37.81 ? 18   A   B C5    1 
ATOM   865  C  C6    . A   B 1 18 ? -6.198  5.373   14.113  1.00 37.10 ? 18   A   B C6    1 
ATOM   866  N  N6    . A   B 1 18 ? -6.068  4.047   14.242  1.00 36.56 ? 18   A   B N6    1 
ATOM   867  N  N1    . A   B 1 18 ? -7.326  5.861   13.552  1.00 38.89 ? 18   A   B N1    1 
ATOM   868  C  C2    . A   B 1 18 ? -7.454  7.190   13.422  1.00 37.67 ? 18   A   B C2    1 
ATOM   869  N  N3    . A   B 1 18 ? -6.609  8.154   13.770  1.00 37.49 ? 18   A   B N3    1 
ATOM   870  C  C4    . A   B 1 18 ? -5.503  7.636   14.320  1.00 38.46 ? 18   A   B C4    1 
ATOM   871  P  P     . G   B 1 19 ? -4.555  11.218  19.216  1.00 55.00 ? 19   G   B P     1 
ATOM   872  O  OP1   . G   B 1 19 ? -4.388  12.399  20.097  1.00 57.00 ? 19   G   B OP1   1 
ATOM   873  O  OP2   . G   B 1 19 ? -4.203  9.872   19.722  1.00 55.61 ? 19   G   B OP2   1 
ATOM   874  O  "O5'" . G   B 1 19 ? -6.059  11.176  18.694  1.00 53.18 ? 19   G   B "O5'" 1 
ATOM   875  C  "C5'" . G   B 1 19 ? -6.657  12.345  18.107  1.00 53.86 ? 19   G   B "C5'" 1 
ATOM   876  C  "C4'" . G   B 1 19 ? -8.077  12.056  17.699  1.00 52.85 ? 19   G   B "C4'" 1 
ATOM   877  O  "O4'" . G   B 1 19 ? -8.107  11.157  16.562  1.00 51.92 ? 19   G   B "O4'" 1 
ATOM   878  C  "C3'" . G   B 1 19 ? -8.908  11.347  18.746  1.00 54.21 ? 19   G   B "C3'" 1 
ATOM   879  O  "O3'" . G   B 1 19 ? -9.382  12.273  19.707  1.00 58.27 ? 19   G   B "O3'" 1 
ATOM   880  C  "C2'" . G   B 1 19 ? -10.015 10.739  17.901  1.00 52.29 ? 19   G   B "C2'" 1 
ATOM   881  O  "O2'" . G   B 1 19 ? -10.958 11.710  17.498  1.00 53.99 ? 19   G   B "O2'" 1 
ATOM   882  C  "C1'" . G   B 1 19 ? -9.225  10.285  16.671  1.00 50.53 ? 19   G   B "C1'" 1 
ATOM   883  N  N9    . G   B 1 19 ? -8.708  8.926   16.804  1.00 46.93 ? 19   G   B N9    1 
ATOM   884  C  C8    . G   B 1 19 ? -7.472  8.573   17.291  1.00 45.71 ? 19   G   B C8    1 
ATOM   885  N  N7    . G   B 1 19 ? -7.263  7.287   17.275  1.00 44.73 ? 19   G   B N7    1 
ATOM   886  C  C5    . G   B 1 19 ? -8.430  6.755   16.750  1.00 44.42 ? 19   G   B C5    1 
ATOM   887  C  C6    . G   B 1 19 ? -8.779  5.410   16.485  1.00 44.63 ? 19   G   B C6    1 
ATOM   888  O  O6    . G   B 1 19 ? -8.101  4.387   16.655  1.00 43.43 ? 19   G   B O6    1 
ATOM   889  N  N1    . G   B 1 19 ? -10.061 5.311   15.964  1.00 44.70 ? 19   G   B N1    1 
ATOM   890  C  C2    . G   B 1 19 ? -10.899 6.372   15.716  1.00 44.90 ? 19   G   B C2    1 
ATOM   891  N  N2    . G   B 1 19 ? -12.108 6.061   15.222  1.00 44.51 ? 19   G   B N2    1 
ATOM   892  N  N3    . G   B 1 19 ? -10.578 7.638   15.943  1.00 43.77 ? 19   G   B N3    1 
ATOM   893  C  C4    . G   B 1 19 ? -9.337  7.754   16.459  1.00 45.03 ? 19   G   B C4    1 
ATOM   894  P  P     . C   B 1 20 ? -9.957  11.743  21.104  1.00 60.02 ? 20   C   B P     1 
ATOM   895  O  OP1   . C   B 1 20 ? -9.740  12.802  22.124  1.00 61.08 ? 20   C   B OP1   1 
ATOM   896  O  OP2   . C   B 1 20 ? -9.432  10.379  21.342  1.00 60.57 ? 20   C   B OP2   1 
ATOM   897  O  "O5'" . C   B 1 20 ? -11.509 11.600  20.818  1.00 59.30 ? 20   C   B "O5'" 1 
ATOM   898  C  "C5'" . C   B 1 20 ? -12.272 10.648  21.534  1.00 59.52 ? 20   C   B "C5'" 1 
ATOM   899  C  "C4'" . C   B 1 20 ? -13.175 9.897   20.602  1.00 58.82 ? 20   C   B "C4'" 1 
ATOM   900  O  "O4'" . C   B 1 20 ? -12.432 9.411   19.458  1.00 57.90 ? 20   C   B "O4'" 1 
ATOM   901  C  "C3'" . C   B 1 20 ? -13.713 8.644   21.250  1.00 60.25 ? 20   C   B "C3'" 1 
ATOM   902  O  "O3'" . C   B 1 20 ? -14.807 8.955   22.076  1.00 63.26 ? 20   C   B "O3'" 1 
ATOM   903  C  "C2'" . C   B 1 20 ? -14.036 7.766   20.057  1.00 58.62 ? 20   C   B "C2'" 1 
ATOM   904  O  "O2'" . C   B 1 20 ? -15.258 8.103   19.439  1.00 59.20 ? 20   C   B "O2'" 1 
ATOM   905  C  "C1'" . C   B 1 20 ? -12.859 8.096   19.137  1.00 57.36 ? 20   C   B "C1'" 1 
ATOM   906  N  N1    . C   B 1 20 ? -11.719 7.199   19.364  1.00 54.51 ? 20   C   B N1    1 
ATOM   907  C  C2    . C   B 1 20 ? -11.830 5.858   19.004  1.00 53.51 ? 20   C   B C2    1 
ATOM   908  O  O2    . C   B 1 20 ? -12.893 5.453   18.514  1.00 52.43 ? 20   C   B O2    1 
ATOM   909  N  N3    . C   B 1 20 ? -10.778 5.032   19.197  1.00 52.54 ? 20   C   B N3    1 
ATOM   910  C  C4    . C   B 1 20 ? -9.652  5.502   19.730  1.00 52.46 ? 20   C   B C4    1 
ATOM   911  N  N4    . C   B 1 20 ? -8.634  4.652   19.893  1.00 52.30 ? 20   C   B N4    1 
ATOM   912  C  C5    . C   B 1 20 ? -9.514  6.866   20.118  1.00 52.60 ? 20   C   B C5    1 
ATOM   913  C  C6    . C   B 1 20 ? -10.563 7.670   19.919  1.00 53.57 ? 20   C   B C6    1 
ATOM   914  P  P     . A   B 1 21 ? -14.614 8.939   23.666  1.00 64.87 ? 21   A   B P     1 
ATOM   915  O  OP1   . A   B 1 21 ? -14.940 10.292  24.195  1.00 66.23 ? 21   A   B OP1   1 
ATOM   916  O  OP2   . A   B 1 21 ? -13.289 8.339   23.961  1.00 63.96 ? 21   A   B OP2   1 
ATOM   917  O  "O5'" . A   B 1 21 ? -15.734 7.922   24.141  1.00 64.45 ? 21   A   B "O5'" 1 
ATOM   918  C  "C5'" . A   B 1 21 ? -15.376 6.651   24.669  1.00 64.50 ? 21   A   B "C5'" 1 
ATOM   919  C  "C4'" . A   B 1 21 ? -15.871 5.555   23.766  1.00 63.88 ? 21   A   B "C4'" 1 
ATOM   920  O  "O4'" . A   B 1 21 ? -15.106 5.547   22.531  1.00 63.12 ? 21   A   B "O4'" 1 
ATOM   921  C  "C3'" . A   B 1 21 ? -15.634 4.180   24.349  1.00 64.18 ? 21   A   B "C3'" 1 
ATOM   922  O  "O3'" . A   B 1 21 ? -16.642 3.869   25.296  1.00 65.01 ? 21   A   B "O3'" 1 
ATOM   923  C  "C2'" . A   B 1 21 ? -15.604 3.299   23.111  1.00 63.01 ? 21   A   B "C2'" 1 
ATOM   924  O  "O2'" . A   B 1 21 ? -16.888 3.010   22.600  1.00 63.11 ? 21   A   B "O2'" 1 
ATOM   925  C  "C1'" . A   B 1 21 ? -14.843 4.205   22.139  1.00 60.93 ? 21   A   B "C1'" 1 
ATOM   926  N  N9    . A   B 1 21 ? -13.396 3.999   22.196  1.00 57.20 ? 21   A   B N9    1 
ATOM   927  C  C8    . A   B 1 21 ? -12.434 4.948   22.419  1.00 56.17 ? 21   A   B C8    1 
ATOM   928  N  N7    . A   B 1 21 ? -11.212 4.473   22.421  1.00 55.51 ? 21   A   B N7    1 
ATOM   929  C  C5    . A   B 1 21 ? -11.381 3.118   22.179  1.00 54.10 ? 21   A   B C5    1 
ATOM   930  C  C6    . A   B 1 21 ? -10.461 2.056   22.055  1.00 52.76 ? 21   A   B C6    1 
ATOM   931  N  N6    . A   B 1 21 ? -9.139  2.205   22.155  1.00 51.60 ? 21   A   B N6    1 
ATOM   932  N  N1    . A   B 1 21 ? -10.956 0.823   21.821  1.00 51.64 ? 21   A   B N1    1 
ATOM   933  C  C2    . A   B 1 21 ? -12.287 0.675   21.718  1.00 53.06 ? 21   A   B C2    1 
ATOM   934  N  N3    . A   B 1 21 ? -13.248 1.596   21.808  1.00 53.50 ? 21   A   B N3    1 
ATOM   935  C  C4    . A   B 1 21 ? -12.721 2.809   22.041  1.00 54.57 ? 21   A   B C4    1 
ATOM   936  P  P     . A   B 1 22 ? -16.238 3.682   26.835  1.00 66.16 ? 22   A   B P     1 
ATOM   937  O  OP1   . A   B 1 22 ? -17.463 3.815   27.668  1.00 67.17 ? 22   A   B OP1   1 
ATOM   938  O  OP2   . A   B 1 22 ? -15.067 4.559   27.103  1.00 65.38 ? 22   A   B OP2   1 
ATOM   939  O  "O5'" . A   B 1 22 ? -15.752 2.168   26.884  1.00 64.30 ? 22   A   B "O5'" 1 
ATOM   940  C  "C5'" . A   B 1 22 ? -16.530 1.144   26.243  1.00 60.65 ? 22   A   B "C5'" 1 
ATOM   941  C  "C4'" . A   B 1 22 ? -15.674 -0.058  25.925  1.00 57.84 ? 22   A   B "C4'" 1 
ATOM   942  O  "O4'" . A   B 1 22 ? -14.698 0.265   24.898  1.00 56.19 ? 22   A   B "O4'" 1 
ATOM   943  C  "C3'" . A   B 1 22 ? -14.819 -0.616  27.050  1.00 56.42 ? 22   A   B "C3'" 1 
ATOM   944  O  "O3'" . A   B 1 22 ? -15.588 -1.392  27.965  1.00 55.02 ? 22   A   B "O3'" 1 
ATOM   945  C  "C2'" . A   B 1 22 ? -13.839 -1.480  26.268  1.00 55.29 ? 22   A   B "C2'" 1 
ATOM   946  O  "O2'" . A   B 1 22 ? -14.434 -2.695  25.857  1.00 55.55 ? 22   A   B "O2'" 1 
ATOM   947  C  "C1'" . A   B 1 22 ? -13.582 -0.603  25.034  1.00 54.35 ? 22   A   B "C1'" 1 
ATOM   948  N  N9    . A   B 1 22 ? -12.367 0.204   25.161  1.00 51.39 ? 22   A   B N9    1 
ATOM   949  C  C8    . A   B 1 22 ? -12.250 1.551   25.376  1.00 49.50 ? 22   A   B C8    1 
ATOM   950  N  N7    . A   B 1 22 ? -11.008 1.964   25.477  1.00 49.03 ? 22   A   B N7    1 
ATOM   951  C  C5    . A   B 1 22 ? -10.257 0.808   25.313  1.00 47.88 ? 22   A   B C5    1 
ATOM   952  C  C6    . A   B 1 22 ? -8.871  0.564   25.331  1.00 46.73 ? 22   A   B C6    1 
ATOM   953  N  N6    . A   B 1 22 ? -7.949  1.507   25.528  1.00 43.67 ? 22   A   B N6    1 
ATOM   954  N  N1    . A   B 1 22 ? -8.458  -0.705  25.139  1.00 46.02 ? 22   A   B N1    1 
ATOM   955  C  C2    . A   B 1 22 ? -9.377  -1.654  24.941  1.00 47.80 ? 22   A   B C2    1 
ATOM   956  N  N3    . A   B 1 22 ? -10.700 -1.551  24.903  1.00 48.68 ? 22   A   B N3    1 
ATOM   957  C  C4    . A   B 1 22 ? -11.081 -0.280  25.104  1.00 49.60 ? 22   A   B C4    1 
ATOM   958  P  P     . G   B 1 23 ? -15.072 -1.582  29.479  1.00 54.91 ? 23   G   B P     1 
ATOM   959  O  OP1   . G   B 1 23 ? -16.193 -2.161  30.271  1.00 53.76 ? 23   G   B OP1   1 
ATOM   960  O  OP2   . G   B 1 23 ? -14.450 -0.306  29.912  1.00 52.38 ? 23   G   B OP2   1 
ATOM   961  O  "O5'" . G   B 1 23 ? -13.924 -2.685  29.360  1.00 52.35 ? 23   G   B "O5'" 1 
ATOM   962  C  "C5'" . G   B 1 23 ? -14.208 -3.994  28.821  1.00 50.59 ? 23   G   B "C5'" 1 
ATOM   963  C  "C4'" . G   B 1 23 ? -12.944 -4.819  28.757  1.00 48.89 ? 23   G   B "C4'" 1 
ATOM   964  O  "O4'" . G   B 1 23 ? -12.034 -4.230  27.792  1.00 47.39 ? 23   G   B "O4'" 1 
ATOM   965  C  "C3'" . G   B 1 23 ? -12.150 -4.856  30.047  1.00 48.54 ? 23   G   B "C3'" 1 
ATOM   966  O  "O3'" . G   B 1 23 ? -12.675 -5.780  31.026  1.00 49.09 ? 23   G   B "O3'" 1 
ATOM   967  C  "C2'" . G   B 1 23 ? -10.743 -5.157  29.557  1.00 47.53 ? 23   G   B "C2'" 1 
ATOM   968  O  "O2'" . G   B 1 23 ? -10.554 -6.531  29.297  1.00 47.10 ? 23   G   B "O2'" 1 
ATOM   969  C  "C1'" . G   B 1 23 ? -10.702 -4.360  28.251  1.00 45.96 ? 23   G   B "C1'" 1 
ATOM   970  N  N9    . G   B 1 23 ? -10.138 -3.020  28.365  1.00 43.05 ? 23   G   B N9    1 
ATOM   971  C  C8    . G   B 1 23 ? -10.833 -1.848  28.523  1.00 41.60 ? 23   G   B C8    1 
ATOM   972  N  N7    . G   B 1 23 ? -10.063 -0.794  28.541  1.00 39.27 ? 23   G   B N7    1 
ATOM   973  C  C5    . G   B 1 23 ? -8.779  -1.303  28.391  1.00 38.16 ? 23   G   B C5    1 
ATOM   974  C  C6    . G   B 1 23 ? -7.527  -0.637  28.318  1.00 37.23 ? 23   G   B C6    1 
ATOM   975  O  O6    . G   B 1 23 ? -7.297  0.578   28.355  1.00 32.77 ? 23   G   B O6    1 
ATOM   976  N  N1    . G   B 1 23 ? -6.471  -1.542  28.179  1.00 34.81 ? 23   G   B N1    1 
ATOM   977  C  C2    . G   B 1 23 ? -6.608  -2.903  28.108  1.00 36.52 ? 23   G   B C2    1 
ATOM   978  N  N2    . G   B 1 23 ? -5.467  -3.608  27.974  1.00 36.45 ? 23   G   B N2    1 
ATOM   979  N  N3    . G   B 1 23 ? -7.769  -3.532  28.162  1.00 38.93 ? 23   G   B N3    1 
ATOM   980  C  C4    . G   B 1 23 ? -8.805  -2.677  28.302  1.00 39.50 ? 23   G   B C4    1 
HETATM 981  C  C11   . LIV C 2 .  ? 2.790   2.668   -7.971  1.00 31.00 ? 1001 LIV A C11   1 
HETATM 982  O  O11   . LIV C 2 .  ? 2.131   3.110   -6.758  1.00 28.18 ? 1001 LIV A O11   1 
HETATM 983  C  C21   . LIV C 2 .  ? 4.039   3.578   -8.197  1.00 31.34 ? 1001 LIV A C21   1 
HETATM 984  N  N21   . LIV C 2 .  ? 4.956   3.523   -7.059  1.00 30.18 ? 1001 LIV A N21   1 
HETATM 985  C  C31   . LIV C 2 .  ? 3.604   5.053   -8.513  1.00 31.53 ? 1001 LIV A C31   1 
HETATM 986  C  C41   . LIV C 2 .  ? 2.639   5.026   -9.759  1.00 34.15 ? 1001 LIV A C41   1 
HETATM 987  O  O41   . LIV C 2 .  ? 2.233   6.338   -10.094 1.00 33.58 ? 1001 LIV A O41   1 
HETATM 988  C  C51   . LIV C 2 .  ? 1.394   4.142   -9.420  1.00 34.22 ? 1001 LIV A C51   1 
HETATM 989  O  O51   . LIV C 2 .  ? 1.858   2.786   -9.089  1.00 33.02 ? 1001 LIV A O51   1 
HETATM 990  C  C61   . LIV C 2 .  ? 0.437   4.020   -10.563 1.00 34.97 ? 1001 LIV A C61   1 
HETATM 991  O  O61   . LIV C 2 .  ? -0.629  3.215   -10.130 1.00 36.40 ? 1001 LIV A O61   1 
HETATM 992  C  C12   . LIV C 2 .  ? 0.562   1.466   -3.107  1.00 29.69 ? 1001 LIV A C12   1 
HETATM 993  N  N12   . LIV C 2 .  ? -0.228  0.672   -2.167  1.00 25.95 ? 1001 LIV A N12   1 
HETATM 994  C  C62   . LIV C 2 .  ? 1.452   0.511   -4.017  1.00 30.87 ? 1001 LIV A C62   1 
HETATM 995  O  O62   . LIV C 2 .  ? 2.341   -0.275  -3.166  1.00 32.06 ? 1001 LIV A O62   1 
HETATM 996  C  C52   . LIV C 2 .  ? 2.323   1.363   -5.011  1.00 32.85 ? 1001 LIV A C52   1 
HETATM 997  O  O52   . LIV C 2 .  ? 3.120   0.534   -5.923  1.00 37.53 ? 1001 LIV A O52   1 
HETATM 998  C  C42   . LIV C 2 .  ? 1.395   2.250   -5.889  1.00 30.45 ? 1001 LIV A C42   1 
HETATM 999  C  C32   . LIV C 2 .  ? 0.464   3.184   -5.083  1.00 28.29 ? 1001 LIV A C32   1 
HETATM 1000 N  N32   . LIV C 2 .  ? -0.379  3.964   -5.996  1.00 26.74 ? 1001 LIV A N32   1 
HETATM 1001 C  C22   . LIV C 2 .  ? -0.407  2.318   -4.062  1.00 27.89 ? 1001 LIV A C22   1 
HETATM 1002 C  C13   . LIV C 2 .  ? 4.300   -0.171  -5.584  1.00 45.24 ? 1001 LIV A C13   1 
HETATM 1003 C  C23   . LIV C 2 .  ? 4.772   -0.863  -6.843  1.00 48.53 ? 1001 LIV A C23   1 
HETATM 1004 O  O23   . LIV C 2 .  ? 3.880   -1.959  -6.623  1.00 50.20 ? 1001 LIV A O23   1 
HETATM 1005 C  C33   . LIV C 2 .  ? 6.240   -1.100  -6.545  1.00 49.50 ? 1001 LIV A C33   1 
HETATM 1006 C  C43   . LIV C 2 .  ? 6.649   0.037   -5.571  1.00 50.15 ? 1001 LIV A C43   1 
HETATM 1007 O  O43   . LIV C 2 .  ? 5.397   0.640   -5.235  1.00 47.13 ? 1001 LIV A O43   1 
HETATM 1008 C  C53   . LIV C 2 .  ? 7.535   1.131   -6.171  1.00 51.04 ? 1001 LIV A C53   1 
HETATM 1009 O  O53   . LIV C 2 .  ? 7.723   2.144   -5.160  1.00 54.61 ? 1001 LIV A O53   1 
HETATM 1010 C  C44   . LIV C 2 .  ? 7.043   -6.358  -7.633  1.00 62.33 ? 1001 LIV A C44   1 
HETATM 1011 O  O44   . LIV C 2 .  ? 8.413   -6.482  -7.219  1.00 65.55 ? 1001 LIV A O44   1 
HETATM 1012 C  C34   . LIV C 2 .  ? 6.208   -6.192  -6.274  1.00 59.86 ? 1001 LIV A C34   1 
HETATM 1013 O  O34   . LIV C 2 .  ? 4.834   -6.121  -6.686  1.00 60.43 ? 1001 LIV A O34   1 
HETATM 1014 C  C24   . LIV C 2 .  ? 6.566   -4.811  -5.497  1.00 58.65 ? 1001 LIV A C24   1 
HETATM 1015 N  N24   . LIV C 2 .  ? 7.970   -4.712  -4.999  1.00 56.31 ? 1001 LIV A N24   1 
HETATM 1016 C  C14   . LIV C 2 .  ? 6.207   -3.583  -6.491  1.00 56.83 ? 1001 LIV A C14   1 
HETATM 1017 O  O33   . LIV C 2 .  ? 6.494   -2.341  -5.846  1.00 54.23 ? 1001 LIV A O33   1 
HETATM 1018 C  C54   . LIV C 2 .  ? 6.851   -5.059  -8.395  1.00 61.59 ? 1001 LIV A C54   1 
HETATM 1019 O  O54   . LIV C 2 .  ? 6.957   -3.733  -7.833  1.00 59.71 ? 1001 LIV A O54   1 
HETATM 1020 C  C64   . LIV C 2 .  ? 7.644   -5.023  -9.746  1.00 61.93 ? 1001 LIV A C64   1 
HETATM 1021 N  N64   . LIV C 2 .  ? 9.030   -4.535  -9.597  1.00 61.22 ? 1001 LIV A N64   1 
HETATM 1022 C  C15   . LIV C 2 .  ? 9.056   -8.002  -6.967  1.00 68.24 ? 1001 LIV A C15   1 
HETATM 1023 C  C25   . LIV C 2 .  ? 10.350  -7.517  -6.303  1.00 69.71 ? 1001 LIV A C25   1 
HETATM 1024 C  C35   . LIV C 2 .  ? 11.505  -7.168  -7.272  1.00 70.42 ? 1001 LIV A C35   1 
HETATM 1025 C  C45   . LIV C 2 .  ? 11.764  -8.268  -8.308  1.00 70.89 ? 1001 LIV A C45   1 
HETATM 1026 C  C55   . LIV C 2 .  ? 10.453  -8.629  -9.012  1.00 70.71 ? 1001 LIV A C55   1 
HETATM 1027 C  C65   . LIV C 2 .  ? 10.401  -9.733  -10.072 1.00 70.94 ? 1001 LIV A C65   1 
HETATM 1028 O  O25   . LIV C 2 .  ? 10.802  -8.557  -5.401  1.00 69.12 ? 1001 LIV A O25   1 
HETATM 1029 O  O35   . LIV C 2 .  ? 12.690  -6.957  -6.483  1.00 70.37 ? 1001 LIV A O35   1 
HETATM 1030 O  O45   . LIV C 2 .  ? 12.771  -7.741  -9.195  1.00 71.99 ? 1001 LIV A O45   1 
HETATM 1031 O  O55   . LIV C 2 .  ? 9.334   -8.891  -8.117  1.00 69.63 ? 1001 LIV A O55   1 
HETATM 1032 O  O65   . LIV C 2 .  ? 9.055   -10.287 -10.192 1.00 71.24 ? 1001 LIV A O65   1 
HETATM 1033 K  K     . K   D 3 .  ? 6.876   -4.247  -18.475 0.96 55.00 ? 1002 K   A K     1 
HETATM 1034 K  K     . K   E 3 .  ? 10.793  -3.680  -27.996 0.80 46.04 ? 44   K   A K     1 
HETATM 1035 C  C11   . LIV F 2 .  ? -4.543  4.069   6.188   1.00 28.21 ? 2001 LIV B C11   1 
HETATM 1036 O  O11   . LIV F 2 .  ? -3.982  4.105   4.868   1.00 27.69 ? 2001 LIV B O11   1 
HETATM 1037 C  C21   . LIV F 2 .  ? -6.043  4.534   6.106   1.00 29.58 ? 2001 LIV B C21   1 
HETATM 1038 N  N21   . LIV F 2 .  ? -6.815  3.715   5.181   1.00 30.70 ? 2001 LIV B N21   1 
HETATM 1039 C  C31   . LIV F 2 .  ? -6.123  6.059   5.726   1.00 30.70 ? 2001 LIV B C31   1 
HETATM 1040 C  C41   . LIV F 2 .  ? -5.283  6.874   6.762   1.00 29.17 ? 2001 LIV B C41   1 
HETATM 1041 O  O41   . LIV F 2 .  ? -5.345  8.265   6.463   1.00 34.39 ? 2001 LIV B O41   1 
HETATM 1042 C  C51   . LIV F 2 .  ? -3.805  6.390   6.725   1.00 29.58 ? 2001 LIV B C51   1 
HETATM 1043 O  O51   . LIV F 2 .  ? -3.783  4.948   7.057   1.00 28.74 ? 2001 LIV B O51   1 
HETATM 1044 C  C61   . LIV F 2 .  ? -2.953  7.108   7.722   1.00 31.76 ? 2001 LIV B C61   1 
HETATM 1045 O  O61   . LIV F 2 .  ? -1.645  6.614   7.612   1.00 34.41 ? 2001 LIV B O61   1 
HETATM 1046 C  C12   . LIV F 2 .  ? -1.514  1.604   2.310   1.00 29.17 ? 2001 LIV B C12   1 
HETATM 1047 N  N12   . LIV F 2 .  ? -0.395  0.785   1.817   1.00 23.55 ? 2001 LIV B N12   1 
HETATM 1048 C  C62   . LIV F 2 .  ? -2.130  0.951   3.611   1.00 28.32 ? 2001 LIV B C62   1 
HETATM 1049 O  O62   . LIV F 2 .  ? -2.616  -0.397  3.284   1.00 30.32 ? 2001 LIV B O62   1 
HETATM 1050 C  C52   . LIV F 2 .  ? -3.340  1.805   4.139   1.00 30.08 ? 2001 LIV B C52   1 
HETATM 1051 O  O52   . LIV F 2 .  ? -3.881  1.253   5.363   1.00 33.01 ? 2001 LIV B O52   1 
HETATM 1052 C  C42   . LIV F 2 .  ? -2.875  3.261   4.446   1.00 28.48 ? 2001 LIV B C42   1 
HETATM 1053 C  C32   . LIV F 2 .  ? -2.226  3.957   3.217   1.00 27.10 ? 2001 LIV B C32   1 
HETATM 1054 N  N32   . LIV F 2 .  ? -1.780  5.311   3.579   1.00 26.66 ? 2001 LIV B N32   1 
HETATM 1055 C  C22   . LIV F 2 .  ? -1.004  3.063   2.691   1.00 27.80 ? 2001 LIV B C22   1 
HETATM 1056 C  C13   . LIV F 2 .  ? -4.813  0.218   5.366   1.00 38.22 ? 2001 LIV B C13   1 
HETATM 1057 C  C23   . LIV F 2 .  ? -4.724  -0.428  6.737   1.00 40.01 ? 2001 LIV B C23   1 
HETATM 1058 O  O23   . LIV F 2 .  ? -3.818  -1.566  6.753   1.00 36.07 ? 2001 LIV B O23   1 
HETATM 1059 C  C33   . LIV F 2 .  ? -6.177  -0.727  7.066   1.00 42.75 ? 2001 LIV B C33   1 
HETATM 1060 C  C43   . LIV F 2 .  ? -7.074  -0.074  5.987   1.00 44.11 ? 2001 LIV B C43   1 
HETATM 1061 O  O43   . LIV F 2 .  ? -6.143  0.689   5.233   1.00 39.84 ? 2001 LIV B O43   1 
HETATM 1062 C  C53   . LIV F 2 .  ? -8.145  0.870   6.521   1.00 44.31 ? 2001 LIV B C53   1 
HETATM 1063 O  O53   . LIV F 2 .  ? -7.549  1.624   7.588   1.00 50.47 ? 2001 LIV B O53   1 
HETATM 1064 C  C44   . LIV F 2 .  ? -6.590  -5.202  10.054  1.00 61.73 ? 2001 LIV B C44   1 
HETATM 1065 O  O44   . LIV F 2 .  ? -7.826  -5.726  9.532   1.00 66.16 ? 2001 LIV B O44   1 
HETATM 1066 C  C34   . LIV F 2 .  ? -5.550  -5.314  8.821   1.00 59.47 ? 2001 LIV B C34   1 
HETATM 1067 O  O34   . LIV F 2 .  ? -4.289  -4.815  9.304   1.00 58.65 ? 2001 LIV B O34   1 
HETATM 1068 C  C24   . LIV F 2 .  ? -6.001  -4.400  7.568   1.00 57.13 ? 2001 LIV B C24   1 
HETATM 1069 N  N24   . LIV F 2 .  ? -7.289  -4.781  6.927   1.00 57.31 ? 2001 LIV B N24   1 
HETATM 1070 C  C14   . LIV F 2 .  ? -6.056  -2.884  8.078   1.00 54.89 ? 2001 LIV B C14   1 
HETATM 1071 O  O33   . LIV F 2 .  ? -6.448  -2.100  6.990   1.00 47.70 ? 2001 LIV B O33   1 
HETATM 1072 C  C54   . LIV F 2 .  ? -6.764  -3.717  10.309  1.00 60.49 ? 2001 LIV B C54   1 
HETATM 1073 O  O54   . LIV F 2 .  ? -7.002  -2.731  9.283   1.00 57.96 ? 2001 LIV B O54   1 
HETATM 1074 C  C64   . LIV F 2 .  ? -7.788  -3.402  11.457  1.00 61.73 ? 2001 LIV B C64   1 
HETATM 1075 N  N64   . LIV F 2 .  ? -8.386  -2.048  11.365  1.00 63.25 ? 2001 LIV B N64   1 
HETATM 1076 C  C15   . LIV F 2 .  ? -8.635  -7.044  10.180  1.00 71.53 ? 2001 LIV B C15   1 
HETATM 1077 C  C25   . LIV F 2 .  ? -9.741  -6.996  9.101   1.00 73.11 ? 2001 LIV B C25   1 
HETATM 1078 C  C35   . LIV F 2 .  ? -11.047 -7.787  9.379   1.00 74.80 ? 2001 LIV B C35   1 
HETATM 1079 C  C45   . LIV F 2 .  ? -11.440 -7.949  10.866  1.00 74.90 ? 2001 LIV B C45   1 
HETATM 1080 C  C55   . LIV F 2 .  ? -10.662 -6.977  11.748  1.00 74.84 ? 2001 LIV B C55   1 
HETATM 1081 C  C65   . LIV F 2 .  ? -10.848 -6.933  13.263  1.00 76.55 ? 2001 LIV B C65   1 
HETATM 1082 O  O25   . LIV F 2 .  ? -9.193  -7.460  7.842   1.00 74.08 ? 2001 LIV B O25   1 
HETATM 1083 O  O35   . LIV F 2 .  ? -10.909 -9.087  8.793   1.00 75.67 ? 2001 LIV B O35   1 
HETATM 1084 O  O45   . LIV F 2 .  ? -12.871 -7.757  10.916  1.00 75.81 ? 2001 LIV B O45   1 
HETATM 1085 O  O55   . LIV F 2 .  ? -9.221  -6.996  11.552  1.00 72.98 ? 2001 LIV B O55   1 
HETATM 1086 O  O65   . LIV F 2 .  ? -12.259 -6.748  13.596  1.00 79.34 ? 2001 LIV B O65   1 
HETATM 1087 K  K     . K   G 3 .  ? -6.147  1.392   19.345  0.95 55.74 ? 2002 K   B K     1 
HETATM 1088 CL CL    . CL  H 4 .  ? -4.474  4.843   26.853  0.80 55.45 ? 66   CL  B CL    1 
HETATM 1089 K  K     . K   I 3 .  ? -1.537  -8.110  17.511  0.46 76.47 ? 90   K   B K     1 
HETATM 1090 O  O     . HOH J 5 .  ? 4.975   16.364  0.564   1.00 44.75 ? 1003 HOH A O     1 
HETATM 1091 O  O     . HOH J 5 .  ? 4.460   -2.759  -3.661  1.00 33.39 ? 1004 HOH A O     1 
HETATM 1092 O  O     . HOH J 5 .  ? 19.340  -12.540 -28.425 1.00 34.66 ? 1005 HOH A O     1 
HETATM 1093 O  O     . HOH J 5 .  ? 4.079   1.604   -2.045  1.00 31.78 ? 1006 HOH A O     1 
HETATM 1094 O  O     . HOH J 5 .  ? -0.812  -9.543  -4.230  1.00 36.57 ? 1007 HOH A O     1 
HETATM 1095 O  O     . HOH J 5 .  ? 3.979   18.268  -2.063  1.00 35.82 ? 1008 HOH A O     1 
HETATM 1096 O  O     . HOH J 5 .  ? 2.061   13.225  1.631   1.00 39.78 ? 1009 HOH A O     1 
HETATM 1097 O  O     . HOH J 5 .  ? 9.188   7.495   -19.535 1.00 50.15 ? 1010 HOH A O     1 
HETATM 1098 O  O     . HOH J 5 .  ? 1.684   12.078  -6.799  1.00 35.28 ? 1011 HOH A O     1 
HETATM 1099 O  O     . HOH J 5 .  ? 7.959   -1.654  7.648   1.00 43.34 ? 1012 HOH A O     1 
HETATM 1100 O  O     . HOH J 5 .  ? 7.419   -2.918  -2.891  1.00 37.05 ? 1013 HOH A O     1 
HETATM 1101 O  O     . HOH J 5 .  ? 4.351   -1.245  -1.035  1.00 36.82 ? 1014 HOH A O     1 
HETATM 1102 O  O     . HOH J 5 .  ? 7.362   10.130  -0.450  1.00 59.80 ? 1015 HOH A O     1 
HETATM 1103 O  O     . HOH J 5 .  ? 7.176   5.093   -7.169  1.00 40.29 ? 1016 HOH A O     1 
HETATM 1104 O  O     . HOH J 5 .  ? 2.185   -10.760 0.630   1.00 34.69 ? 1017 HOH A O     1 
HETATM 1105 O  O     . HOH J 5 .  ? 12.946  -12.663 -20.216 1.00 39.12 ? 1018 HOH A O     1 
HETATM 1106 O  O     . HOH J 5 .  ? 0.757   6.084   -6.646  1.00 36.09 ? 1019 HOH A O     1 
HETATM 1107 O  O     . HOH J 5 .  ? 2.336   4.314   1.576   1.00 39.13 ? 1020 HOH A O     1 
HETATM 1108 O  O     . HOH J 5 .  ? 1.415   17.585  -5.835  1.00 37.22 ? 1021 HOH A O     1 
HETATM 1109 O  O     . HOH J 5 .  ? -4.791  -1.226  -12.356 1.00 52.41 ? 1022 HOH A O     1 
HETATM 1110 O  O     . HOH J 5 .  ? 16.028  -6.853  -18.495 1.00 52.97 ? 1023 HOH A O     1 
HETATM 1111 O  O     . HOH J 5 .  ? 5.426   -2.161  -18.155 1.00 39.59 ? 1024 HOH A O     1 
HETATM 1112 O  O     . HOH J 5 .  ? 13.460  7.452   -7.758  1.00 57.74 ? 1025 HOH A O     1 
HETATM 1113 O  O     . HOH J 5 .  ? 6.283   2.314   9.427   1.00 43.19 ? 1026 HOH A O     1 
HETATM 1114 O  O     . HOH J 5 .  ? -4.598  -7.496  -9.565  1.00 55.62 ? 1027 HOH A O     1 
HETATM 1115 O  O     . HOH J 5 .  ? 1.368   -0.508  -0.279  1.00 43.37 ? 1028 HOH A O     1 
HETATM 1116 O  O     . HOH J 5 .  ? 9.261   7.974   -15.085 1.00 49.39 ? 1029 HOH A O     1 
HETATM 1117 O  O     . HOH J 5 .  ? 15.974  0.471   -17.867 1.00 55.29 ? 1030 HOH A O     1 
HETATM 1118 O  O     . HOH J 5 .  ? 6.982   -2.287  -11.973 1.00 53.31 ? 1031 HOH A O     1 
HETATM 1119 O  O     . HOH J 5 .  ? 10.663  -6.594  4.220   1.00 46.17 ? 1032 HOH A O     1 
HETATM 1120 O  O     . HOH J 5 .  ? 6.100   -5.847  -11.395 1.00 54.67 ? 1033 HOH A O     1 
HETATM 1121 O  O     . HOH J 5 .  ? 7.044   6.706   -16.602 1.00 60.58 ? 1034 HOH A O     1 
HETATM 1122 O  O     . HOH J 5 .  ? 7.668   -13.466 -25.476 1.00 65.50 ? 1035 HOH A O     1 
HETATM 1123 O  O     . HOH J 5 .  ? 3.559   -3.903  -13.224 1.00 68.51 ? 1036 HOH A O     1 
HETATM 1124 O  O     . HOH J 5 .  ? 4.457   -3.080  -15.681 1.00 53.80 ? 1037 HOH A O     1 
HETATM 1125 O  O     . HOH J 5 .  ? 3.184   -3.712  -9.823  1.00 42.82 ? 1038 HOH A O     1 
HETATM 1126 O  O     . HOH J 5 .  ? 3.917   -0.863  -20.409 1.00 74.12 ? 1039 HOH A O     1 
HETATM 1127 O  O     . HOH J 5 .  ? 2.071   19.873  -3.985  1.00 44.24 ? 1040 HOH A O     1 
HETATM 1128 O  O     . HOH J 5 .  ? 7.353   -3.802  -14.518 1.00 58.31 ? 1041 HOH A O     1 
HETATM 1129 O  O     . HOH J 5 .  ? 7.506   -5.769  -16.308 1.00 68.93 ? 1042 HOH A O     1 
HETATM 1130 O  O     . HOH J 5 .  ? 3.413   0.788   1.063   1.00 54.92 ? 1043 HOH A O     1 
HETATM 1131 O  O     . HOH J 5 .  ? 2.107   16.942  -8.267  1.00 48.83 ? 1044 HOH A O     1 
HETATM 1132 O  O     . HOH J 5 .  ? -2.726  2.540   -1.371  1.00 48.36 ? 1045 HOH A O     1 
HETATM 1133 O  O     . HOH J 5 .  ? 1.567   11.415  -10.441 1.00 62.03 ? 1046 HOH A O     1 
HETATM 1134 O  O     . HOH K 5 .  ? -11.687 10.987  -6.554  1.00 51.77 ? 2003 HOH B O     1 
HETATM 1135 O  O     . HOH K 5 .  ? -3.884  -3.041  4.784   1.00 31.14 ? 2004 HOH B O     1 
HETATM 1136 O  O     . HOH K 5 .  ? 0.717   -9.897  3.596   1.00 32.28 ? 2005 HOH B O     1 
HETATM 1137 O  O     . HOH K 5 .  ? -3.875  2.499   -3.511  1.00 27.39 ? 2006 HOH B O     1 
HETATM 1138 O  O     . HOH K 5 .  ? -1.198  -0.886  0.112   1.00 38.47 ? 2007 HOH B O     1 
HETATM 1139 O  O     . HOH K 5 .  ? -3.449  -7.942  14.577  1.00 40.94 ? 2008 HOH B O     1 
HETATM 1140 O  O     . HOH K 5 .  ? -12.564 14.227  -4.979  1.00 41.24 ? 2009 HOH B O     1 
HETATM 1141 O  O     . HOH K 5 .  ? -3.472  0.277   13.968  1.00 48.17 ? 2010 HOH B O     1 
HETATM 1142 O  O     . HOH K 5 .  ? -2.544  5.152   0.243   1.00 44.26 ? 2011 HOH B O     1 
HETATM 1143 O  O     . HOH K 5 .  ? -3.701  -1.323  -1.015  1.00 40.87 ? 2012 HOH B O     1 
HETATM 1144 O  O     . HOH K 5 .  ? -9.841  15.699  -3.995  1.00 53.59 ? 2013 HOH B O     1 
HETATM 1145 O  O     . HOH K 5 .  ? -5.512  -3.579  18.002  1.00 36.32 ? 2014 HOH B O     1 
HETATM 1146 O  O     . HOH K 5 .  ? -4.333  -7.173  -6.270  1.00 38.94 ? 2015 HOH B O     1 
HETATM 1147 O  O     . HOH K 5 .  ? -4.255  -1.508  1.223   1.00 47.36 ? 2016 HOH B O     1 
HETATM 1148 O  O     . HOH K 5 .  ? -6.832  -1.240  -9.875  1.00 48.12 ? 2017 HOH B O     1 
HETATM 1149 O  O     . HOH K 5 .  ? -9.379  4.265   5.392   1.00 37.12 ? 2018 HOH B O     1 
HETATM 1150 O  O     . HOH K 5 .  ? -3.449  7.376   3.386   1.00 35.91 ? 2019 HOH B O     1 
HETATM 1151 O  O     . HOH K 5 .  ? -6.241  3.488   2.284   1.00 34.56 ? 2020 HOH B O     1 
HETATM 1152 O  O     . HOH K 5 .  ? -0.121  -7.792  15.340  1.00 45.07 ? 2021 HOH B O     1 
HETATM 1153 O  O     . HOH K 5 .  ? -2.647  -0.510  10.444  1.00 58.17 ? 2022 HOH B O     1 
HETATM 1154 O  O     . HOH K 5 .  ? -0.430  -11.243 5.864   1.00 38.01 ? 2023 HOH B O     1 
HETATM 1155 O  O     . HOH K 5 .  ? -11.961 -4.843  3.730   1.00 58.64 ? 2024 HOH B O     1 
HETATM 1156 O  O     . HOH K 5 .  ? -14.533 2.690   6.135   1.00 64.91 ? 2025 HOH B O     1 
HETATM 1157 O  O     . HOH K 5 .  ? 0.270   4.546   -1.146  1.00 42.29 ? 2026 HOH B O     1 
HETATM 1158 O  O     . HOH K 5 .  ? -7.018  -7.382  -5.214  1.00 38.87 ? 2027 HOH B O     1 
HETATM 1159 O  O     . HOH K 5 .  ? -6.756  -0.804  18.185  1.00 45.63 ? 2028 HOH B O     1 
HETATM 1160 O  O     . HOH K 5 .  ? -11.913 1.752   -4.804  1.00 63.31 ? 2029 HOH B O     1 
HETATM 1161 O  O     . HOH K 5 .  ? 0.466   -0.215  18.729  1.00 54.24 ? 2030 HOH B O     1 
HETATM 1162 O  O     . HOH K 5 .  ? -6.286  -0.027  15.422  1.00 48.83 ? 2031 HOH B O     1 
HETATM 1163 O  O     . HOH K 5 .  ? -4.975  -9.350  17.734  0.50 76.13 ? 2032 HOH B O     1 
HETATM 1164 O  O     . HOH K 5 .  ? -6.111  3.455   17.882  1.00 48.83 ? 2033 HOH B O     1 
HETATM 1165 O  O     . HOH K 5 .  ? -4.473  2.481   15.886  1.00 48.76 ? 2034 HOH B O     1 
HETATM 1166 O  O     . HOH K 5 .  ? -0.530  1.189   23.159  1.00 77.77 ? 2035 HOH B O     1 
HETATM 1167 O  O     . HOH K 5 .  ? -9.646  4.584   26.618  1.00 56.66 ? 2036 HOH B O     1 
HETATM 1168 O  O     . HOH K 5 .  ? -1.195  -0.066  14.881  1.00 63.93 ? 2037 HOH B O     1 
HETATM 1169 O  O     . HOH K 5 .  ? 1.500   2.211   0.537   1.00 38.27 ? 2038 HOH B O     1 
HETATM 1170 O  O     . HOH K 5 .  ? -6.746  -3.965  4.441   1.00 47.32 ? 2039 HOH B O     1 
HETATM 1171 O  O     . HOH K 5 .  ? -6.450  -7.669  25.668  1.00 58.16 ? 2040 HOH B O     1 
HETATM 1172 O  O     . HOH K 5 .  ? -10.599 -7.704  32.527  1.00 54.72 ? 2041 HOH B O     1 
HETATM 1173 O  O     . HOH K 5 .  ? -14.167 2.838   -5.266  1.00 53.90 ? 2042 HOH B O     1 
HETATM 1174 O  O     . HOH K 5 .  ? -15.982 8.725   27.321  1.00 52.53 ? 2043 HOH B O     1 
HETATM 1175 O  O     . HOH K 5 .  ? 3.962   5.238   10.818  1.00 47.60 ? 2044 HOH B O     1 
HETATM 1176 O  O     . HOH K 5 .  ? -2.682  -2.922  12.233  1.00 52.65 ? 2045 HOH B O     1 
HETATM 1177 O  O     . HOH K 5 .  ? -3.646  -10.063 -0.445  1.00 52.97 ? 2046 HOH B O     1 
HETATM 1178 O  O     . HOH K 5 .  ? -13.021 -5.799  21.626  1.00 58.59 ? 2047 HOH B O     1 
HETATM 1179 O  O     . HOH K 5 .  ? -7.386  0.269   12.262  1.00 51.89 ? 2048 HOH B O     1 
# 
loop_
_pdbx_poly_seq_scheme.asym_id 
_pdbx_poly_seq_scheme.entity_id 
_pdbx_poly_seq_scheme.seq_id 
_pdbx_poly_seq_scheme.mon_id 
_pdbx_poly_seq_scheme.ndb_seq_num 
_pdbx_poly_seq_scheme.pdb_seq_num 
_pdbx_poly_seq_scheme.auth_seq_num 
_pdbx_poly_seq_scheme.pdb_mon_id 
_pdbx_poly_seq_scheme.auth_mon_id 
_pdbx_poly_seq_scheme.pdb_strand_id 
_pdbx_poly_seq_scheme.pdb_ins_code 
_pdbx_poly_seq_scheme.hetero 
A 1 1  C   1  1  1  C   C   A . n 
A 1 2  U   2  2  2  U   U   A . n 
A 1 3  5BU 3  3  3  5BU 5BU A . n 
A 1 4  G   4  4  4  G   G   A . n 
A 1 5  C   5  5  5  C   C   A . n 
A 1 6  U   6  6  6  U   U   A . n 
A 1 7  G   7  7  7  G   G   A . n 
A 1 8  A   8  8  8  A   A   A . n 
A 1 9  A   9  9  9  A   A   A . n 
A 1 10 G   10 10 10 G   G   A . n 
A 1 11 U   11 11 11 U   U   A . n 
A 1 12 G   12 12 12 G   G   A . n 
A 1 13 C   13 13 13 C   C   A . n 
A 1 14 A   14 14 14 A   A   A . n 
A 1 15 C   15 15 15 C   C   A . n 
A 1 16 A   16 16 16 A   A   A . n 
A 1 17 C   17 17 17 C   C   A . n 
A 1 18 A   18 18 18 A   A   A . n 
A 1 19 G   19 19 19 G   G   A . n 
A 1 20 C   20 20 20 C   C   A . n 
A 1 21 A   21 21 21 A   A   A . n 
A 1 22 A   22 22 22 A   A   A . n 
A 1 23 G   23 23 23 G   G   A . n 
B 1 1  C   1  1  1  C   C   B . n 
B 1 2  U   2  2  2  U   U   B . n 
B 1 3  5BU 3  3  3  5BU 5BU B . n 
B 1 4  G   4  4  4  G   G   B . n 
B 1 5  C   5  5  5  C   C   B . n 
B 1 6  U   6  6  6  U   U   B . n 
B 1 7  G   7  7  7  G   G   B . n 
B 1 8  A   8  8  8  A   A   B . n 
B 1 9  A   9  9  9  A   A   B . n 
B 1 10 G   10 10 10 G   G   B . n 
B 1 11 U   11 11 11 U   U   B . n 
B 1 12 G   12 12 12 G   G   B . n 
B 1 13 C   13 13 13 C   C   B . n 
B 1 14 A   14 14 14 A   A   B . n 
B 1 15 C   15 15 15 C   C   B . n 
B 1 16 A   16 16 16 A   A   B . n 
B 1 17 C   17 17 17 C   C   B . n 
B 1 18 A   18 18 18 A   A   B . n 
B 1 19 G   19 19 19 G   G   B . n 
B 1 20 C   20 20 20 C   C   B . n 
B 1 21 A   21 21 21 A   A   B . n 
B 1 22 A   22 22 22 A   A   B . n 
B 1 23 G   23 23 23 G   G   B . n 
# 
loop_
_pdbx_nonpoly_scheme.asym_id 
_pdbx_nonpoly_scheme.entity_id 
_pdbx_nonpoly_scheme.mon_id 
_pdbx_nonpoly_scheme.ndb_seq_num 
_pdbx_nonpoly_scheme.pdb_seq_num 
_pdbx_nonpoly_scheme.auth_seq_num 
_pdbx_nonpoly_scheme.pdb_mon_id 
_pdbx_nonpoly_scheme.auth_mon_id 
_pdbx_nonpoly_scheme.pdb_strand_id 
_pdbx_nonpoly_scheme.pdb_ins_code 
C 2 LIV 1  1001 1001 LIV LIV A . 
D 3 K   1  1002 3    K   K   A . 
E 3 K   1  44   44   K   K   A . 
F 2 LIV 1  2001 2001 LIV LIV B . 
G 3 K   1  2002 2    K   K   B . 
H 4 CL  1  66   66   CL  CL  B . 
I 3 K   1  90   90   K   K   B . 
J 5 HOH 1  1003 5    HOH HOH A . 
J 5 HOH 2  1004 6    HOH HOH A . 
J 5 HOH 3  1005 7    HOH HOH A . 
J 5 HOH 4  1006 9    HOH HOH A . 
J 5 HOH 5  1007 13   HOH HOH A . 
J 5 HOH 6  1008 14   HOH HOH A . 
J 5 HOH 7  1009 15   HOH HOH A . 
J 5 HOH 8  1010 16   HOH HOH A . 
J 5 HOH 9  1011 17   HOH HOH A . 
J 5 HOH 10 1012 18   HOH HOH A . 
J 5 HOH 11 1013 21   HOH HOH A . 
J 5 HOH 12 1014 23   HOH HOH A . 
J 5 HOH 13 1015 25   HOH HOH A . 
J 5 HOH 14 1016 27   HOH HOH A . 
J 5 HOH 15 1017 28   HOH HOH A . 
J 5 HOH 16 1018 30   HOH HOH A . 
J 5 HOH 17 1019 31   HOH HOH A . 
J 5 HOH 18 1020 34   HOH HOH A . 
J 5 HOH 19 1021 37   HOH HOH A . 
J 5 HOH 20 1022 43   HOH HOH A . 
J 5 HOH 21 1023 50   HOH HOH A . 
J 5 HOH 22 1024 52   HOH HOH A . 
J 5 HOH 23 1025 53   HOH HOH A . 
J 5 HOH 24 1026 54   HOH HOH A . 
J 5 HOH 25 1027 57   HOH HOH A . 
J 5 HOH 26 1028 58   HOH HOH A . 
J 5 HOH 27 1029 60   HOH HOH A . 
J 5 HOH 28 1030 64   HOH HOH A . 
J 5 HOH 29 1031 68   HOH HOH A . 
J 5 HOH 30 1032 69   HOH HOH A . 
J 5 HOH 31 1033 73   HOH HOH A . 
J 5 HOH 32 1034 75   HOH HOH A . 
J 5 HOH 33 1035 76   HOH HOH A . 
J 5 HOH 34 1036 79   HOH HOH A . 
J 5 HOH 35 1037 80   HOH HOH A . 
J 5 HOH 36 1038 81   HOH HOH A . 
J 5 HOH 37 1039 82   HOH HOH A . 
J 5 HOH 38 1040 83   HOH HOH A . 
J 5 HOH 39 1041 85   HOH HOH A . 
J 5 HOH 40 1042 86   HOH HOH A . 
J 5 HOH 41 1043 87   HOH HOH A . 
J 5 HOH 42 1044 89   HOH HOH A . 
J 5 HOH 43 1045 91   HOH HOH A . 
J 5 HOH 44 1046 92   HOH HOH A . 
K 5 HOH 1  2003 1    HOH HOH B . 
K 5 HOH 2  2004 4    HOH HOH B . 
K 5 HOH 3  2005 8    HOH HOH B . 
K 5 HOH 4  2006 10   HOH HOH B . 
K 5 HOH 5  2007 11   HOH HOH B . 
K 5 HOH 6  2008 12   HOH HOH B . 
K 5 HOH 7  2009 20   HOH HOH B . 
K 5 HOH 8  2010 22   HOH HOH B . 
K 5 HOH 9  2011 24   HOH HOH B . 
K 5 HOH 10 2012 26   HOH HOH B . 
K 5 HOH 11 2013 29   HOH HOH B . 
K 5 HOH 12 2014 32   HOH HOH B . 
K 5 HOH 13 2015 33   HOH HOH B . 
K 5 HOH 14 2016 35   HOH HOH B . 
K 5 HOH 15 2017 36   HOH HOH B . 
K 5 HOH 16 2018 38   HOH HOH B . 
K 5 HOH 17 2019 39   HOH HOH B . 
K 5 HOH 18 2020 40   HOH HOH B . 
K 5 HOH 19 2021 41   HOH HOH B . 
K 5 HOH 20 2022 42   HOH HOH B . 
K 5 HOH 21 2023 45   HOH HOH B . 
K 5 HOH 22 2024 46   HOH HOH B . 
K 5 HOH 23 2025 47   HOH HOH B . 
K 5 HOH 24 2026 48   HOH HOH B . 
K 5 HOH 25 2027 49   HOH HOH B . 
K 5 HOH 26 2028 51   HOH HOH B . 
K 5 HOH 27 2029 55   HOH HOH B . 
K 5 HOH 28 2030 56   HOH HOH B . 
K 5 HOH 29 2031 59   HOH HOH B . 
K 5 HOH 30 2032 61   HOH HOH B . 
K 5 HOH 31 2033 62   HOH HOH B . 
K 5 HOH 32 2034 63   HOH HOH B . 
K 5 HOH 33 2035 65   HOH HOH B . 
K 5 HOH 34 2036 67   HOH HOH B . 
K 5 HOH 35 2037 70   HOH HOH B . 
K 5 HOH 36 2038 71   HOH HOH B . 
K 5 HOH 37 2039 72   HOH HOH B . 
K 5 HOH 38 2040 74   HOH HOH B . 
K 5 HOH 39 2041 77   HOH HOH B . 
K 5 HOH 40 2042 78   HOH HOH B . 
K 5 HOH 41 2043 84   HOH HOH B . 
K 5 HOH 42 2044 88   HOH HOH B . 
K 5 HOH 43 2045 93   HOH HOH B . 
K 5 HOH 44 2046 94   HOH HOH B . 
K 5 HOH 45 2047 95   HOH HOH B . 
K 5 HOH 46 2048 96   HOH HOH B . 
# 
loop_
_pdbx_struct_mod_residue.id 
_pdbx_struct_mod_residue.label_asym_id 
_pdbx_struct_mod_residue.label_comp_id 
_pdbx_struct_mod_residue.label_seq_id 
_pdbx_struct_mod_residue.auth_asym_id 
_pdbx_struct_mod_residue.auth_comp_id 
_pdbx_struct_mod_residue.auth_seq_id 
_pdbx_struct_mod_residue.PDB_ins_code 
_pdbx_struct_mod_residue.parent_comp_id 
_pdbx_struct_mod_residue.details 
1 A 5BU 3 A 5BU 3 ? U "5-BROMO-URIDINE-5'-MONOPHOSPHATE" 
2 B 5BU 3 B 5BU 3 ? U "5-BROMO-URIDINE-5'-MONOPHOSPHATE" 
# 
_pdbx_struct_assembly.id                   1 
_pdbx_struct_assembly.details              author_defined_assembly 
_pdbx_struct_assembly.method_details       ? 
_pdbx_struct_assembly.oligomeric_details   dimeric 
_pdbx_struct_assembly.oligomeric_count     2 
# 
_pdbx_struct_assembly_gen.assembly_id       1 
_pdbx_struct_assembly_gen.oper_expression   1 
_pdbx_struct_assembly_gen.asym_id_list      A,B,C,D,E,F,G,H,I,J,K 
# 
_pdbx_struct_oper_list.id                   1 
_pdbx_struct_oper_list.type                 'identity operation' 
_pdbx_struct_oper_list.name                 1_555 
_pdbx_struct_oper_list.symmetry_operation   x,y,z 
_pdbx_struct_oper_list.matrix[1][1]         1.0000000000 
_pdbx_struct_oper_list.matrix[1][2]         0.0000000000 
_pdbx_struct_oper_list.matrix[1][3]         0.0000000000 
_pdbx_struct_oper_list.vector[1]            0.0000000000 
_pdbx_struct_oper_list.matrix[2][1]         0.0000000000 
_pdbx_struct_oper_list.matrix[2][2]         1.0000000000 
_pdbx_struct_oper_list.matrix[2][3]         0.0000000000 
_pdbx_struct_oper_list.vector[2]            0.0000000000 
_pdbx_struct_oper_list.matrix[3][1]         0.0000000000 
_pdbx_struct_oper_list.matrix[3][2]         0.0000000000 
_pdbx_struct_oper_list.matrix[3][3]         1.0000000000 
_pdbx_struct_oper_list.vector[3]            0.0000000000 
# 
loop_
_pdbx_struct_special_symmetry.id 
_pdbx_struct_special_symmetry.PDB_model_num 
_pdbx_struct_special_symmetry.auth_asym_id 
_pdbx_struct_special_symmetry.auth_comp_id 
_pdbx_struct_special_symmetry.auth_seq_id 
_pdbx_struct_special_symmetry.PDB_ins_code 
_pdbx_struct_special_symmetry.label_asym_id 
_pdbx_struct_special_symmetry.label_comp_id 
_pdbx_struct_special_symmetry.label_seq_id 
1 1 B K   90   ? I K   . 
2 1 B HOH 2032 ? K HOH . 
# 
loop_
_pdbx_struct_conn_angle.id 
_pdbx_struct_conn_angle.ptnr1_label_atom_id 
_pdbx_struct_conn_angle.ptnr1_label_alt_id 
_pdbx_struct_conn_angle.ptnr1_label_asym_id 
_pdbx_struct_conn_angle.ptnr1_label_comp_id 
_pdbx_struct_conn_angle.ptnr1_label_seq_id 
_pdbx_struct_conn_angle.ptnr1_auth_atom_id 
_pdbx_struct_conn_angle.ptnr1_auth_asym_id 
_pdbx_struct_conn_angle.ptnr1_auth_comp_id 
_pdbx_struct_conn_angle.ptnr1_auth_seq_id 
_pdbx_struct_conn_angle.ptnr1_PDB_ins_code 
_pdbx_struct_conn_angle.ptnr1_symmetry 
_pdbx_struct_conn_angle.ptnr2_label_atom_id 
_pdbx_struct_conn_angle.ptnr2_label_alt_id 
_pdbx_struct_conn_angle.ptnr2_label_asym_id 
_pdbx_struct_conn_angle.ptnr2_label_comp_id 
_pdbx_struct_conn_angle.ptnr2_label_seq_id 
_pdbx_struct_conn_angle.ptnr2_auth_atom_id 
_pdbx_struct_conn_angle.ptnr2_auth_asym_id 
_pdbx_struct_conn_angle.ptnr2_auth_comp_id 
_pdbx_struct_conn_angle.ptnr2_auth_seq_id 
_pdbx_struct_conn_angle.ptnr2_PDB_ins_code 
_pdbx_struct_conn_angle.ptnr2_symmetry 
_pdbx_struct_conn_angle.ptnr3_label_atom_id 
_pdbx_struct_conn_angle.ptnr3_label_alt_id 
_pdbx_struct_conn_angle.ptnr3_label_asym_id 
_pdbx_struct_conn_angle.ptnr3_label_comp_id 
_pdbx_struct_conn_angle.ptnr3_label_seq_id 
_pdbx_struct_conn_angle.ptnr3_auth_atom_id 
_pdbx_struct_conn_angle.ptnr3_auth_asym_id 
_pdbx_struct_conn_angle.ptnr3_auth_comp_id 
_pdbx_struct_conn_angle.ptnr3_auth_seq_id 
_pdbx_struct_conn_angle.ptnr3_PDB_ins_code 
_pdbx_struct_conn_angle.ptnr3_symmetry 
_pdbx_struct_conn_angle.value 
_pdbx_struct_conn_angle.value_esd 
1  O4  ? A 5BU 3  ? A 5BU 3    ? 1_555 K ? D K . ? A K 1002 ? 1_555 O6  ? A G   4 ? A G   4    ? 1_555 72.6  ? 
2  O4  ? A 5BU 3  ? A 5BU 3    ? 1_555 K ? D K . ? A K 1002 ? 1_555 O   ? J HOH . ? A HOH 1024 ? 1_555 146.0 ? 
3  O6  ? A G   4  ? A G   4    ? 1_555 K ? D K . ? A K 1002 ? 1_555 O   ? J HOH . ? A HOH 1024 ? 1_555 90.8  ? 
4  O4  ? A 5BU 3  ? A 5BU 3    ? 1_555 K ? D K . ? A K 1002 ? 1_555 O   ? J HOH . ? A HOH 1042 ? 1_555 93.2  ? 
5  O6  ? A G   4  ? A G   4    ? 1_555 K ? D K . ? A K 1002 ? 1_555 O   ? J HOH . ? A HOH 1042 ? 1_555 99.0  ? 
6  O   ? J HOH .  ? A HOH 1024 ? 1_555 K ? D K . ? A K 1002 ? 1_555 O   ? J HOH . ? A HOH 1042 ? 1_555 119.2 ? 
7  O6  ? A G   23 ? A G   23   ? 1_555 K ? E K . ? A K 44   ? 1_555 CL  ? H CL  . ? B CL  66   ? 5_555 114.4 ? 
8  OP1 ? B 5BU 3  ? B 5BU 3    ? 1_555 K ? I K . ? B K 90   ? 1_555 OP1 ? B 5BU 3 ? B 5BU 3    ? 4_545 103.1 ? 
9  OP1 ? B 5BU 3  ? B 5BU 3    ? 1_555 K ? I K . ? B K 90   ? 1_555 O   ? K HOH . ? B HOH 2008 ? 1_555 92.5  ? 
10 OP1 ? B 5BU 3  ? B 5BU 3    ? 4_545 K ? I K . ? B K 90   ? 1_555 O   ? K HOH . ? B HOH 2008 ? 1_555 54.5  ? 
11 OP1 ? B 5BU 3  ? B 5BU 3    ? 1_555 K ? I K . ? B K 90   ? 1_555 O   ? K HOH . ? B HOH 2008 ? 4_545 54.8  ? 
12 OP1 ? B 5BU 3  ? B 5BU 3    ? 4_545 K ? I K . ? B K 90   ? 1_555 O   ? K HOH . ? B HOH 2008 ? 4_545 90.8  ? 
13 O   ? K HOH .  ? B HOH 2008 ? 1_555 K ? I K . ? B K 90   ? 1_555 O   ? K HOH . ? B HOH 2008 ? 4_545 127.4 ? 
14 OP1 ? B 5BU 3  ? B 5BU 3    ? 1_555 K ? I K . ? B K 90   ? 1_555 O   ? K HOH . ? B HOH 2021 ? 1_555 146.2 ? 
15 OP1 ? B 5BU 3  ? B 5BU 3    ? 4_545 K ? I K . ? B K 90   ? 1_555 O   ? K HOH . ? B HOH 2021 ? 1_555 85.8  ? 
16 O   ? K HOH .  ? B HOH 2008 ? 1_555 K ? I K . ? B K 90   ? 1_555 O   ? K HOH . ? B HOH 2021 ? 1_555 66.1  ? 
17 O   ? K HOH .  ? B HOH 2008 ? 4_545 K ? I K . ? B K 90   ? 1_555 O   ? K HOH . ? B HOH 2021 ? 1_555 158.9 ? 
18 OP1 ? B 5BU 3  ? B 5BU 3    ? 1_555 K ? I K . ? B K 90   ? 1_555 O   ? K HOH . ? B HOH 2021 ? 4_545 87.9  ? 
19 OP1 ? B 5BU 3  ? B 5BU 3    ? 4_545 K ? I K . ? B K 90   ? 1_555 O   ? K HOH . ? B HOH 2021 ? 4_545 142.1 ? 
20 O   ? K HOH .  ? B HOH 2008 ? 1_555 K ? I K . ? B K 90   ? 1_555 O   ? K HOH . ? B HOH 2021 ? 4_545 162.6 ? 
21 O   ? K HOH .  ? B HOH 2008 ? 4_545 K ? I K . ? B K 90   ? 1_555 O   ? K HOH . ? B HOH 2021 ? 4_545 66.0  ? 
22 O   ? K HOH .  ? B HOH 2021 ? 1_555 K ? I K . ? B K 90   ? 1_555 O   ? K HOH . ? B HOH 2021 ? 4_545 105.1 ? 
23 OP1 ? B 5BU 3  ? B 5BU 3    ? 1_555 K ? I K . ? B K 90   ? 1_555 O   ? K HOH . ? B HOH 2032 ? 1_555 51.6  ? 
24 OP1 ? B 5BU 3  ? B 5BU 3    ? 4_545 K ? I K . ? B K 90   ? 1_555 O   ? K HOH . ? B HOH 2032 ? 1_555 51.5  ? 
25 O   ? K HOH .  ? B HOH 2008 ? 1_555 K ? I K . ? B K 90   ? 1_555 O   ? K HOH . ? B HOH 2032 ? 1_555 63.6  ? 
26 O   ? K HOH .  ? B HOH 2008 ? 4_545 K ? I K . ? B K 90   ? 1_555 O   ? K HOH . ? B HOH 2032 ? 1_555 63.9  ? 
27 O   ? K HOH .  ? B HOH 2021 ? 1_555 K ? I K . ? B K 90   ? 1_555 O   ? K HOH . ? B HOH 2032 ? 1_555 127.0 ? 
28 O   ? K HOH .  ? B HOH 2021 ? 4_545 K ? I K . ? B K 90   ? 1_555 O   ? K HOH . ? B HOH 2032 ? 1_555 127.9 ? 
29 OP1 ? B 5BU 3  ? B 5BU 3    ? 1_555 K ? I K . ? B K 90   ? 1_555 O   ? K HOH . ? B HOH 2032 ? 4_545 51.8  ? 
30 OP1 ? B 5BU 3  ? B 5BU 3    ? 4_545 K ? I K . ? B K 90   ? 1_555 O   ? K HOH . ? B HOH 2032 ? 4_545 51.3  ? 
31 O   ? K HOH .  ? B HOH 2008 ? 1_555 K ? I K . ? B K 90   ? 1_555 O   ? K HOH . ? B HOH 2032 ? 4_545 64.0  ? 
32 O   ? K HOH .  ? B HOH 2008 ? 4_545 K ? I K . ? B K 90   ? 1_555 O   ? K HOH . ? B HOH 2032 ? 4_545 63.5  ? 
33 O   ? K HOH .  ? B HOH 2021 ? 1_555 K ? I K . ? B K 90   ? 1_555 O   ? K HOH . ? B HOH 2032 ? 4_545 127.2 ? 
34 O   ? K HOH .  ? B HOH 2021 ? 4_545 K ? I K . ? B K 90   ? 1_555 O   ? K HOH . ? B HOH 2032 ? 4_545 127.6 ? 
35 O   ? K HOH .  ? B HOH 2032 ? 1_555 K ? I K . ? B K 90   ? 1_555 O   ? K HOH . ? B HOH 2032 ? 4_545 0.6   ? 
36 O4  ? B 5BU 3  ? B 5BU 3    ? 1_555 K ? G K . ? B K 2002 ? 1_555 O6  ? B G   4 ? B G   4    ? 1_555 78.6  ? 
37 O4  ? B 5BU 3  ? B 5BU 3    ? 1_555 K ? G K . ? B K 2002 ? 1_555 O   ? K HOH . ? B HOH 2028 ? 1_555 86.8  ? 
38 O6  ? B G   4  ? B G   4    ? 1_555 K ? G K . ? B K 2002 ? 1_555 O   ? K HOH . ? B HOH 2028 ? 1_555 85.5  ? 
39 O4  ? B 5BU 3  ? B 5BU 3    ? 1_555 K ? G K . ? B K 2002 ? 1_555 O   ? K HOH . ? B HOH 2033 ? 1_555 143.0 ? 
40 O6  ? B G   4  ? B G   4    ? 1_555 K ? G K . ? B K 2002 ? 1_555 O   ? K HOH . ? B HOH 2033 ? 1_555 75.2  ? 
41 O   ? K HOH .  ? B HOH 2028 ? 1_555 K ? G K . ? B K 2002 ? 1_555 O   ? K HOH . ? B HOH 2033 ? 1_555 116.2 ? 
# 
loop_
_pdbx_audit_revision_history.ordinal 
_pdbx_audit_revision_history.data_content_type 
_pdbx_audit_revision_history.major_revision 
_pdbx_audit_revision_history.minor_revision 
_pdbx_audit_revision_history.revision_date 
1 'Structure model' 1 0 2006-05-16 
2 'Structure model' 1 1 2008-05-01 
3 'Structure model' 1 2 2011-07-13 
4 'Structure model' 1 3 2023-08-30 
# 
_pdbx_audit_revision_details.ordinal             1 
_pdbx_audit_revision_details.revision_ordinal    1 
_pdbx_audit_revision_details.data_content_type   'Structure model' 
_pdbx_audit_revision_details.provider            repository 
_pdbx_audit_revision_details.type                'Initial release' 
_pdbx_audit_revision_details.description         ? 
_pdbx_audit_revision_details.details             ? 
# 
loop_
_pdbx_audit_revision_group.ordinal 
_pdbx_audit_revision_group.revision_ordinal 
_pdbx_audit_revision_group.data_content_type 
_pdbx_audit_revision_group.group 
1 2 'Structure model' 'Version format compliance' 
2 3 'Structure model' 'Version format compliance' 
3 4 'Structure model' 'Data collection'           
4 4 'Structure model' 'Database references'       
5 4 'Structure model' 'Derived calculations'      
6 4 'Structure model' 'Refinement description'    
7 4 'Structure model' 'Structure summary'         
# 
loop_
_pdbx_audit_revision_category.ordinal 
_pdbx_audit_revision_category.revision_ordinal 
_pdbx_audit_revision_category.data_content_type 
_pdbx_audit_revision_category.category 
1  4 'Structure model' chem_comp                     
2  4 'Structure model' chem_comp_atom                
3  4 'Structure model' chem_comp_bond                
4  4 'Structure model' database_2                    
5  4 'Structure model' entity                        
6  4 'Structure model' pdbx_entity_nonpoly           
7  4 'Structure model' pdbx_initial_refinement_model 
8  4 'Structure model' pdbx_struct_conn_angle        
9  4 'Structure model' struct_conn                   
10 4 'Structure model' struct_site                   
# 
loop_
_pdbx_audit_revision_item.ordinal 
_pdbx_audit_revision_item.revision_ordinal 
_pdbx_audit_revision_item.data_content_type 
_pdbx_audit_revision_item.item 
1  4 'Structure model' '_chem_comp.name'                             
2  4 'Structure model' '_chem_comp.pdbx_synonyms'                    
3  4 'Structure model' '_database_2.pdbx_DOI'                        
4  4 'Structure model' '_database_2.pdbx_database_accession'         
5  4 'Structure model' '_entity.pdbx_description'                    
6  4 'Structure model' '_pdbx_entity_nonpoly.name'                   
7  4 'Structure model' '_pdbx_struct_conn_angle.ptnr1_auth_comp_id'  
8  4 'Structure model' '_pdbx_struct_conn_angle.ptnr1_auth_seq_id'   
9  4 'Structure model' '_pdbx_struct_conn_angle.ptnr1_label_asym_id' 
10 4 'Structure model' '_pdbx_struct_conn_angle.ptnr1_label_atom_id' 
11 4 'Structure model' '_pdbx_struct_conn_angle.ptnr1_label_comp_id' 
12 4 'Structure model' '_pdbx_struct_conn_angle.ptnr1_label_seq_id'  
13 4 'Structure model' '_pdbx_struct_conn_angle.ptnr1_symmetry'      
14 4 'Structure model' '_pdbx_struct_conn_angle.ptnr2_auth_seq_id'   
15 4 'Structure model' '_pdbx_struct_conn_angle.ptnr2_label_asym_id' 
16 4 'Structure model' '_pdbx_struct_conn_angle.ptnr3_auth_asym_id'  
17 4 'Structure model' '_pdbx_struct_conn_angle.ptnr3_auth_comp_id'  
18 4 'Structure model' '_pdbx_struct_conn_angle.ptnr3_auth_seq_id'   
19 4 'Structure model' '_pdbx_struct_conn_angle.ptnr3_label_asym_id' 
20 4 'Structure model' '_pdbx_struct_conn_angle.ptnr3_label_atom_id' 
21 4 'Structure model' '_pdbx_struct_conn_angle.ptnr3_label_comp_id' 
22 4 'Structure model' '_pdbx_struct_conn_angle.ptnr3_label_seq_id'  
23 4 'Structure model' '_pdbx_struct_conn_angle.ptnr3_symmetry'      
24 4 'Structure model' '_pdbx_struct_conn_angle.value'               
25 4 'Structure model' '_struct_conn.conn_type_id'                   
26 4 'Structure model' '_struct_conn.id'                             
27 4 'Structure model' '_struct_conn.pdbx_dist_value'                
28 4 'Structure model' '_struct_conn.pdbx_leaving_atom_flag'         
29 4 'Structure model' '_struct_conn.ptnr1_auth_asym_id'             
30 4 'Structure model' '_struct_conn.ptnr1_auth_comp_id'             
31 4 'Structure model' '_struct_conn.ptnr1_auth_seq_id'              
32 4 'Structure model' '_struct_conn.ptnr1_label_asym_id'            
33 4 'Structure model' '_struct_conn.ptnr1_label_atom_id'            
34 4 'Structure model' '_struct_conn.ptnr1_label_comp_id'            
35 4 'Structure model' '_struct_conn.ptnr1_label_seq_id'             
36 4 'Structure model' '_struct_conn.ptnr1_symmetry'                 
37 4 'Structure model' '_struct_conn.ptnr2_auth_asym_id'             
38 4 'Structure model' '_struct_conn.ptnr2_auth_comp_id'             
39 4 'Structure model' '_struct_conn.ptnr2_auth_seq_id'              
40 4 'Structure model' '_struct_conn.ptnr2_label_asym_id'            
41 4 'Structure model' '_struct_conn.ptnr2_label_atom_id'            
42 4 'Structure model' '_struct_conn.ptnr2_label_comp_id'            
43 4 'Structure model' '_struct_conn.ptnr2_label_seq_id'             
44 4 'Structure model' '_struct_conn.ptnr2_symmetry'                 
45 4 'Structure model' '_struct_site.pdbx_auth_asym_id'              
46 4 'Structure model' '_struct_site.pdbx_auth_comp_id'              
47 4 'Structure model' '_struct_site.pdbx_auth_seq_id'               
# 
loop_
_software.name 
_software.classification 
_software.version 
_software.citation_id 
_software.pdbx_ordinal 
CNS       refinement       1.1 ? 1 
HKL-2000  'data reduction' .   ? 2 
SCALEPACK 'data scaling'   .   ? 3 
CNS       phasing          .   ? 4 
# 
loop_
_chem_comp_atom.comp_id 
_chem_comp_atom.atom_id 
_chem_comp_atom.type_symbol 
_chem_comp_atom.pdbx_aromatic_flag 
_chem_comp_atom.pdbx_stereo_config 
_chem_comp_atom.pdbx_ordinal 
5BU P      P  N N 1   
5BU OP1    O  N N 2   
5BU OP2    O  N N 3   
5BU OP3    O  N N 4   
5BU "O5'"  O  N N 5   
5BU "C5'"  C  N N 6   
5BU "C4'"  C  N R 7   
5BU "O4'"  O  N N 8   
5BU "C3'"  C  N S 9   
5BU "O3'"  O  N N 10  
5BU "C2'"  C  N R 11  
5BU "O2'"  O  N N 12  
5BU "C1'"  C  N R 13  
5BU N1     N  N N 14  
5BU C2     C  N N 15  
5BU O2     O  N N 16  
5BU N3     N  N N 17  
5BU C4     C  N N 18  
5BU O4     O  N N 19  
5BU C5     C  N N 20  
5BU C6     C  N N 21  
5BU BR     BR N N 22  
5BU HOP2   H  N N 23  
5BU HOP3   H  N N 24  
5BU "H5'"  H  N N 25  
5BU "H5''" H  N N 26  
5BU "H4'"  H  N N 27  
5BU "H3'"  H  N N 28  
5BU "HO3'" H  N N 29  
5BU "H2'"  H  N N 30  
5BU "HO2'" H  N N 31  
5BU "H1'"  H  N N 32  
5BU H3     H  N N 33  
5BU H6     H  N N 34  
A   OP3    O  N N 35  
A   P      P  N N 36  
A   OP1    O  N N 37  
A   OP2    O  N N 38  
A   "O5'"  O  N N 39  
A   "C5'"  C  N N 40  
A   "C4'"  C  N R 41  
A   "O4'"  O  N N 42  
A   "C3'"  C  N S 43  
A   "O3'"  O  N N 44  
A   "C2'"  C  N R 45  
A   "O2'"  O  N N 46  
A   "C1'"  C  N R 47  
A   N9     N  Y N 48  
A   C8     C  Y N 49  
A   N7     N  Y N 50  
A   C5     C  Y N 51  
A   C6     C  Y N 52  
A   N6     N  N N 53  
A   N1     N  Y N 54  
A   C2     C  Y N 55  
A   N3     N  Y N 56  
A   C4     C  Y N 57  
A   HOP3   H  N N 58  
A   HOP2   H  N N 59  
A   "H5'"  H  N N 60  
A   "H5''" H  N N 61  
A   "H4'"  H  N N 62  
A   "H3'"  H  N N 63  
A   "HO3'" H  N N 64  
A   "H2'"  H  N N 65  
A   "HO2'" H  N N 66  
A   "H1'"  H  N N 67  
A   H8     H  N N 68  
A   H61    H  N N 69  
A   H62    H  N N 70  
A   H2     H  N N 71  
C   OP3    O  N N 72  
C   P      P  N N 73  
C   OP1    O  N N 74  
C   OP2    O  N N 75  
C   "O5'"  O  N N 76  
C   "C5'"  C  N N 77  
C   "C4'"  C  N R 78  
C   "O4'"  O  N N 79  
C   "C3'"  C  N S 80  
C   "O3'"  O  N N 81  
C   "C2'"  C  N R 82  
C   "O2'"  O  N N 83  
C   "C1'"  C  N R 84  
C   N1     N  N N 85  
C   C2     C  N N 86  
C   O2     O  N N 87  
C   N3     N  N N 88  
C   C4     C  N N 89  
C   N4     N  N N 90  
C   C5     C  N N 91  
C   C6     C  N N 92  
C   HOP3   H  N N 93  
C   HOP2   H  N N 94  
C   "H5'"  H  N N 95  
C   "H5''" H  N N 96  
C   "H4'"  H  N N 97  
C   "H3'"  H  N N 98  
C   "HO3'" H  N N 99  
C   "H2'"  H  N N 100 
C   "HO2'" H  N N 101 
C   "H1'"  H  N N 102 
C   H41    H  N N 103 
C   H42    H  N N 104 
C   H5     H  N N 105 
C   H6     H  N N 106 
CL  CL     CL N N 107 
G   OP3    O  N N 108 
G   P      P  N N 109 
G   OP1    O  N N 110 
G   OP2    O  N N 111 
G   "O5'"  O  N N 112 
G   "C5'"  C  N N 113 
G   "C4'"  C  N R 114 
G   "O4'"  O  N N 115 
G   "C3'"  C  N S 116 
G   "O3'"  O  N N 117 
G   "C2'"  C  N R 118 
G   "O2'"  O  N N 119 
G   "C1'"  C  N R 120 
G   N9     N  Y N 121 
G   C8     C  Y N 122 
G   N7     N  Y N 123 
G   C5     C  Y N 124 
G   C6     C  N N 125 
G   O6     O  N N 126 
G   N1     N  N N 127 
G   C2     C  N N 128 
G   N2     N  N N 129 
G   N3     N  N N 130 
G   C4     C  Y N 131 
G   HOP3   H  N N 132 
G   HOP2   H  N N 133 
G   "H5'"  H  N N 134 
G   "H5''" H  N N 135 
G   "H4'"  H  N N 136 
G   "H3'"  H  N N 137 
G   "HO3'" H  N N 138 
G   "H2'"  H  N N 139 
G   "HO2'" H  N N 140 
G   "H1'"  H  N N 141 
G   H8     H  N N 142 
G   H1     H  N N 143 
G   H21    H  N N 144 
G   H22    H  N N 145 
HOH O      O  N N 146 
HOH H1     H  N N 147 
HOH H2     H  N N 148 
K   K      K  N N 149 
LIV C11    C  N S 150 
LIV O11    O  N N 151 
LIV C21    C  N R 152 
LIV N21    N  N N 153 
LIV C31    C  N N 154 
LIV C41    C  N S 155 
LIV O41    O  N N 156 
LIV C51    C  N R 157 
LIV O51    O  N N 158 
LIV C61    C  N N 159 
LIV O61    O  N N 160 
LIV C12    C  N R 161 
LIV N12    N  N N 162 
LIV C62    C  N S 163 
LIV O62    O  N N 164 
LIV C52    C  N R 165 
LIV O52    O  N N 166 
LIV C42    C  N R 167 
LIV C32    C  N S 168 
LIV N32    N  N N 169 
LIV C22    C  N N 170 
LIV C13    C  N S 171 
LIV C23    C  N R 172 
LIV O23    O  N N 173 
LIV C33    C  N S 174 
LIV C43    C  N R 175 
LIV O43    O  N N 176 
LIV C53    C  N N 177 
LIV O53    O  N N 178 
LIV C44    C  N S 179 
LIV O44    O  N N 180 
LIV C34    C  N R 181 
LIV O34    O  N N 182 
LIV C24    C  N R 183 
LIV N24    N  N N 184 
LIV C14    C  N R 185 
LIV O33    O  N N 186 
LIV C54    C  N S 187 
LIV O54    O  N N 188 
LIV C64    C  N N 189 
LIV N64    N  N N 190 
LIV C15    C  N R 191 
LIV C25    C  N S 192 
LIV C35    C  N S 193 
LIV C45    C  N S 194 
LIV C55    C  N R 195 
LIV C65    C  N N 196 
LIV O25    O  N N 197 
LIV O35    O  N N 198 
LIV O45    O  N N 199 
LIV O55    O  N N 200 
LIV O65    O  N N 201 
LIV H11    H  N N 202 
LIV H21    H  N N 203 
LIV H211   H  N N 204 
LIV H212   H  N N 205 
LIV H311   H  N N 206 
LIV H312   H  N N 207 
LIV H41    H  N N 208 
LIV H3     H  N N 209 
LIV H51    H  N N 210 
LIV H611   H  N N 211 
LIV H612   H  N N 212 
LIV H61    H  N N 213 
LIV H12    H  N N 214 
LIV H121   H  N N 215 
LIV H122   H  N N 216 
LIV H62    H  N N 217 
LIV H2     H  N N 218 
LIV H52    H  N N 219 
LIV H42    H  N N 220 
LIV H32    H  N N 221 
LIV H321   H  N N 222 
LIV H322   H  N N 223 
LIV H221   H  N N 224 
LIV H222   H  N N 225 
LIV H13    H  N N 226 
LIV H23    H  N N 227 
LIV H1     H  N N 228 
LIV H33    H  N N 229 
LIV H43    H  N N 230 
LIV H531   H  N N 231 
LIV H532   H  N N 232 
LIV H53    H  N N 233 
LIV H44    H  N N 234 
LIV H34    H  N N 235 
LIV H4     H  N N 236 
LIV H24    H  N N 237 
LIV H241   H  N N 238 
LIV H242   H  N N 239 
LIV H14    H  N N 240 
LIV H54    H  N N 241 
LIV H11A   H  N N 242 
LIV H12A   H  N N 243 
LIV H641   H  N N 244 
LIV H642   H  N N 245 
LIV H15    H  N N 246 
LIV H25    H  N N 247 
LIV H35    H  N N 248 
LIV H45    H  N N 249 
LIV H55    H  N N 250 
LIV H651   H  N N 251 
LIV H652   H  N N 252 
LIV H7     H  N N 253 
LIV H6     H  N N 254 
LIV H5     H  N N 255 
LIV H65    H  N N 256 
U   OP3    O  N N 257 
U   P      P  N N 258 
U   OP1    O  N N 259 
U   OP2    O  N N 260 
U   "O5'"  O  N N 261 
U   "C5'"  C  N N 262 
U   "C4'"  C  N R 263 
U   "O4'"  O  N N 264 
U   "C3'"  C  N S 265 
U   "O3'"  O  N N 266 
U   "C2'"  C  N R 267 
U   "O2'"  O  N N 268 
U   "C1'"  C  N R 269 
U   N1     N  N N 270 
U   C2     C  N N 271 
U   O2     O  N N 272 
U   N3     N  N N 273 
U   C4     C  N N 274 
U   O4     O  N N 275 
U   C5     C  N N 276 
U   C6     C  N N 277 
U   HOP3   H  N N 278 
U   HOP2   H  N N 279 
U   "H5'"  H  N N 280 
U   "H5''" H  N N 281 
U   "H4'"  H  N N 282 
U   "H3'"  H  N N 283 
U   "HO3'" H  N N 284 
U   "H2'"  H  N N 285 
U   "HO2'" H  N N 286 
U   "H1'"  H  N N 287 
U   H3     H  N N 288 
U   H5     H  N N 289 
U   H6     H  N N 290 
# 
loop_
_chem_comp_bond.comp_id 
_chem_comp_bond.atom_id_1 
_chem_comp_bond.atom_id_2 
_chem_comp_bond.value_order 
_chem_comp_bond.pdbx_aromatic_flag 
_chem_comp_bond.pdbx_stereo_config 
_chem_comp_bond.pdbx_ordinal 
5BU P     OP1    doub N N 1   
5BU P     OP2    sing N N 2   
5BU P     OP3    sing N N 3   
5BU P     "O5'"  sing N N 4   
5BU OP2   HOP2   sing N N 5   
5BU OP3   HOP3   sing N N 6   
5BU "O5'" "C5'"  sing N N 7   
5BU "C5'" "C4'"  sing N N 8   
5BU "C5'" "H5'"  sing N N 9   
5BU "C5'" "H5''" sing N N 10  
5BU "C4'" "O4'"  sing N N 11  
5BU "C4'" "C3'"  sing N N 12  
5BU "C4'" "H4'"  sing N N 13  
5BU "O4'" "C1'"  sing N N 14  
5BU "C3'" "O3'"  sing N N 15  
5BU "C3'" "C2'"  sing N N 16  
5BU "C3'" "H3'"  sing N N 17  
5BU "O3'" "HO3'" sing N N 18  
5BU "C2'" "O2'"  sing N N 19  
5BU "C2'" "C1'"  sing N N 20  
5BU "C2'" "H2'"  sing N N 21  
5BU "O2'" "HO2'" sing N N 22  
5BU "C1'" N1     sing N N 23  
5BU "C1'" "H1'"  sing N N 24  
5BU N1    C2     sing N N 25  
5BU N1    C6     sing N N 26  
5BU C2    O2     doub N N 27  
5BU C2    N3     sing N N 28  
5BU N3    C4     sing N N 29  
5BU N3    H3     sing N N 30  
5BU C4    O4     doub N N 31  
5BU C4    C5     sing N N 32  
5BU C5    C6     doub N N 33  
5BU C5    BR     sing N N 34  
5BU C6    H6     sing N N 35  
A   OP3   P      sing N N 36  
A   OP3   HOP3   sing N N 37  
A   P     OP1    doub N N 38  
A   P     OP2    sing N N 39  
A   P     "O5'"  sing N N 40  
A   OP2   HOP2   sing N N 41  
A   "O5'" "C5'"  sing N N 42  
A   "C5'" "C4'"  sing N N 43  
A   "C5'" "H5'"  sing N N 44  
A   "C5'" "H5''" sing N N 45  
A   "C4'" "O4'"  sing N N 46  
A   "C4'" "C3'"  sing N N 47  
A   "C4'" "H4'"  sing N N 48  
A   "O4'" "C1'"  sing N N 49  
A   "C3'" "O3'"  sing N N 50  
A   "C3'" "C2'"  sing N N 51  
A   "C3'" "H3'"  sing N N 52  
A   "O3'" "HO3'" sing N N 53  
A   "C2'" "O2'"  sing N N 54  
A   "C2'" "C1'"  sing N N 55  
A   "C2'" "H2'"  sing N N 56  
A   "O2'" "HO2'" sing N N 57  
A   "C1'" N9     sing N N 58  
A   "C1'" "H1'"  sing N N 59  
A   N9    C8     sing Y N 60  
A   N9    C4     sing Y N 61  
A   C8    N7     doub Y N 62  
A   C8    H8     sing N N 63  
A   N7    C5     sing Y N 64  
A   C5    C6     sing Y N 65  
A   C5    C4     doub Y N 66  
A   C6    N6     sing N N 67  
A   C6    N1     doub Y N 68  
A   N6    H61    sing N N 69  
A   N6    H62    sing N N 70  
A   N1    C2     sing Y N 71  
A   C2    N3     doub Y N 72  
A   C2    H2     sing N N 73  
A   N3    C4     sing Y N 74  
C   OP3   P      sing N N 75  
C   OP3   HOP3   sing N N 76  
C   P     OP1    doub N N 77  
C   P     OP2    sing N N 78  
C   P     "O5'"  sing N N 79  
C   OP2   HOP2   sing N N 80  
C   "O5'" "C5'"  sing N N 81  
C   "C5'" "C4'"  sing N N 82  
C   "C5'" "H5'"  sing N N 83  
C   "C5'" "H5''" sing N N 84  
C   "C4'" "O4'"  sing N N 85  
C   "C4'" "C3'"  sing N N 86  
C   "C4'" "H4'"  sing N N 87  
C   "O4'" "C1'"  sing N N 88  
C   "C3'" "O3'"  sing N N 89  
C   "C3'" "C2'"  sing N N 90  
C   "C3'" "H3'"  sing N N 91  
C   "O3'" "HO3'" sing N N 92  
C   "C2'" "O2'"  sing N N 93  
C   "C2'" "C1'"  sing N N 94  
C   "C2'" "H2'"  sing N N 95  
C   "O2'" "HO2'" sing N N 96  
C   "C1'" N1     sing N N 97  
C   "C1'" "H1'"  sing N N 98  
C   N1    C2     sing N N 99  
C   N1    C6     sing N N 100 
C   C2    O2     doub N N 101 
C   C2    N3     sing N N 102 
C   N3    C4     doub N N 103 
C   C4    N4     sing N N 104 
C   C4    C5     sing N N 105 
C   N4    H41    sing N N 106 
C   N4    H42    sing N N 107 
C   C5    C6     doub N N 108 
C   C5    H5     sing N N 109 
C   C6    H6     sing N N 110 
G   OP3   P      sing N N 111 
G   OP3   HOP3   sing N N 112 
G   P     OP1    doub N N 113 
G   P     OP2    sing N N 114 
G   P     "O5'"  sing N N 115 
G   OP2   HOP2   sing N N 116 
G   "O5'" "C5'"  sing N N 117 
G   "C5'" "C4'"  sing N N 118 
G   "C5'" "H5'"  sing N N 119 
G   "C5'" "H5''" sing N N 120 
G   "C4'" "O4'"  sing N N 121 
G   "C4'" "C3'"  sing N N 122 
G   "C4'" "H4'"  sing N N 123 
G   "O4'" "C1'"  sing N N 124 
G   "C3'" "O3'"  sing N N 125 
G   "C3'" "C2'"  sing N N 126 
G   "C3'" "H3'"  sing N N 127 
G   "O3'" "HO3'" sing N N 128 
G   "C2'" "O2'"  sing N N 129 
G   "C2'" "C1'"  sing N N 130 
G   "C2'" "H2'"  sing N N 131 
G   "O2'" "HO2'" sing N N 132 
G   "C1'" N9     sing N N 133 
G   "C1'" "H1'"  sing N N 134 
G   N9    C8     sing Y N 135 
G   N9    C4     sing Y N 136 
G   C8    N7     doub Y N 137 
G   C8    H8     sing N N 138 
G   N7    C5     sing Y N 139 
G   C5    C6     sing N N 140 
G   C5    C4     doub Y N 141 
G   C6    O6     doub N N 142 
G   C6    N1     sing N N 143 
G   N1    C2     sing N N 144 
G   N1    H1     sing N N 145 
G   C2    N2     sing N N 146 
G   C2    N3     doub N N 147 
G   N2    H21    sing N N 148 
G   N2    H22    sing N N 149 
G   N3    C4     sing N N 150 
HOH O     H1     sing N N 151 
HOH O     H2     sing N N 152 
LIV C11   O11    sing N N 153 
LIV C11   C21    sing N N 154 
LIV C11   O51    sing N N 155 
LIV C11   H11    sing N N 156 
LIV O11   C42    sing N N 157 
LIV C21   N21    sing N N 158 
LIV C21   C31    sing N N 159 
LIV C21   H21    sing N N 160 
LIV N21   H211   sing N N 161 
LIV N21   H212   sing N N 162 
LIV C31   C41    sing N N 163 
LIV C31   H311   sing N N 164 
LIV C31   H312   sing N N 165 
LIV C41   O41    sing N N 166 
LIV C41   C51    sing N N 167 
LIV C41   H41    sing N N 168 
LIV O41   H3     sing N N 169 
LIV C51   O51    sing N N 170 
LIV C51   C61    sing N N 171 
LIV C51   H51    sing N N 172 
LIV C61   O61    sing N N 173 
LIV C61   H611   sing N N 174 
LIV C61   H612   sing N N 175 
LIV O61   H61    sing N N 176 
LIV C12   N12    sing N N 177 
LIV C12   C62    sing N N 178 
LIV C12   C22    sing N N 179 
LIV C12   H12    sing N N 180 
LIV N12   H121   sing N N 181 
LIV N12   H122   sing N N 182 
LIV C62   O62    sing N N 183 
LIV C62   C52    sing N N 184 
LIV C62   H62    sing N N 185 
LIV O62   H2     sing N N 186 
LIV C52   O52    sing N N 187 
LIV C52   C42    sing N N 188 
LIV C52   H52    sing N N 189 
LIV O52   C13    sing N N 190 
LIV C42   C32    sing N N 191 
LIV C42   H42    sing N N 192 
LIV C32   N32    sing N N 193 
LIV C32   C22    sing N N 194 
LIV C32   H32    sing N N 195 
LIV N32   H321   sing N N 196 
LIV N32   H322   sing N N 197 
LIV C22   H221   sing N N 198 
LIV C22   H222   sing N N 199 
LIV C13   C23    sing N N 200 
LIV C13   O43    sing N N 201 
LIV C13   H13    sing N N 202 
LIV C23   O23    sing N N 203 
LIV C23   C33    sing N N 204 
LIV C23   H23    sing N N 205 
LIV O23   H1     sing N N 206 
LIV C33   C43    sing N N 207 
LIV C33   O33    sing N N 208 
LIV C33   H33    sing N N 209 
LIV C43   O43    sing N N 210 
LIV C43   C53    sing N N 211 
LIV C43   H43    sing N N 212 
LIV C53   O53    sing N N 213 
LIV C53   H531   sing N N 214 
LIV C53   H532   sing N N 215 
LIV O53   H53    sing N N 216 
LIV C44   O44    sing N N 217 
LIV C44   C34    sing N N 218 
LIV C44   C54    sing N N 219 
LIV C44   H44    sing N N 220 
LIV O44   C15    sing N N 221 
LIV C34   O34    sing N N 222 
LIV C34   C24    sing N N 223 
LIV C34   H34    sing N N 224 
LIV O34   H4     sing N N 225 
LIV C24   N24    sing N N 226 
LIV C24   C14    sing N N 227 
LIV C24   H24    sing N N 228 
LIV N24   H241   sing N N 229 
LIV N24   H242   sing N N 230 
LIV C14   O33    sing N N 231 
LIV C14   O54    sing N N 232 
LIV C14   H14    sing N N 233 
LIV C54   O54    sing N N 234 
LIV C54   C64    sing N N 235 
LIV C54   H54    sing N N 236 
LIV C64   N64    sing N N 237 
LIV C64   H11A   sing N N 238 
LIV C64   H12A   sing N N 239 
LIV N64   H641   sing N N 240 
LIV N64   H642   sing N N 241 
LIV C15   C25    sing N N 242 
LIV C15   O55    sing N N 243 
LIV C15   H15    sing N N 244 
LIV C25   C35    sing N N 245 
LIV C25   O25    sing N N 246 
LIV C25   H25    sing N N 247 
LIV C35   C45    sing N N 248 
LIV C35   O35    sing N N 249 
LIV C35   H35    sing N N 250 
LIV C45   C55    sing N N 251 
LIV C45   O45    sing N N 252 
LIV C45   H45    sing N N 253 
LIV C55   C65    sing N N 254 
LIV C55   O55    sing N N 255 
LIV C55   H55    sing N N 256 
LIV C65   O65    sing N N 257 
LIV C65   H651   sing N N 258 
LIV C65   H652   sing N N 259 
LIV O25   H7     sing N N 260 
LIV O35   H6     sing N N 261 
LIV O45   H5     sing N N 262 
LIV O65   H65    sing N N 263 
U   OP3   P      sing N N 264 
U   OP3   HOP3   sing N N 265 
U   P     OP1    doub N N 266 
U   P     OP2    sing N N 267 
U   P     "O5'"  sing N N 268 
U   OP2   HOP2   sing N N 269 
U   "O5'" "C5'"  sing N N 270 
U   "C5'" "C4'"  sing N N 271 
U   "C5'" "H5'"  sing N N 272 
U   "C5'" "H5''" sing N N 273 
U   "C4'" "O4'"  sing N N 274 
U   "C4'" "C3'"  sing N N 275 
U   "C4'" "H4'"  sing N N 276 
U   "O4'" "C1'"  sing N N 277 
U   "C3'" "O3'"  sing N N 278 
U   "C3'" "C2'"  sing N N 279 
U   "C3'" "H3'"  sing N N 280 
U   "O3'" "HO3'" sing N N 281 
U   "C2'" "O2'"  sing N N 282 
U   "C2'" "C1'"  sing N N 283 
U   "C2'" "H2'"  sing N N 284 
U   "O2'" "HO2'" sing N N 285 
U   "C1'" N1     sing N N 286 
U   "C1'" "H1'"  sing N N 287 
U   N1    C2     sing N N 288 
U   N1    C6     sing N N 289 
U   C2    O2     doub N N 290 
U   C2    N3     sing N N 291 
U   N3    C4     sing N N 292 
U   N3    H3     sing N N 293 
U   C4    O4     doub N N 294 
U   C4    C5     sing N N 295 
U   C5    C6     doub N N 296 
U   C5    H5     sing N N 297 
U   C6    H6     sing N N 298 
# 
_ndb_struct_conf_na.entry_id   2FD0 
_ndb_struct_conf_na.feature    'a-form double helix' 
# 
loop_
_ndb_struct_na_base_pair.model_number 
_ndb_struct_na_base_pair.i_label_asym_id 
_ndb_struct_na_base_pair.i_label_comp_id 
_ndb_struct_na_base_pair.i_label_seq_id 
_ndb_struct_na_base_pair.i_symmetry 
_ndb_struct_na_base_pair.j_label_asym_id 
_ndb_struct_na_base_pair.j_label_comp_id 
_ndb_struct_na_base_pair.j_label_seq_id 
_ndb_struct_na_base_pair.j_symmetry 
_ndb_struct_na_base_pair.shear 
_ndb_struct_na_base_pair.stretch 
_ndb_struct_na_base_pair.stagger 
_ndb_struct_na_base_pair.buckle 
_ndb_struct_na_base_pair.propeller 
_ndb_struct_na_base_pair.opening 
_ndb_struct_na_base_pair.pair_number 
_ndb_struct_na_base_pair.pair_name 
_ndb_struct_na_base_pair.i_auth_asym_id 
_ndb_struct_na_base_pair.i_auth_seq_id 
_ndb_struct_na_base_pair.i_PDB_ins_code 
_ndb_struct_na_base_pair.j_auth_asym_id 
_ndb_struct_na_base_pair.j_auth_seq_id 
_ndb_struct_na_base_pair.j_PDB_ins_code 
_ndb_struct_na_base_pair.hbond_type_28 
_ndb_struct_na_base_pair.hbond_type_12 
1 A C   1  1_555 A G 23 1_555 0.280  -0.026 0.090  -0.716 -15.169 0.221  1  A_C1:G23_A   A 1  ? A 23 ? 19 1 
1 A U   2  1_555 A A 22 1_555 0.088  -0.214 0.539  -9.521 -13.459 0.870  2  A_U2:A22_A   A 2  ? A 22 ? 20 1 
1 A 5BU 3  1_555 A A 21 1_555 0.077  -0.149 0.163  -1.149 -13.080 4.751  3  A_5BU3:A21_A A 3  ? A 21 ? 20 1 
1 A G   4  1_555 A C 20 1_555 -0.146 -0.190 -0.172 -4.163 -13.156 2.597  4  A_G4:C20_A   A 4  ? A 20 ? 19 1 
1 A C   5  1_555 A G 19 1_555 0.308  -0.149 0.069  -1.367 -15.571 3.191  5  A_C5:G19_A   A 5  ? A 19 ? 19 1 
1 A U   6  1_555 A A 18 1_555 0.105  -0.144 0.340  2.233  -9.770  2.294  6  A_U6:A18_A   A 6  ? A 18 ? 20 1 
1 A G   7  1_555 A C 17 1_555 -0.369 -0.110 -0.083 -2.742 -17.771 2.962  7  A_G7:C17_A   A 7  ? A 17 ? 19 1 
1 A G   10 1_555 B C 15 1_555 -0.227 -0.119 0.189  -4.026 -8.650  0.563  8  A_G10:C15_B  A 10 ? B 15 ? 19 1 
1 A U   11 1_555 B A 14 1_555 -0.203 -0.025 -0.003 1.730  -10.178 -1.218 9  A_U11:A14_B  A 11 ? B 14 ? 20 1 
1 A G   12 1_555 B C 13 1_555 -0.096 -0.019 -0.016 -5.610 -10.970 3.551  10 A_G12:C13_B  A 12 ? B 13 ? 19 1 
1 A C   13 1_555 B G 12 1_555 0.150  -0.061 0.061  3.566  -8.098  0.828  11 A_C13:G12_B  A 13 ? B 12 ? 19 1 
1 A A   14 1_555 B U 11 1_555 0.138  -0.109 0.306  7.139  -6.033  1.497  12 A_A14:U11_B  A 14 ? B 11 ? 20 1 
1 A C   15 1_555 B G 10 1_555 0.334  -0.032 -0.175 4.595  -4.999  3.517  13 A_C15:G10_B  A 15 ? B 10 ? 19 1 
1 B C   1  1_555 B G 23 1_555 0.152  -0.090 -0.100 9.142  -17.282 -0.712 14 B_C1:G23_B   B 1  ? B 23 ? 19 1 
1 B U   2  1_555 B A 22 1_555 0.024  -0.120 0.286  3.987  -13.914 3.194  15 B_U2:A22_B   B 2  ? B 22 ? 20 1 
1 B 5BU 3  1_555 B A 21 1_555 0.130  -0.165 0.063  -2.943 -9.757  -7.218 16 B_5BU3:A21_B B 3  ? B 21 ? 20 1 
1 B G   4  1_555 B C 20 1_555 0.211  -0.224 -0.203 -3.038 -18.187 0.571  17 B_G4:C20_B   B 4  ? B 20 ? 19 1 
1 B C   5  1_555 B G 19 1_555 0.102  -0.263 0.092  -1.896 -10.995 1.783  18 B_C5:G19_B   B 5  ? B 19 ? 19 1 
1 B U   6  1_555 B A 18 1_555 -0.154 -0.083 0.319  -3.090 -11.065 2.991  19 B_U6:A18_B   B 6  ? B 18 ? 20 1 
1 B G   7  1_555 B C 17 1_555 -0.216 -0.136 -0.152 -7.217 -19.224 0.412  20 B_G7:C17_B   B 7  ? B 17 ? 19 1 
# 
loop_
_ndb_struct_na_base_pair_step.model_number 
_ndb_struct_na_base_pair_step.i_label_asym_id_1 
_ndb_struct_na_base_pair_step.i_label_comp_id_1 
_ndb_struct_na_base_pair_step.i_label_seq_id_1 
_ndb_struct_na_base_pair_step.i_symmetry_1 
_ndb_struct_na_base_pair_step.j_label_asym_id_1 
_ndb_struct_na_base_pair_step.j_label_comp_id_1 
_ndb_struct_na_base_pair_step.j_label_seq_id_1 
_ndb_struct_na_base_pair_step.j_symmetry_1 
_ndb_struct_na_base_pair_step.i_label_asym_id_2 
_ndb_struct_na_base_pair_step.i_label_comp_id_2 
_ndb_struct_na_base_pair_step.i_label_seq_id_2 
_ndb_struct_na_base_pair_step.i_symmetry_2 
_ndb_struct_na_base_pair_step.j_label_asym_id_2 
_ndb_struct_na_base_pair_step.j_label_comp_id_2 
_ndb_struct_na_base_pair_step.j_label_seq_id_2 
_ndb_struct_na_base_pair_step.j_symmetry_2 
_ndb_struct_na_base_pair_step.shift 
_ndb_struct_na_base_pair_step.slide 
_ndb_struct_na_base_pair_step.rise 
_ndb_struct_na_base_pair_step.tilt 
_ndb_struct_na_base_pair_step.roll 
_ndb_struct_na_base_pair_step.twist 
_ndb_struct_na_base_pair_step.x_displacement 
_ndb_struct_na_base_pair_step.y_displacement 
_ndb_struct_na_base_pair_step.helical_rise 
_ndb_struct_na_base_pair_step.inclination 
_ndb_struct_na_base_pair_step.tip 
_ndb_struct_na_base_pair_step.helical_twist 
_ndb_struct_na_base_pair_step.step_number 
_ndb_struct_na_base_pair_step.step_name 
_ndb_struct_na_base_pair_step.i_auth_asym_id_1 
_ndb_struct_na_base_pair_step.i_auth_seq_id_1 
_ndb_struct_na_base_pair_step.i_PDB_ins_code_1 
_ndb_struct_na_base_pair_step.j_auth_asym_id_1 
_ndb_struct_na_base_pair_step.j_auth_seq_id_1 
_ndb_struct_na_base_pair_step.j_PDB_ins_code_1 
_ndb_struct_na_base_pair_step.i_auth_asym_id_2 
_ndb_struct_na_base_pair_step.i_auth_seq_id_2 
_ndb_struct_na_base_pair_step.i_PDB_ins_code_2 
_ndb_struct_na_base_pair_step.j_auth_asym_id_2 
_ndb_struct_na_base_pair_step.j_auth_seq_id_2 
_ndb_struct_na_base_pair_step.j_PDB_ins_code_2 
1 A C   1  1_555 A G 23 1_555 A U   2  1_555 A A 22 1_555 -0.315 -1.318 3.401 -6.134 14.818 32.662 -4.127 -0.327 2.599 24.587 
10.179 36.291 1  AA_C1U2:A22G23_AA   A 1  ? A 23 ? A 2  ? A 22 ? 
1 A U   2  1_555 A A 22 1_555 A 5BU 3  1_555 A A 21 1_555 0.271  -0.995 2.931 1.957  5.499  35.332 -2.312 -0.195 2.761 8.984  
-3.197 35.796 2  AA_U25BU3:A21A22_AA A 2  ? A 22 ? A 3  ? A 21 ? 
1 A 5BU 3  1_555 A A 21 1_555 A G   4  1_555 A C 20 1_555 0.195  -1.340 3.225 3.299  11.830 30.527 -4.229 0.174  2.550 21.412 
-5.970 32.851 3  AA_5BU3G4:C20A21_AA A 3  ? A 21 ? A 4  ? A 20 ? 
1 A G   4  1_555 A C 20 1_555 A C   5  1_555 A G 19 1_555 -0.311 -1.222 3.139 -2.413 7.544  34.462 -3.044 0.183  2.832 12.529 
4.007  35.334 4  AA_G4C5:G19C20_AA   A 4  ? A 20 ? A 5  ? A 19 ? 
1 A C   5  1_555 A G 19 1_555 A U   6  1_555 A A 18 1_555 0.190  -1.091 3.081 -0.993 6.018  31.491 -2.962 -0.507 2.822 10.960 
1.808  32.061 5  AA_C5U6:A18G19_AA   A 5  ? A 19 ? A 6  ? A 18 ? 
1 A U   6  1_555 A A 18 1_555 A G   7  1_555 A C 17 1_555 0.132  -1.467 3.295 3.055  9.684  32.312 -4.001 0.241  2.755 16.888 
-5.328 33.829 6  AA_U6G7:C17A18_AA   A 6  ? A 18 ? A 7  ? A 17 ? 
1 A G   10 1_555 B C 15 1_555 A U   11 1_555 B A 14 1_555 -0.416 -2.578 3.064 1.373  -0.035 30.929 -4.824 1.026  3.046 -0.066 
-2.573 30.958 7  AA_G10U11:A14C15_BB A 10 ? B 15 ? A 11 ? B 14 ? 
1 A U   11 1_555 B A 14 1_555 A G   12 1_555 B C 13 1_555 0.094  -1.599 3.267 0.367  10.287 30.210 -4.638 -0.109 2.597 19.056 
-0.680 31.877 8  AA_U11G12:C13A14_BB A 11 ? B 14 ? A 12 ? B 13 ? 
1 A G   12 1_555 B C 13 1_555 A C   13 1_555 B G 12 1_555 -0.306 -1.155 3.056 0.290  8.609  33.594 -3.119 0.553  2.684 14.599 
-0.492 34.650 9  AA_G12C13:G12C13_BB A 12 ? B 13 ? A 13 ? B 12 ? 
1 A C   13 1_555 B G 12 1_555 A A   14 1_555 B U 11 1_555 0.905  -1.902 2.971 -1.335 10.305 27.439 -5.540 -2.019 2.089 20.803 
2.695  29.305 10 AA_C13A14:U11G12_BB A 13 ? B 12 ? A 14 ? B 11 ? 
1 A A   14 1_555 B U 11 1_555 A C   15 1_555 B G 10 1_555 0.302  -2.321 3.351 2.865  -0.899 31.419 -4.094 -0.003 3.428 -1.656 
-5.275 31.559 11 AA_A14C15:G10U11_BB A 14 ? B 11 ? A 15 ? B 10 ? 
1 B C   1  1_555 B G 23 1_555 B U   2  1_555 B A 22 1_555 0.331  -1.460 3.291 -3.625 9.790  37.185 -3.357 -0.926 2.789 14.994 
5.552  38.572 12 BB_C1U2:A22G23_BB   B 1  ? B 23 ? B 2  ? B 22 ? 
1 B U   2  1_555 B A 22 1_555 B 5BU 3  1_555 B A 21 1_555 -0.912 -2.206 3.382 -0.966 3.237  34.555 -4.197 1.379  3.192 5.434  
1.621  34.714 13 BB_U25BU3:A21A22_BB B 2  ? B 22 ? B 3  ? B 21 ? 
1 B 5BU 3  1_555 B A 21 1_555 B G   4  1_555 B C 20 1_555 0.063  -1.644 3.118 2.557  12.109 30.492 -4.697 0.267  2.312 21.924 
-4.629 32.853 14 BB_5BU3G4:C20A21_BB B 3  ? B 21 ? B 4  ? B 20 ? 
1 B G   4  1_555 B C 20 1_555 B C   5  1_555 B G 19 1_555 -0.533 -1.067 3.230 -3.131 6.882  31.375 -3.097 0.425  2.973 12.499 
5.687  32.251 15 BB_G4C5:G19C20_BB   B 4  ? B 20 ? B 5  ? B 19 ? 
1 B C   5  1_555 B G 19 1_555 B U   6  1_555 B A 18 1_555 0.565  -1.223 3.243 -0.355 6.782  29.901 -3.585 -1.135 2.895 12.934 
0.677  30.646 16 BB_C5U6:A18G19_BB   B 5  ? B 19 ? B 6  ? B 18 ? 
1 B U   6  1_555 B A 18 1_555 B G   7  1_555 B C 17 1_555 0.195  -1.290 3.248 4.538  10.440 35.146 -3.372 0.272  2.769 16.754 
-7.283 36.888 17 BB_U6G7:C17A18_BB   B 6  ? B 18 ? B 7  ? B 17 ? 
# 
loop_
_pdbx_entity_nonpoly.entity_id 
_pdbx_entity_nonpoly.name 
_pdbx_entity_nonpoly.comp_id 
2 
;(2R,3S,4S,5S,6R)-2-((2S,3S,4R,5R,6R)-5-AMINO-2-(AMINOMETHYL)-6-((2R,3S,4R,5S)-5-((1R,2R,3S,5R,6S)-3,5-DIAMINO-2-((2S,3R ,5S,6R)-3-AMINO-5-HYDROXY-6-(HYDROXYMETHYL)-TETRAHYDRO-2H-PYRAN-2-YLOXY)-6-HYDROXYCYCLOHEXYLOXY)-4-HYDROXY-2-(HYDROXYMET HYL)-TETRAHYDROFURAN-3-YLOXY)-4-HYDROXY-TETRAHYDRO-2H-PYRAN-3-YLOXY)-6-(HYDROXYMETHYL)-TETRAHYDRO-2H-PYRAN-3,4,5-TRIOL
;
LIV 
3 'POTASSIUM ION' K   
4 'CHLORIDE ION' CL  
5 water HOH 
# 
_pdbx_initial_refinement_model.id               1 
_pdbx_initial_refinement_model.entity_id_list   ? 
_pdbx_initial_refinement_model.type             'experimental model' 
_pdbx_initial_refinement_model.source_name      PDB 
_pdbx_initial_refinement_model.accession_code   2FCY 
_pdbx_initial_refinement_model.details          ? 
# 
